data_1KHR
#
_entry.id   1KHR
#
_cell.length_a   186.100
_cell.length_b   185.900
_cell.length_c   186.900
_cell.angle_alpha   90.00
_cell.angle_beta   90.00
_cell.angle_gamma   90.00
#
_symmetry.space_group_name_H-M   'F 2 2 2'
#
loop_
_entity.id
_entity.type
_entity.pdbx_description
1 polymer 'STREPTOGRAMIN A ACETYLTRANSFERASE'
2 non-polymer 'VIRGINIAMYCIN M1'
3 non-polymer 'COENZYME A'
4 water water
#
_entity_poly.entity_id   1
_entity_poly.type   'polypeptide(L)'
_entity_poly.pdbx_seq_one_letter_code
;MGPNPMKMYPIEGNKSVQFIKPILEKLENVEVGEYSYYDSKNGETFDKQILYHYPILNDKLKIGKFCSIGPGVTIIMNGA
NHRMDGSTYPFNLFGNGWEKHMPKLDQLPIKGDTIIGNDVWIGKDVVIMPGVKIGDGAIVAANSVVVKDIAPYMLAGGNP
ANEIKQRFDQDTINQLLDIKWWNWPIDIINENIDKILDNSIIREVIWKK
;
_entity_poly.pdbx_strand_id   A,B,C,D,E,F
#
loop_
_chem_comp.id
_chem_comp.type
_chem_comp.name
_chem_comp.formula
COA non-polymer 'COENZYME A' 'C21 H36 N7 O16 P3 S'
VIR non-polymer 'VIRGINIAMYCIN M1' 'C28 H35 N3 O7'
#
# COMPACT_ATOMS: atom_id res chain seq x y z
N MET A 1 -45.93 -0.40 11.18
CA MET A 1 -47.23 -0.51 10.47
C MET A 1 -46.97 -0.95 9.04
N GLY A 2 -47.14 -2.25 8.80
CA GLY A 2 -46.92 -2.81 7.49
C GLY A 2 -46.08 -4.05 7.71
N PRO A 3 -45.95 -4.90 6.70
CA PRO A 3 -45.14 -6.13 6.85
C PRO A 3 -43.65 -5.85 7.05
N ASN A 4 -42.96 -6.86 7.59
CA ASN A 4 -41.52 -6.79 7.81
C ASN A 4 -40.84 -7.23 6.51
N PRO A 5 -40.28 -6.28 5.78
CA PRO A 5 -39.61 -6.55 4.50
C PRO A 5 -38.66 -7.74 4.53
N MET A 6 -38.42 -8.29 5.71
CA MET A 6 -37.51 -9.42 5.87
C MET A 6 -38.23 -10.76 5.81
N LYS A 7 -39.56 -10.71 5.80
CA LYS A 7 -40.40 -11.90 5.74
C LYS A 7 -40.44 -12.38 4.30
N MET A 8 -40.31 -13.69 4.07
CA MET A 8 -40.36 -14.23 2.71
C MET A 8 -41.79 -14.17 2.19
N TYR A 9 -42.73 -14.66 2.98
CA TYR A 9 -44.13 -14.64 2.62
C TYR A 9 -44.84 -13.65 3.54
N PRO A 10 -44.78 -12.35 3.15
CA PRO A 10 -45.37 -11.21 3.87
C PRO A 10 -46.84 -11.35 4.22
N ILE A 11 -47.66 -11.69 3.22
CA ILE A 11 -49.09 -11.89 3.42
C ILE A 11 -49.23 -13.26 4.06
N GLU A 12 -50.35 -13.55 4.71
CA GLU A 12 -50.44 -14.84 5.37
C GLU A 12 -51.41 -15.83 4.75
N GLY A 13 -51.04 -17.10 4.83
CA GLY A 13 -51.86 -18.13 4.23
C GLY A 13 -51.83 -17.78 2.76
N ASN A 14 -50.62 -17.45 2.28
CA ASN A 14 -50.39 -17.08 0.90
C ASN A 14 -48.93 -17.35 0.55
N LYS A 15 -48.68 -18.44 -0.17
CA LYS A 15 -47.33 -18.80 -0.55
C LYS A 15 -47.08 -18.39 -2.01
N SER A 16 -47.88 -17.45 -2.50
CA SER A 16 -47.73 -16.99 -3.88
C SER A 16 -47.01 -15.64 -3.95
N VAL A 17 -47.35 -14.72 -3.06
CA VAL A 17 -46.72 -13.39 -3.01
C VAL A 17 -45.49 -13.50 -2.11
N GLN A 18 -44.33 -13.08 -2.62
CA GLN A 18 -43.10 -13.17 -1.85
C GLN A 18 -42.24 -11.91 -1.92
N PHE A 19 -41.53 -11.60 -0.84
CA PHE A 19 -40.63 -10.46 -0.80
C PHE A 19 -39.31 -11.01 -1.37
N ILE A 20 -38.83 -10.39 -2.43
CA ILE A 20 -37.63 -10.83 -3.12
C ILE A 20 -36.32 -10.75 -2.35
N LYS A 21 -36.07 -9.64 -1.67
CA LYS A 21 -34.82 -9.45 -0.94
C LYS A 21 -34.36 -10.66 -0.13
N PRO A 22 -35.19 -11.14 0.81
CA PRO A 22 -34.78 -12.30 1.61
C PRO A 22 -34.35 -13.49 0.77
N ILE A 23 -35.09 -13.75 -0.30
CA ILE A 23 -34.79 -14.87 -1.18
C ILE A 23 -33.54 -14.72 -2.04
N LEU A 24 -33.43 -13.60 -2.74
CA LEU A 24 -32.29 -13.35 -3.60
C LEU A 24 -31.03 -12.86 -2.88
N GLU A 25 -31.20 -12.38 -1.64
CA GLU A 25 -30.04 -11.87 -0.88
C GLU A 25 -28.94 -12.94 -0.84
N LYS A 26 -29.36 -14.20 -0.73
CA LYS A 26 -28.45 -15.34 -0.69
C LYS A 26 -27.92 -15.72 -2.07
N LEU A 27 -27.70 -14.70 -2.92
CA LEU A 27 -27.19 -14.93 -4.27
C LEU A 27 -26.03 -14.03 -4.58
N GLU A 28 -25.05 -14.59 -5.28
CA GLU A 28 -23.89 -13.85 -5.67
C GLU A 28 -24.27 -12.93 -6.83
N ASN A 29 -23.78 -11.70 -6.77
CA ASN A 29 -24.03 -10.70 -7.80
C ASN A 29 -25.48 -10.30 -8.03
N VAL A 30 -26.21 -10.10 -6.94
CA VAL A 30 -27.60 -9.69 -7.02
C VAL A 30 -27.90 -8.70 -5.90
N GLU A 31 -28.54 -7.59 -6.23
CA GLU A 31 -28.86 -6.58 -5.21
C GLU A 31 -30.35 -6.27 -5.31
N VAL A 32 -31.09 -6.59 -4.25
CA VAL A 32 -32.53 -6.37 -4.24
C VAL A 32 -33.00 -5.38 -3.20
N GLY A 33 -33.92 -4.49 -3.60
CA GLY A 33 -34.46 -3.51 -2.69
C GLY A 33 -35.37 -4.14 -1.65
N GLU A 34 -35.88 -3.33 -0.73
CA GLU A 34 -36.71 -3.84 0.36
C GLU A 34 -38.16 -4.28 0.19
N TYR A 35 -39.07 -3.44 -0.32
CA TYR A 35 -40.45 -3.94 -0.40
C TYR A 35 -40.89 -4.61 -1.69
N SER A 36 -40.00 -4.60 -2.68
CA SER A 36 -40.29 -5.20 -3.98
C SER A 36 -40.68 -6.67 -3.82
N TYR A 37 -41.77 -7.05 -4.49
CA TYR A 37 -42.26 -8.42 -4.41
C TYR A 37 -42.42 -9.09 -5.76
N TYR A 38 -42.76 -10.37 -5.70
CA TYR A 38 -42.96 -11.17 -6.89
C TYR A 38 -44.18 -12.04 -6.67
N ASP A 39 -45.13 -11.95 -7.59
CA ASP A 39 -46.37 -12.72 -7.51
C ASP A 39 -46.19 -14.02 -8.27
N SER A 40 -45.85 -15.08 -7.55
CA SER A 40 -45.63 -16.40 -8.14
C SER A 40 -46.69 -16.84 -9.14
N LYS A 41 -46.26 -17.53 -10.18
CA LYS A 41 -47.17 -17.99 -11.22
C LYS A 41 -47.59 -19.44 -11.02
N ASN A 42 -46.86 -20.16 -10.17
CA ASN A 42 -47.17 -21.57 -9.92
C ASN A 42 -46.42 -22.11 -8.71
N GLY A 43 -46.13 -21.25 -7.75
CA GLY A 43 -45.41 -21.68 -6.56
C GLY A 43 -43.92 -21.40 -6.58
N GLU A 44 -43.32 -21.44 -7.77
CA GLU A 44 -41.90 -21.19 -7.94
C GLU A 44 -41.40 -19.87 -7.32
N THR A 45 -40.28 -19.94 -6.60
CA THR A 45 -39.69 -18.75 -6.00
C THR A 45 -38.92 -17.97 -7.11
N PHE A 46 -38.79 -16.66 -6.93
CA PHE A 46 -38.16 -15.80 -7.94
C PHE A 46 -36.75 -16.11 -8.42
N ASP A 47 -35.93 -16.75 -7.60
CA ASP A 47 -34.57 -17.08 -8.00
C ASP A 47 -34.59 -17.99 -9.24
N LYS A 48 -35.66 -18.77 -9.39
CA LYS A 48 -35.79 -19.65 -10.53
C LYS A 48 -36.06 -18.86 -11.81
N GLN A 49 -36.41 -17.60 -11.65
CA GLN A 49 -36.72 -16.77 -12.81
C GLN A 49 -35.51 -16.08 -13.40
N ILE A 50 -34.38 -16.09 -12.70
CA ILE A 50 -33.19 -15.44 -13.23
C ILE A 50 -32.40 -16.51 -13.93
N LEU A 51 -32.23 -16.37 -15.24
CA LEU A 51 -31.54 -17.38 -16.04
C LEU A 51 -30.18 -16.98 -16.57
N TYR A 52 -29.30 -17.97 -16.70
CA TYR A 52 -27.93 -17.81 -17.18
C TYR A 52 -27.11 -16.79 -16.38
N HIS A 53 -27.11 -16.93 -15.06
CA HIS A 53 -26.34 -16.02 -14.22
C HIS A 53 -25.14 -16.77 -13.64
N TYR A 54 -24.00 -16.62 -14.31
CA TYR A 54 -22.77 -17.27 -13.90
C TYR A 54 -21.83 -16.22 -13.32
N PRO A 55 -21.43 -16.38 -12.04
CA PRO A 55 -20.54 -15.43 -11.39
C PRO A 55 -19.28 -15.14 -12.21
N ILE A 56 -18.72 -16.16 -12.89
CA ILE A 56 -17.52 -15.94 -13.67
C ILE A 56 -17.58 -14.75 -14.63
N LEU A 57 -18.74 -14.53 -15.26
CA LEU A 57 -18.84 -13.41 -16.20
C LEU A 57 -18.95 -12.08 -15.48
N ASN A 58 -19.18 -12.17 -14.18
CA ASN A 58 -19.28 -11.01 -13.30
C ASN A 58 -20.31 -9.92 -13.57
N ASP A 59 -21.38 -10.24 -14.29
CA ASP A 59 -22.41 -9.24 -14.53
C ASP A 59 -23.31 -9.23 -13.30
N LYS A 60 -23.81 -8.06 -12.92
CA LYS A 60 -24.65 -7.93 -11.74
C LYS A 60 -26.10 -7.60 -12.02
N LEU A 61 -26.98 -8.00 -11.11
CA LEU A 61 -28.40 -7.73 -11.24
C LEU A 61 -28.90 -6.90 -10.05
N LYS A 62 -29.34 -5.67 -10.32
CA LYS A 62 -29.83 -4.79 -9.25
C LYS A 62 -31.32 -4.49 -9.42
N ILE A 63 -32.05 -4.43 -8.30
CA ILE A 63 -33.48 -4.16 -8.31
C ILE A 63 -33.91 -3.26 -7.15
N GLY A 64 -34.42 -2.06 -7.48
CA GLY A 64 -34.85 -1.13 -6.45
C GLY A 64 -35.88 -1.61 -5.43
N LYS A 65 -36.48 -0.64 -4.75
CA LYS A 65 -37.50 -0.91 -3.74
C LYS A 65 -38.91 -0.71 -4.28
N PHE A 66 -39.89 -1.25 -3.55
CA PHE A 66 -41.29 -1.12 -3.93
C PHE A 66 -41.55 -1.43 -5.39
N CYS A 67 -41.12 -2.60 -5.82
CA CYS A 67 -41.34 -2.99 -7.18
C CYS A 67 -42.43 -4.04 -7.18
N SER A 68 -43.34 -3.95 -8.15
CA SER A 68 -44.41 -4.91 -8.30
C SER A 68 -43.99 -5.81 -9.43
N ILE A 69 -43.61 -7.06 -9.13
CA ILE A 69 -43.19 -7.96 -10.20
C ILE A 69 -44.24 -9.02 -10.49
N GLY A 70 -44.84 -8.94 -11.67
CA GLY A 70 -45.86 -9.88 -12.08
C GLY A 70 -45.39 -11.32 -12.26
N PRO A 71 -46.32 -12.28 -12.24
CA PRO A 71 -45.95 -13.69 -12.40
C PRO A 71 -45.34 -14.02 -13.75
N GLY A 72 -44.40 -14.96 -13.74
CA GLY A 72 -43.76 -15.39 -14.97
C GLY A 72 -42.69 -14.47 -15.55
N VAL A 73 -42.54 -13.28 -15.01
CA VAL A 73 -41.52 -12.37 -15.52
C VAL A 73 -40.16 -13.09 -15.50
N THR A 74 -39.40 -12.97 -16.59
CA THR A 74 -38.12 -13.64 -16.69
C THR A 74 -36.96 -12.68 -16.92
N ILE A 75 -35.84 -12.95 -16.26
CA ILE A 75 -34.65 -12.13 -16.41
C ILE A 75 -33.54 -12.96 -17.08
N ILE A 76 -33.03 -12.46 -18.20
CA ILE A 76 -31.98 -13.14 -18.93
C ILE A 76 -30.65 -12.42 -18.78
N MET A 77 -29.67 -13.10 -18.19
CA MET A 77 -28.34 -12.53 -17.98
C MET A 77 -27.37 -12.87 -19.12
N ASN A 78 -26.13 -12.39 -19.03
CA ASN A 78 -25.14 -12.62 -20.09
C ASN A 78 -24.65 -14.05 -20.28
N GLY A 79 -25.06 -14.99 -19.44
CA GLY A 79 -24.60 -16.35 -19.61
C GLY A 79 -25.03 -17.09 -20.85
N ALA A 80 -25.94 -16.53 -21.63
CA ALA A 80 -26.42 -17.21 -22.82
C ALA A 80 -25.83 -16.66 -24.10
N ASN A 81 -25.02 -15.64 -23.96
CA ASN A 81 -24.39 -15.00 -25.11
C ASN A 81 -23.36 -15.86 -25.81
N HIS A 82 -23.58 -16.05 -27.10
CA HIS A 82 -22.66 -16.82 -27.92
C HIS A 82 -21.63 -15.85 -28.47
N ARG A 83 -20.44 -16.35 -28.74
CA ARG A 83 -19.40 -15.52 -29.30
C ARG A 83 -19.88 -15.21 -30.71
N MET A 84 -19.58 -14.02 -31.23
CA MET A 84 -20.04 -13.73 -32.57
C MET A 84 -19.13 -12.89 -33.46
N ASP A 85 -17.82 -13.00 -33.27
CA ASP A 85 -16.91 -12.25 -34.13
C ASP A 85 -16.91 -13.06 -35.42
N GLY A 86 -17.32 -14.32 -35.29
CA GLY A 86 -17.37 -15.23 -36.42
C GLY A 86 -18.53 -16.20 -36.27
N SER A 87 -18.25 -17.50 -36.32
CA SER A 87 -19.29 -18.50 -36.19
C SER A 87 -19.81 -18.54 -34.76
N THR A 88 -21.10 -18.82 -34.60
CA THR A 88 -21.74 -18.87 -33.29
C THR A 88 -21.94 -20.29 -32.73
N TYR A 89 -21.27 -21.26 -33.32
CA TYR A 89 -21.40 -22.64 -32.86
C TYR A 89 -20.50 -22.94 -31.67
N PRO A 90 -21.08 -23.27 -30.51
CA PRO A 90 -20.25 -23.56 -29.33
C PRO A 90 -19.42 -24.83 -29.44
N PHE A 91 -18.48 -24.86 -30.38
CA PHE A 91 -17.61 -26.04 -30.56
C PHE A 91 -17.09 -26.54 -29.20
N ASN A 92 -16.49 -25.63 -28.44
CA ASN A 92 -15.91 -25.92 -27.13
C ASN A 92 -16.80 -26.73 -26.23
N LEU A 93 -18.09 -26.45 -26.32
CA LEU A 93 -19.13 -27.10 -25.53
C LEU A 93 -19.16 -28.64 -25.63
N PHE A 94 -18.79 -29.17 -26.80
CA PHE A 94 -18.81 -30.62 -27.06
C PHE A 94 -17.57 -31.44 -26.71
N GLY A 95 -16.47 -30.76 -26.40
CA GLY A 95 -15.25 -31.46 -26.03
C GLY A 95 -14.65 -32.38 -27.08
N ASN A 96 -14.13 -33.51 -26.61
CA ASN A 96 -13.50 -34.51 -27.48
C ASN A 96 -12.50 -33.86 -28.41
N GLY A 97 -11.72 -32.93 -27.86
CA GLY A 97 -10.73 -32.24 -28.66
C GLY A 97 -11.08 -30.79 -28.95
N TRP A 98 -12.37 -30.50 -29.11
CA TRP A 98 -12.82 -29.15 -29.42
C TRP A 98 -12.67 -28.14 -28.27
N GLU A 99 -12.55 -28.65 -27.05
CA GLU A 99 -12.36 -27.81 -25.87
C GLU A 99 -11.26 -26.77 -26.06
N LYS A 100 -10.24 -27.07 -26.87
CA LYS A 100 -9.14 -26.13 -27.11
C LYS A 100 -9.64 -24.75 -27.44
N HIS A 101 -10.84 -24.71 -28.02
CA HIS A 101 -11.41 -23.46 -28.46
C HIS A 101 -12.32 -22.72 -27.48
N MET A 102 -12.24 -23.09 -26.20
CA MET A 102 -13.01 -22.41 -25.17
C MET A 102 -12.74 -20.92 -25.39
N PRO A 103 -13.79 -20.08 -25.39
CA PRO A 103 -13.61 -18.64 -25.60
C PRO A 103 -13.02 -17.92 -24.40
N LYS A 104 -12.20 -16.92 -24.67
CA LYS A 104 -11.57 -16.15 -23.62
C LYS A 104 -12.55 -15.11 -23.07
N LEU A 105 -12.61 -15.00 -21.75
CA LEU A 105 -13.51 -14.04 -21.10
C LEU A 105 -13.71 -12.77 -21.93
N ASP A 106 -12.62 -12.19 -22.41
CA ASP A 106 -12.69 -10.97 -23.19
C ASP A 106 -13.19 -11.17 -24.62
N GLN A 107 -13.68 -12.37 -24.95
CA GLN A 107 -14.17 -12.63 -26.29
C GLN A 107 -15.70 -12.77 -26.33
N LEU A 108 -16.30 -12.98 -25.16
CA LEU A 108 -17.75 -13.12 -25.02
C LEU A 108 -18.43 -11.76 -24.90
N PRO A 109 -19.55 -11.55 -25.61
CA PRO A 109 -20.24 -10.26 -25.52
C PRO A 109 -20.98 -10.04 -24.21
N ILE A 110 -20.42 -9.28 -23.29
CA ILE A 110 -21.13 -9.01 -22.05
C ILE A 110 -21.70 -7.61 -22.18
N LYS A 111 -23.02 -7.52 -22.24
CA LYS A 111 -23.69 -6.24 -22.43
C LYS A 111 -23.82 -5.36 -21.19
N GLY A 112 -23.24 -5.80 -20.07
CA GLY A 112 -23.31 -5.01 -18.85
C GLY A 112 -24.34 -5.49 -17.85
N ASP A 113 -24.48 -4.78 -16.74
CA ASP A 113 -25.44 -5.17 -15.73
C ASP A 113 -26.85 -4.78 -16.13
N THR A 114 -27.81 -5.39 -15.43
CA THR A 114 -29.24 -5.14 -15.64
C THR A 114 -29.68 -4.37 -14.41
N ILE A 115 -30.27 -3.19 -14.62
CA ILE A 115 -30.72 -2.39 -13.49
C ILE A 115 -32.18 -1.98 -13.57
N ILE A 116 -32.96 -2.45 -12.60
CA ILE A 116 -34.37 -2.08 -12.54
C ILE A 116 -34.54 -1.10 -11.37
N GLY A 117 -35.12 0.07 -11.65
CA GLY A 117 -35.29 1.08 -10.61
C GLY A 117 -36.31 0.81 -9.51
N ASN A 118 -36.74 1.88 -8.85
CA ASN A 118 -37.71 1.82 -7.76
C ASN A 118 -39.10 2.21 -8.24
N ASP A 119 -40.13 1.67 -7.58
CA ASP A 119 -41.50 1.98 -7.97
C ASP A 119 -41.74 1.49 -9.40
N VAL A 120 -41.09 0.41 -9.77
CA VAL A 120 -41.26 -0.11 -11.11
C VAL A 120 -42.24 -1.28 -11.09
N TRP A 121 -43.22 -1.22 -11.99
CA TRP A 121 -44.23 -2.27 -12.11
C TRP A 121 -44.02 -2.99 -13.43
N ILE A 122 -43.65 -4.27 -13.36
CA ILE A 122 -43.44 -5.09 -14.55
C ILE A 122 -44.57 -6.09 -14.73
N GLY A 123 -45.23 -6.03 -15.88
CA GLY A 123 -46.34 -6.91 -16.17
C GLY A 123 -45.96 -8.38 -16.23
N LYS A 124 -46.95 -9.25 -16.23
CA LYS A 124 -46.69 -10.69 -16.24
C LYS A 124 -46.03 -11.18 -17.52
N ASP A 125 -45.31 -12.28 -17.40
CA ASP A 125 -44.64 -12.91 -18.53
C ASP A 125 -43.77 -11.99 -19.37
N VAL A 126 -43.16 -11.01 -18.73
CA VAL A 126 -42.28 -10.08 -19.42
C VAL A 126 -40.89 -10.72 -19.42
N VAL A 127 -40.17 -10.56 -20.53
CA VAL A 127 -38.82 -11.11 -20.64
C VAL A 127 -37.86 -9.94 -20.63
N ILE A 128 -36.83 -10.00 -19.79
CA ILE A 128 -35.86 -8.91 -19.76
C ILE A 128 -34.49 -9.36 -20.28
N MET A 129 -34.06 -8.79 -21.40
CA MET A 129 -32.78 -9.12 -22.03
C MET A 129 -31.67 -8.61 -21.13
N PRO A 130 -30.43 -9.14 -21.30
CA PRO A 130 -29.29 -8.72 -20.48
C PRO A 130 -28.75 -7.34 -20.85
N GLY A 131 -28.26 -6.62 -19.83
CA GLY A 131 -27.71 -5.28 -20.03
C GLY A 131 -28.72 -4.16 -20.23
N VAL A 132 -29.90 -4.32 -19.65
CA VAL A 132 -30.96 -3.34 -19.78
C VAL A 132 -31.12 -2.51 -18.52
N LYS A 133 -31.58 -1.27 -18.66
CA LYS A 133 -31.80 -0.42 -17.50
C LYS A 133 -33.20 0.18 -17.54
N ILE A 134 -34.03 -0.16 -16.56
CA ILE A 134 -35.40 0.37 -16.49
C ILE A 134 -35.50 1.43 -15.40
N GLY A 135 -36.10 2.57 -15.75
CA GLY A 135 -36.21 3.68 -14.83
C GLY A 135 -37.15 3.64 -13.64
N ASP A 136 -36.94 4.59 -12.74
CA ASP A 136 -37.74 4.72 -11.53
C ASP A 136 -39.18 5.02 -11.91
N GLY A 137 -40.11 4.24 -11.37
CA GLY A 137 -41.52 4.48 -11.64
C GLY A 137 -42.04 4.12 -13.02
N ALA A 138 -41.33 3.27 -13.75
CA ALA A 138 -41.78 2.89 -15.08
C ALA A 138 -42.80 1.74 -15.04
N ILE A 139 -43.61 1.62 -16.09
CA ILE A 139 -44.59 0.54 -16.18
C ILE A 139 -44.31 -0.22 -17.47
N VAL A 140 -44.02 -1.50 -17.35
CA VAL A 140 -43.75 -2.32 -18.51
C VAL A 140 -44.92 -3.26 -18.71
N ALA A 141 -45.65 -3.06 -19.81
CA ALA A 141 -46.83 -3.87 -20.12
C ALA A 141 -46.55 -5.36 -20.10
N ALA A 142 -47.58 -6.12 -19.72
CA ALA A 142 -47.48 -7.57 -19.67
C ALA A 142 -47.08 -8.12 -21.04
N ASN A 143 -46.35 -9.24 -21.04
CA ASN A 143 -45.92 -9.88 -22.27
C ASN A 143 -44.98 -9.12 -23.17
N SER A 144 -44.19 -8.23 -22.60
CA SER A 144 -43.24 -7.46 -23.38
C SER A 144 -41.87 -8.14 -23.34
N VAL A 145 -40.98 -7.75 -24.24
CA VAL A 145 -39.63 -8.27 -24.27
C VAL A 145 -38.75 -7.03 -24.32
N VAL A 146 -38.12 -6.72 -23.18
CA VAL A 146 -37.26 -5.54 -23.04
C VAL A 146 -35.84 -5.74 -23.56
N VAL A 147 -35.53 -5.07 -24.67
CA VAL A 147 -34.22 -5.18 -25.29
C VAL A 147 -33.36 -3.93 -25.17
N LYS A 148 -34.00 -2.76 -25.00
CA LYS A 148 -33.25 -1.53 -24.86
C LYS A 148 -33.69 -0.79 -23.59
N ASP A 149 -32.92 0.22 -23.18
CA ASP A 149 -33.21 1.00 -21.96
C ASP A 149 -34.59 1.65 -21.95
N ILE A 150 -35.15 1.80 -20.75
CA ILE A 150 -36.46 2.44 -20.57
C ILE A 150 -36.33 3.59 -19.54
N ALA A 151 -36.83 4.76 -19.92
CA ALA A 151 -36.75 5.93 -19.06
C ALA A 151 -37.69 5.93 -17.86
N PRO A 152 -37.35 6.72 -16.83
CA PRO A 152 -38.17 6.82 -15.62
C PRO A 152 -39.57 7.29 -15.94
N TYR A 153 -40.51 6.81 -15.15
CA TYR A 153 -41.92 7.15 -15.29
C TYR A 153 -42.44 7.08 -16.72
N MET A 154 -41.83 6.21 -17.50
CA MET A 154 -42.25 6.00 -18.87
C MET A 154 -43.12 4.74 -18.88
N LEU A 155 -44.04 4.66 -19.82
CA LEU A 155 -44.88 3.48 -19.97
C LEU A 155 -44.32 2.78 -21.20
N ALA A 156 -44.31 1.46 -21.24
CA ALA A 156 -43.73 0.81 -22.41
C ALA A 156 -44.25 -0.59 -22.58
N GLY A 157 -44.21 -1.08 -23.82
CA GLY A 157 -44.69 -2.42 -24.11
C GLY A 157 -44.43 -2.88 -25.53
N GLY A 158 -44.50 -4.19 -25.74
CA GLY A 158 -44.28 -4.75 -27.05
C GLY A 158 -43.04 -5.63 -27.10
N ASN A 159 -42.83 -6.24 -28.27
CA ASN A 159 -41.71 -7.12 -28.54
C ASN A 159 -41.07 -6.69 -29.85
N PRO A 160 -40.01 -5.86 -29.82
CA PRO A 160 -39.34 -5.30 -28.64
C PRO A 160 -40.19 -4.23 -28.00
N ALA A 161 -39.99 -4.02 -26.70
CA ALA A 161 -40.75 -3.02 -25.99
C ALA A 161 -40.28 -1.63 -26.36
N ASN A 162 -41.23 -0.72 -26.61
CA ASN A 162 -40.92 0.67 -26.95
C ASN A 162 -41.63 1.59 -25.96
N GLU A 163 -40.99 2.70 -25.62
CA GLU A 163 -41.62 3.66 -24.73
C GLU A 163 -42.90 4.06 -25.44
N ILE A 164 -44.05 3.93 -24.77
CA ILE A 164 -45.32 4.26 -25.37
C ILE A 164 -45.82 5.65 -25.02
N LYS A 165 -45.48 6.11 -23.83
CA LYS A 165 -45.95 7.41 -23.39
C LYS A 165 -45.42 7.69 -22.00
N GLN A 166 -45.34 8.98 -21.65
CA GLN A 166 -44.88 9.39 -20.34
C GLN A 166 -46.06 9.25 -19.39
N ARG A 167 -45.80 9.03 -18.11
CA ARG A 167 -46.88 8.87 -17.15
C ARG A 167 -47.38 10.19 -16.59
N PHE A 168 -46.51 11.19 -16.48
CA PHE A 168 -46.88 12.52 -15.97
C PHE A 168 -46.09 13.60 -16.68
N ASP A 169 -46.49 14.85 -16.48
CA ASP A 169 -45.79 15.97 -17.08
C ASP A 169 -44.34 15.94 -16.60
N GLN A 170 -43.44 16.50 -17.40
CA GLN A 170 -42.01 16.54 -17.09
C GLN A 170 -41.72 17.08 -15.69
N ASP A 171 -42.41 18.15 -15.36
CA ASP A 171 -42.25 18.81 -14.08
C ASP A 171 -42.36 17.85 -12.91
N THR A 172 -43.51 17.16 -12.85
CA THR A 172 -43.82 16.18 -11.83
C THR A 172 -42.76 15.11 -11.76
N ILE A 173 -42.37 14.60 -12.92
CA ILE A 173 -41.34 13.58 -12.99
C ILE A 173 -40.03 14.10 -12.41
N ASN A 174 -39.68 15.33 -12.79
CA ASN A 174 -38.47 15.97 -12.31
C ASN A 174 -38.44 15.99 -10.79
N GLN A 175 -39.59 16.25 -10.19
CA GLN A 175 -39.70 16.32 -8.74
C GLN A 175 -39.57 14.98 -8.03
N LEU A 176 -40.43 14.03 -8.40
CA LEU A 176 -40.41 12.71 -7.79
C LEU A 176 -39.01 12.10 -7.85
N LEU A 177 -38.31 12.36 -8.94
CA LEU A 177 -36.95 11.85 -9.11
C LEU A 177 -36.00 12.57 -8.18
N ASP A 178 -36.48 13.69 -7.65
CA ASP A 178 -35.71 14.50 -6.73
C ASP A 178 -35.98 14.07 -5.30
N ILE A 179 -37.28 13.95 -4.98
CA ILE A 179 -37.74 13.56 -3.64
C ILE A 179 -37.36 12.14 -3.22
N LYS A 180 -37.45 11.18 -4.14
CA LYS A 180 -37.13 9.78 -3.87
C LYS A 180 -37.72 9.36 -2.54
N TRP A 181 -39.05 9.29 -2.46
CA TRP A 181 -39.69 8.90 -1.22
C TRP A 181 -39.31 7.47 -0.83
N TRP A 182 -39.03 6.64 -1.81
CA TRP A 182 -38.67 5.25 -1.55
C TRP A 182 -37.40 5.06 -0.70
N ASN A 183 -36.64 6.12 -0.47
CA ASN A 183 -35.43 6.01 0.34
C ASN A 183 -35.65 6.50 1.76
N TRP A 184 -36.87 6.93 2.04
CA TRP A 184 -37.21 7.41 3.38
C TRP A 184 -37.47 6.26 4.33
N PRO A 185 -37.23 6.47 5.63
CA PRO A 185 -37.49 5.40 6.60
C PRO A 185 -38.98 5.12 6.51
N ILE A 186 -39.35 3.85 6.64
CA ILE A 186 -40.75 3.46 6.55
C ILE A 186 -41.65 4.24 7.50
N ASP A 187 -41.15 4.56 8.69
CA ASP A 187 -41.93 5.34 9.66
C ASP A 187 -42.49 6.57 8.98
N ILE A 188 -41.68 7.18 8.12
CA ILE A 188 -42.10 8.37 7.43
C ILE A 188 -42.99 8.01 6.24
N ILE A 189 -42.52 7.12 5.39
CA ILE A 189 -43.31 6.71 4.24
C ILE A 189 -44.72 6.38 4.73
N ASN A 190 -44.79 5.72 5.88
CA ASN A 190 -46.04 5.30 6.49
C ASN A 190 -47.10 6.38 6.65
N GLU A 191 -46.67 7.61 6.87
CA GLU A 191 -47.64 8.70 7.05
C GLU A 191 -47.80 9.53 5.81
N ASN A 192 -47.56 8.93 4.65
CA ASN A 192 -47.74 9.68 3.42
C ASN A 192 -48.24 8.79 2.30
N ILE A 193 -48.28 7.48 2.55
CA ILE A 193 -48.73 6.51 1.57
C ILE A 193 -49.85 7.08 0.70
N ASP A 194 -50.74 7.83 1.34
CA ASP A 194 -51.85 8.47 0.64
C ASP A 194 -51.37 9.55 -0.32
N LYS A 195 -50.45 10.38 0.14
CA LYS A 195 -49.92 11.44 -0.71
C LYS A 195 -48.97 10.85 -1.75
N ILE A 196 -48.54 9.61 -1.53
CA ILE A 196 -47.63 8.96 -2.47
C ILE A 196 -48.45 8.21 -3.51
N LEU A 197 -49.67 7.84 -3.13
CA LEU A 197 -50.57 7.13 -4.02
C LEU A 197 -51.28 8.06 -5.03
N ASP A 198 -51.40 9.35 -4.70
CA ASP A 198 -52.03 10.26 -5.64
C ASP A 198 -51.08 11.38 -6.13
N ASN A 199 -49.79 11.16 -5.95
CA ASN A 199 -48.80 12.14 -6.39
C ASN A 199 -48.74 13.50 -5.69
N SER A 200 -49.57 13.72 -4.67
CA SER A 200 -49.56 15.01 -3.97
C SER A 200 -48.36 15.24 -3.04
N ILE A 201 -47.58 14.20 -2.75
CA ILE A 201 -46.40 14.33 -1.91
C ILE A 201 -45.43 15.32 -2.53
N ILE A 202 -45.73 15.75 -3.76
CA ILE A 202 -44.88 16.71 -4.43
C ILE A 202 -45.11 18.12 -3.89
N ARG A 203 -46.33 18.41 -3.40
CA ARG A 203 -46.60 19.73 -2.86
C ARG A 203 -46.14 19.82 -1.41
N GLU A 204 -46.20 18.69 -0.71
CA GLU A 204 -45.78 18.65 0.69
C GLU A 204 -44.27 18.74 0.82
N VAL A 205 -43.58 17.67 0.40
CA VAL A 205 -42.12 17.58 0.49
C VAL A 205 -41.36 18.76 -0.10
N ILE A 206 -41.78 19.22 -1.28
CA ILE A 206 -41.13 20.36 -1.94
C ILE A 206 -41.65 21.70 -1.40
N MET B 1 -79.53 -30.95 -38.10
CA MET B 1 -78.19 -31.44 -38.53
C MET B 1 -77.05 -30.61 -37.94
N GLY B 2 -76.03 -31.30 -37.46
CA GLY B 2 -74.91 -30.59 -36.86
C GLY B 2 -74.83 -31.08 -35.43
N PRO B 3 -73.85 -30.61 -34.65
CA PRO B 3 -73.74 -31.08 -33.27
C PRO B 3 -74.66 -30.31 -32.30
N ASN B 4 -74.80 -30.85 -31.09
CA ASN B 4 -75.62 -30.22 -30.08
C ASN B 4 -74.77 -29.13 -29.42
N PRO B 5 -75.17 -27.85 -29.61
CA PRO B 5 -74.40 -26.75 -29.01
C PRO B 5 -74.39 -26.67 -27.48
N MET B 6 -75.08 -27.58 -26.79
CA MET B 6 -75.11 -27.53 -25.33
C MET B 6 -74.22 -28.57 -24.67
N LYS B 7 -73.48 -29.31 -25.48
CA LYS B 7 -72.57 -30.31 -24.95
C LYS B 7 -71.23 -29.61 -24.68
N MET B 8 -70.48 -30.06 -23.70
CA MET B 8 -69.17 -29.45 -23.44
C MET B 8 -68.25 -30.03 -24.50
N TYR B 9 -68.47 -31.31 -24.78
CA TYR B 9 -67.67 -32.05 -25.73
C TYR B 9 -68.53 -32.65 -26.84
N PRO B 10 -68.72 -31.89 -27.93
CA PRO B 10 -69.53 -32.29 -29.10
C PRO B 10 -69.07 -33.54 -29.84
N ILE B 11 -67.76 -33.82 -29.78
CA ILE B 11 -67.18 -34.98 -30.46
C ILE B 11 -66.97 -36.09 -29.44
N GLU B 12 -67.87 -37.08 -29.46
CA GLU B 12 -67.82 -38.20 -28.53
C GLU B 12 -66.41 -38.78 -28.35
N GLY B 13 -66.03 -38.97 -27.08
CA GLY B 13 -64.72 -39.50 -26.76
C GLY B 13 -63.61 -38.49 -26.83
N ASN B 14 -63.89 -37.29 -27.33
CA ASN B 14 -62.87 -36.25 -27.46
C ASN B 14 -63.03 -35.19 -26.39
N LYS B 15 -62.03 -35.07 -25.52
CA LYS B 15 -62.08 -34.09 -24.45
C LYS B 15 -61.22 -32.88 -24.77
N SER B 16 -60.80 -32.78 -26.03
CA SER B 16 -59.95 -31.66 -26.47
C SER B 16 -60.72 -30.51 -27.11
N VAL B 17 -61.64 -30.84 -28.01
CA VAL B 17 -62.46 -29.85 -28.67
C VAL B 17 -63.64 -29.63 -27.71
N GLN B 18 -63.91 -28.39 -27.34
CA GLN B 18 -65.03 -28.13 -26.42
C GLN B 18 -65.75 -26.84 -26.74
N PHE B 19 -67.08 -26.90 -26.72
CA PHE B 19 -67.87 -25.71 -26.98
C PHE B 19 -67.75 -24.83 -25.75
N ILE B 20 -67.51 -23.54 -25.95
CA ILE B 20 -67.34 -22.59 -24.85
C ILE B 20 -68.60 -22.23 -24.06
N LYS B 21 -69.72 -22.06 -24.76
CA LYS B 21 -70.97 -21.68 -24.11
C LYS B 21 -71.47 -22.53 -22.94
N PRO B 22 -71.64 -23.84 -23.13
CA PRO B 22 -72.13 -24.61 -21.99
C PRO B 22 -71.16 -24.62 -20.83
N ILE B 23 -69.91 -24.26 -21.10
CA ILE B 23 -68.91 -24.24 -20.06
C ILE B 23 -68.95 -22.92 -19.32
N LEU B 24 -69.15 -21.83 -20.04
CA LEU B 24 -69.15 -20.51 -19.43
C LEU B 24 -70.49 -19.91 -19.03
N GLU B 25 -71.60 -20.59 -19.32
CA GLU B 25 -72.90 -20.03 -18.96
C GLU B 25 -73.10 -19.80 -17.48
N LYS B 26 -72.56 -20.70 -16.67
CA LYS B 26 -72.69 -20.61 -15.22
C LYS B 26 -72.05 -19.33 -14.71
N LEU B 27 -71.03 -18.84 -15.42
CA LEU B 27 -70.32 -17.65 -15.00
C LEU B 27 -71.13 -16.39 -15.11
N GLU B 28 -71.00 -15.56 -14.09
CA GLU B 28 -71.73 -14.32 -14.07
C GLU B 28 -71.04 -13.31 -14.97
N ASN B 29 -71.90 -12.70 -15.77
CA ASN B 29 -71.54 -11.69 -16.73
C ASN B 29 -70.37 -11.98 -17.71
N VAL B 30 -70.66 -13.02 -18.51
CA VAL B 30 -69.84 -13.58 -19.59
C VAL B 30 -70.87 -14.06 -20.62
N GLU B 31 -70.77 -13.60 -21.86
CA GLU B 31 -71.69 -14.00 -22.93
C GLU B 31 -70.99 -14.79 -24.05
N VAL B 32 -71.56 -15.93 -24.45
CA VAL B 32 -70.94 -16.76 -25.47
C VAL B 32 -71.85 -17.21 -26.63
N GLY B 33 -71.33 -17.14 -27.86
CA GLY B 33 -72.08 -17.54 -29.04
C GLY B 33 -72.24 -19.05 -29.08
N GLU B 34 -73.22 -19.54 -29.81
CA GLU B 34 -73.48 -20.97 -29.85
C GLU B 34 -72.40 -21.97 -30.29
N TYR B 35 -71.88 -21.82 -31.49
CA TYR B 35 -70.92 -22.82 -31.94
C TYR B 35 -69.45 -22.52 -31.76
N SER B 36 -69.16 -21.49 -30.97
CA SER B 36 -67.78 -21.10 -30.71
C SER B 36 -67.13 -22.21 -29.88
N TYR B 37 -66.00 -22.71 -30.37
CA TYR B 37 -65.31 -23.76 -29.66
C TYR B 37 -63.89 -23.38 -29.27
N TYR B 38 -63.29 -24.22 -28.45
CA TYR B 38 -61.93 -24.00 -27.96
C TYR B 38 -61.14 -25.29 -28.17
N ASP B 39 -59.96 -25.15 -28.74
CA ASP B 39 -59.11 -26.30 -28.98
C ASP B 39 -58.17 -26.42 -27.80
N SER B 40 -58.56 -27.19 -26.79
CA SER B 40 -57.72 -27.32 -25.61
C SER B 40 -56.27 -27.68 -25.87
N LYS B 41 -55.39 -27.06 -25.10
CA LYS B 41 -53.96 -27.28 -25.21
C LYS B 41 -53.53 -28.55 -24.45
N ASN B 42 -53.81 -28.60 -23.15
CA ASN B 42 -53.45 -29.76 -22.33
C ASN B 42 -54.66 -30.36 -21.61
N GLY B 43 -55.83 -30.26 -22.24
CA GLY B 43 -57.03 -30.81 -21.63
C GLY B 43 -57.88 -29.83 -20.82
N GLU B 44 -57.28 -28.72 -20.39
CA GLU B 44 -57.99 -27.72 -19.59
C GLU B 44 -59.27 -27.14 -20.21
N THR B 45 -60.16 -26.62 -19.37
CA THR B 45 -61.39 -26.03 -19.85
C THR B 45 -61.19 -24.51 -20.01
N PHE B 46 -61.81 -23.95 -21.04
CA PHE B 46 -61.64 -22.54 -21.33
C PHE B 46 -61.75 -21.55 -20.17
N ASP B 47 -62.52 -21.90 -19.15
CA ASP B 47 -62.67 -20.98 -18.02
C ASP B 47 -61.33 -20.70 -17.32
N LYS B 48 -60.39 -21.63 -17.42
CA LYS B 48 -59.08 -21.45 -16.81
C LYS B 48 -58.29 -20.37 -17.57
N GLN B 49 -58.67 -20.13 -18.82
CA GLN B 49 -58.00 -19.15 -19.67
C GLN B 49 -58.43 -17.70 -19.53
N ILE B 50 -59.50 -17.45 -18.78
CA ILE B 50 -59.97 -16.09 -18.53
C ILE B 50 -59.42 -15.68 -17.15
N LEU B 51 -58.53 -14.70 -17.13
CA LEU B 51 -57.90 -14.28 -15.89
C LEU B 51 -58.25 -12.89 -15.38
N TYR B 52 -58.13 -12.75 -14.07
CA TYR B 52 -58.39 -11.50 -13.39
C TYR B 52 -59.77 -10.93 -13.63
N HIS B 53 -60.78 -11.79 -13.73
CA HIS B 53 -62.17 -11.38 -13.95
C HIS B 53 -63.00 -11.42 -12.66
N TYR B 54 -63.19 -10.25 -12.06
CA TYR B 54 -63.94 -10.13 -10.81
C TYR B 54 -65.30 -9.45 -10.92
N PRO B 55 -66.34 -10.05 -10.32
CA PRO B 55 -67.70 -9.51 -10.34
C PRO B 55 -67.79 -8.05 -9.91
N ILE B 56 -67.26 -7.79 -8.71
CA ILE B 56 -67.24 -6.46 -8.13
C ILE B 56 -66.76 -5.32 -9.03
N LEU B 57 -65.92 -5.64 -10.04
CA LEU B 57 -65.41 -4.63 -10.98
C LEU B 57 -66.38 -4.47 -12.14
N ASN B 58 -67.25 -5.44 -12.27
CA ASN B 58 -68.28 -5.48 -13.30
C ASN B 58 -67.90 -5.26 -14.76
N ASP B 59 -66.77 -5.78 -15.21
CA ASP B 59 -66.42 -5.65 -16.61
C ASP B 59 -66.98 -6.90 -17.29
N LYS B 60 -67.21 -6.84 -18.59
CA LYS B 60 -67.78 -7.99 -19.26
C LYS B 60 -66.98 -8.52 -20.43
N LEU B 61 -67.09 -9.82 -20.64
CA LEU B 61 -66.40 -10.50 -21.73
C LEU B 61 -67.45 -11.00 -22.71
N LYS B 62 -67.26 -10.73 -24.00
CA LYS B 62 -68.23 -11.16 -24.98
C LYS B 62 -67.63 -11.93 -26.13
N ILE B 63 -68.23 -13.09 -26.42
CA ILE B 63 -67.78 -13.92 -27.50
C ILE B 63 -68.94 -14.26 -28.41
N GLY B 64 -68.82 -13.90 -29.68
CA GLY B 64 -69.88 -14.16 -30.64
C GLY B 64 -70.00 -15.63 -31.03
N LYS B 65 -70.58 -15.88 -32.19
CA LYS B 65 -70.78 -17.25 -32.65
C LYS B 65 -69.73 -17.73 -33.67
N PHE B 66 -69.73 -19.03 -33.89
CA PHE B 66 -68.82 -19.68 -34.84
C PHE B 66 -67.41 -19.14 -34.77
N CYS B 67 -66.87 -19.09 -33.56
CA CYS B 67 -65.53 -18.61 -33.36
C CYS B 67 -64.66 -19.83 -33.10
N SER B 68 -63.42 -19.78 -33.59
CA SER B 68 -62.45 -20.86 -33.42
C SER B 68 -61.29 -20.30 -32.60
N ILE B 69 -61.24 -20.63 -31.32
CA ILE B 69 -60.17 -20.13 -30.48
C ILE B 69 -59.10 -21.17 -30.27
N GLY B 70 -57.89 -20.87 -30.73
CA GLY B 70 -56.78 -21.82 -30.62
C GLY B 70 -56.32 -22.14 -29.21
N PRO B 71 -55.49 -23.19 -29.04
CA PRO B 71 -55.02 -23.53 -27.69
C PRO B 71 -54.16 -22.45 -27.10
N GLY B 72 -54.21 -22.34 -25.78
CA GLY B 72 -53.39 -21.37 -25.07
C GLY B 72 -53.88 -19.94 -25.05
N VAL B 73 -54.91 -19.62 -25.82
CA VAL B 73 -55.40 -18.25 -25.85
C VAL B 73 -55.75 -17.80 -24.44
N THR B 74 -55.33 -16.58 -24.11
CA THR B 74 -55.53 -16.00 -22.79
C THR B 74 -56.25 -14.67 -22.87
N ILE B 75 -57.33 -14.55 -22.10
CA ILE B 75 -58.10 -13.32 -22.06
C ILE B 75 -57.92 -12.74 -20.68
N ILE B 76 -57.27 -11.60 -20.61
CA ILE B 76 -57.01 -10.94 -19.34
C ILE B 76 -57.99 -9.81 -19.10
N MET B 77 -58.68 -9.86 -17.96
CA MET B 77 -59.67 -8.84 -17.61
C MET B 77 -59.07 -7.71 -16.75
N ASN B 78 -59.91 -6.78 -16.29
CA ASN B 78 -59.43 -5.61 -15.52
C ASN B 78 -59.00 -5.75 -14.06
N GLY B 79 -59.06 -6.97 -13.50
CA GLY B 79 -58.65 -7.16 -12.12
C GLY B 79 -57.15 -7.21 -11.90
N ALA B 80 -56.38 -6.94 -12.96
CA ALA B 80 -54.92 -6.97 -12.88
C ALA B 80 -54.28 -5.57 -12.90
N ASN B 81 -55.03 -4.56 -13.34
CA ASN B 81 -54.52 -3.20 -13.39
C ASN B 81 -54.34 -2.63 -12.00
N HIS B 82 -53.34 -1.78 -11.83
CA HIS B 82 -53.06 -1.13 -10.55
C HIS B 82 -53.46 0.31 -10.67
N ARG B 83 -53.54 0.99 -9.54
CA ARG B 83 -53.84 2.41 -9.54
C ARG B 83 -52.57 3.05 -10.11
N MET B 84 -52.71 4.09 -10.94
CA MET B 84 -51.51 4.71 -11.49
C MET B 84 -51.45 6.22 -11.46
N ASP B 85 -52.27 6.86 -10.65
CA ASP B 85 -52.20 8.32 -10.58
C ASP B 85 -50.98 8.66 -9.72
N GLY B 86 -50.50 7.67 -8.99
CA GLY B 86 -49.34 7.88 -8.15
C GLY B 86 -48.53 6.60 -8.22
N SER B 87 -48.12 6.08 -7.06
CA SER B 87 -47.35 4.86 -7.02
C SER B 87 -48.21 3.67 -7.44
N THR B 88 -47.61 2.75 -8.21
CA THR B 88 -48.27 1.55 -8.67
C THR B 88 -48.15 0.42 -7.63
N TYR B 89 -47.43 0.69 -6.55
CA TYR B 89 -47.22 -0.30 -5.50
C TYR B 89 -48.52 -0.56 -4.73
N PRO B 90 -48.97 -1.82 -4.65
CA PRO B 90 -50.22 -2.18 -3.95
C PRO B 90 -50.11 -2.29 -2.44
N PHE B 91 -49.92 -1.16 -1.77
CA PHE B 91 -49.79 -1.11 -0.31
C PHE B 91 -50.92 -1.83 0.44
N ASN B 92 -52.16 -1.52 0.07
CA ASN B 92 -53.36 -2.08 0.70
C ASN B 92 -53.39 -3.60 0.77
N LEU B 93 -52.58 -4.22 -0.04
CA LEU B 93 -52.52 -5.68 -0.13
C LEU B 93 -51.82 -6.45 0.98
N PHE B 94 -50.86 -5.82 1.62
CA PHE B 94 -50.08 -6.48 2.66
C PHE B 94 -50.64 -6.32 4.07
N GLY B 95 -51.74 -5.59 4.18
CA GLY B 95 -52.37 -5.40 5.46
C GLY B 95 -51.51 -4.79 6.55
N ASN B 96 -51.68 -5.30 7.77
CA ASN B 96 -50.96 -4.84 8.94
C ASN B 96 -50.98 -3.33 9.06
N GLY B 97 -52.15 -2.76 8.85
CA GLY B 97 -52.32 -1.33 8.94
C GLY B 97 -52.48 -0.67 7.59
N TRP B 98 -51.97 -1.29 6.55
CA TRP B 98 -52.05 -0.71 5.22
C TRP B 98 -53.39 -0.80 4.50
N GLU B 99 -54.33 -1.59 5.03
CA GLU B 99 -55.62 -1.70 4.36
C GLU B 99 -56.29 -0.34 4.24
N LYS B 100 -56.04 0.55 5.20
CA LYS B 100 -56.66 1.88 5.16
C LYS B 100 -56.49 2.47 3.79
N HIS B 101 -55.49 2.00 3.05
CA HIS B 101 -55.21 2.56 1.73
C HIS B 101 -55.86 1.87 0.55
N MET B 102 -56.79 0.99 0.85
CA MET B 102 -57.52 0.29 -0.19
C MET B 102 -57.97 1.35 -1.20
N PRO B 103 -58.05 1.00 -2.49
CA PRO B 103 -58.48 2.01 -3.45
C PRO B 103 -59.99 1.97 -3.67
N LYS B 104 -60.56 3.14 -3.92
CA LYS B 104 -61.99 3.24 -4.18
C LYS B 104 -62.14 2.75 -5.62
N LEU B 105 -63.27 2.12 -5.93
CA LEU B 105 -63.46 1.62 -7.29
C LEU B 105 -63.25 2.67 -8.37
N ASP B 106 -63.76 3.87 -8.19
CA ASP B 106 -63.55 4.90 -9.21
C ASP B 106 -62.08 5.35 -9.28
N GLN B 107 -61.20 4.66 -8.56
CA GLN B 107 -59.78 4.99 -8.56
C GLN B 107 -59.00 4.00 -9.42
N LEU B 108 -59.57 2.79 -9.57
CA LEU B 108 -58.94 1.75 -10.37
C LEU B 108 -59.15 2.05 -11.85
N PRO B 109 -58.10 1.88 -12.67
CA PRO B 109 -58.32 2.18 -14.07
C PRO B 109 -58.96 0.96 -14.69
N ILE B 110 -60.12 1.17 -15.29
CA ILE B 110 -60.80 0.07 -15.93
C ILE B 110 -60.98 0.48 -17.36
N LYS B 111 -60.30 -0.22 -18.26
CA LYS B 111 -60.40 0.07 -19.67
C LYS B 111 -61.85 -0.14 -20.11
N GLY B 112 -62.36 -1.36 -20.00
CA GLY B 112 -63.75 -1.59 -20.39
C GLY B 112 -64.10 -3.05 -20.61
N ASP B 113 -65.15 -3.30 -21.40
CA ASP B 113 -65.58 -4.68 -21.70
C ASP B 113 -64.80 -5.24 -22.89
N THR B 114 -64.62 -6.56 -22.90
CA THR B 114 -63.94 -7.20 -24.02
C THR B 114 -65.00 -7.84 -24.90
N ILE B 115 -64.92 -7.59 -26.20
CA ILE B 115 -65.91 -8.12 -27.12
C ILE B 115 -65.33 -8.73 -28.38
N ILE B 116 -65.48 -10.04 -28.51
CA ILE B 116 -64.99 -10.75 -29.69
C ILE B 116 -66.20 -11.05 -30.57
N GLY B 117 -66.23 -10.49 -31.77
CA GLY B 117 -67.34 -10.72 -32.67
C GLY B 117 -67.60 -12.16 -33.12
N ASN B 118 -68.30 -12.30 -34.24
CA ASN B 118 -68.65 -13.61 -34.79
C ASN B 118 -67.69 -14.08 -35.88
N ASP B 119 -67.68 -15.39 -36.10
CA ASP B 119 -66.83 -16.01 -37.12
C ASP B 119 -65.40 -15.51 -37.01
N VAL B 120 -64.89 -15.45 -35.78
CA VAL B 120 -63.52 -15.00 -35.53
C VAL B 120 -62.56 -16.15 -35.23
N TRP B 121 -61.39 -16.11 -35.86
CA TRP B 121 -60.33 -17.11 -35.67
C TRP B 121 -59.15 -16.48 -34.95
N ILE B 122 -58.87 -17.01 -33.75
CA ILE B 122 -57.79 -16.53 -32.91
C ILE B 122 -56.81 -17.65 -32.76
N GLY B 123 -55.61 -17.44 -33.31
CA GLY B 123 -54.58 -18.47 -33.23
C GLY B 123 -54.09 -18.74 -31.83
N LYS B 124 -53.30 -19.81 -31.71
CA LYS B 124 -52.75 -20.25 -30.43
C LYS B 124 -51.87 -19.25 -29.68
N ASP B 125 -51.92 -19.34 -28.36
CA ASP B 125 -51.11 -18.49 -27.51
C ASP B 125 -51.30 -16.99 -27.70
N VAL B 126 -52.47 -16.60 -28.19
CA VAL B 126 -52.73 -15.17 -28.35
C VAL B 126 -53.14 -14.66 -26.99
N VAL B 127 -52.72 -13.45 -26.65
CA VAL B 127 -53.09 -12.85 -25.38
C VAL B 127 -53.93 -11.62 -25.69
N ILE B 128 -55.09 -11.52 -25.04
CA ILE B 128 -55.98 -10.40 -25.25
C ILE B 128 -56.02 -9.50 -24.03
N MET B 129 -55.54 -8.26 -24.18
CA MET B 129 -55.53 -7.30 -23.08
C MET B 129 -56.96 -6.81 -22.84
N PRO B 130 -57.24 -6.22 -21.66
CA PRO B 130 -58.56 -5.70 -21.25
C PRO B 130 -59.25 -4.62 -22.10
N GLY B 131 -60.58 -4.71 -22.16
CA GLY B 131 -61.38 -3.76 -22.91
C GLY B 131 -61.04 -3.60 -24.38
N VAL B 132 -60.93 -4.72 -25.08
CA VAL B 132 -60.60 -4.70 -26.50
C VAL B 132 -61.74 -5.18 -27.37
N LYS B 133 -61.79 -4.70 -28.60
CA LYS B 133 -62.84 -5.14 -29.50
C LYS B 133 -62.31 -5.81 -30.76
N ILE B 134 -62.85 -6.99 -31.06
CA ILE B 134 -62.46 -7.77 -32.23
C ILE B 134 -63.67 -7.98 -33.13
N GLY B 135 -63.64 -7.35 -34.30
CA GLY B 135 -64.75 -7.44 -35.23
C GLY B 135 -65.03 -8.78 -35.87
N ASP B 136 -66.19 -8.88 -36.50
CA ASP B 136 -66.64 -10.10 -37.18
C ASP B 136 -65.68 -10.54 -38.26
N GLY B 137 -65.50 -11.86 -38.39
CA GLY B 137 -64.63 -12.42 -39.41
C GLY B 137 -63.14 -12.08 -39.36
N ALA B 138 -62.68 -11.46 -38.28
CA ALA B 138 -61.27 -11.12 -38.19
C ALA B 138 -60.42 -12.36 -37.96
N ILE B 139 -59.13 -12.25 -38.26
CA ILE B 139 -58.20 -13.35 -38.06
C ILE B 139 -56.98 -12.82 -37.31
N VAL B 140 -56.67 -13.43 -36.17
CA VAL B 140 -55.52 -13.02 -35.36
C VAL B 140 -54.44 -14.09 -35.44
N ALA B 141 -53.25 -13.68 -35.87
CA ALA B 141 -52.15 -14.62 -36.02
C ALA B 141 -51.68 -15.16 -34.68
N ALA B 142 -51.30 -16.43 -34.68
CA ALA B 142 -50.82 -17.07 -33.47
C ALA B 142 -49.82 -16.18 -32.76
N ASN B 143 -49.68 -16.37 -31.45
CA ASN B 143 -48.72 -15.61 -30.68
C ASN B 143 -48.79 -14.11 -30.86
N SER B 144 -50.00 -13.57 -30.88
CA SER B 144 -50.18 -12.13 -31.00
C SER B 144 -50.58 -11.61 -29.61
N VAL B 145 -50.50 -10.29 -29.43
CA VAL B 145 -50.91 -9.66 -28.17
C VAL B 145 -51.81 -8.50 -28.58
N VAL B 146 -53.10 -8.62 -28.29
CA VAL B 146 -54.05 -7.57 -28.65
C VAL B 146 -54.25 -6.50 -27.58
N VAL B 147 -53.69 -5.33 -27.84
CA VAL B 147 -53.80 -4.23 -26.93
C VAL B 147 -54.84 -3.21 -27.43
N LYS B 148 -55.31 -3.39 -28.66
CA LYS B 148 -56.30 -2.47 -29.24
C LYS B 148 -57.28 -3.16 -30.21
N ASP B 149 -58.39 -2.49 -30.48
CA ASP B 149 -59.44 -3.00 -31.36
C ASP B 149 -58.97 -3.41 -32.73
N ILE B 150 -59.73 -4.31 -33.34
CA ILE B 150 -59.43 -4.84 -34.65
C ILE B 150 -60.68 -4.78 -35.52
N ALA B 151 -60.60 -4.07 -36.63
CA ALA B 151 -61.75 -3.95 -37.52
C ALA B 151 -62.19 -5.33 -38.00
N PRO B 152 -63.40 -5.43 -38.56
CA PRO B 152 -63.98 -6.67 -39.08
C PRO B 152 -63.29 -7.17 -40.33
N TYR B 153 -63.19 -8.49 -40.44
CA TYR B 153 -62.57 -9.16 -41.59
C TYR B 153 -61.18 -8.69 -41.92
N MET B 154 -60.40 -8.47 -40.86
CA MET B 154 -59.02 -8.01 -40.96
C MET B 154 -58.10 -9.09 -40.40
N LEU B 155 -56.92 -9.21 -41.00
CA LEU B 155 -55.93 -10.15 -40.50
C LEU B 155 -54.94 -9.31 -39.71
N ALA B 156 -54.76 -9.61 -38.43
CA ALA B 156 -53.85 -8.86 -37.58
C ALA B 156 -52.86 -9.80 -36.92
N GLY B 157 -51.71 -9.26 -36.53
CA GLY B 157 -50.73 -10.09 -35.89
C GLY B 157 -49.66 -9.24 -35.22
N GLY B 158 -48.90 -9.84 -34.32
CA GLY B 158 -47.83 -9.10 -33.66
C GLY B 158 -48.04 -8.80 -32.18
N ASN B 159 -47.02 -8.18 -31.60
CA ASN B 159 -47.04 -7.80 -30.20
C ASN B 159 -46.41 -6.42 -30.09
N PRO B 160 -47.24 -5.35 -30.08
CA PRO B 160 -48.70 -5.34 -30.15
C PRO B 160 -49.20 -5.73 -31.53
N ALA B 161 -50.35 -6.38 -31.57
CA ALA B 161 -50.93 -6.80 -32.83
C ALA B 161 -51.40 -5.59 -33.64
N ASN B 162 -51.15 -5.63 -34.93
CA ASN B 162 -51.53 -4.56 -35.83
C ASN B 162 -52.26 -5.18 -36.99
N GLU B 163 -53.14 -4.42 -37.61
CA GLU B 163 -53.88 -4.91 -38.76
C GLU B 163 -52.87 -4.97 -39.92
N ILE B 164 -52.85 -6.09 -40.63
CA ILE B 164 -51.92 -6.26 -41.74
C ILE B 164 -52.61 -5.97 -43.08
N LYS B 165 -53.68 -6.69 -43.39
CA LYS B 165 -54.40 -6.46 -44.63
C LYS B 165 -55.86 -6.91 -44.55
N GLN B 166 -56.72 -6.31 -45.37
CA GLN B 166 -58.14 -6.67 -45.38
C GLN B 166 -58.27 -8.05 -45.96
N ARG B 167 -59.13 -8.88 -45.37
CA ARG B 167 -59.31 -10.24 -45.84
C ARG B 167 -59.92 -10.26 -47.26
N PHE B 168 -60.82 -9.31 -47.53
CA PHE B 168 -61.46 -9.18 -48.84
C PHE B 168 -61.71 -7.70 -49.13
N ASP B 169 -62.11 -7.42 -50.38
CA ASP B 169 -62.39 -6.05 -50.80
C ASP B 169 -63.58 -5.52 -50.01
N GLN B 170 -63.55 -4.22 -49.74
CA GLN B 170 -64.61 -3.58 -48.98
C GLN B 170 -65.95 -4.11 -49.42
N ASP B 171 -66.17 -4.11 -50.72
CA ASP B 171 -67.43 -4.60 -51.30
C ASP B 171 -67.88 -5.85 -50.54
N THR B 172 -67.13 -6.94 -50.73
CA THR B 172 -67.46 -8.20 -50.07
C THR B 172 -67.77 -8.02 -48.59
N ILE B 173 -66.86 -7.40 -47.85
CA ILE B 173 -67.08 -7.17 -46.42
C ILE B 173 -68.40 -6.47 -46.08
N ASN B 174 -68.70 -5.38 -46.79
CA ASN B 174 -69.93 -4.63 -46.55
C ASN B 174 -71.15 -5.54 -46.67
N GLN B 175 -71.14 -6.38 -47.70
CA GLN B 175 -72.23 -7.31 -47.91
C GLN B 175 -72.19 -8.38 -46.84
N LEU B 176 -70.98 -8.79 -46.45
CA LEU B 176 -70.84 -9.82 -45.44
C LEU B 176 -71.34 -9.31 -44.10
N LEU B 177 -70.93 -8.10 -43.72
CA LEU B 177 -71.38 -7.54 -42.47
C LEU B 177 -72.87 -7.31 -42.58
N ASP B 178 -73.34 -7.20 -43.82
CA ASP B 178 -74.74 -6.97 -44.11
C ASP B 178 -75.64 -8.20 -43.93
N ILE B 179 -75.23 -9.32 -44.54
CA ILE B 179 -75.98 -10.58 -44.49
C ILE B 179 -76.10 -11.21 -43.09
N LYS B 180 -74.98 -11.29 -42.37
CA LYS B 180 -74.94 -11.86 -41.03
C LYS B 180 -75.42 -13.29 -40.96
N TRP B 181 -74.82 -14.17 -41.76
CA TRP B 181 -75.24 -15.57 -41.76
C TRP B 181 -75.16 -16.21 -40.37
N TRP B 182 -74.31 -15.69 -39.49
CA TRP B 182 -74.21 -16.28 -38.17
C TRP B 182 -75.51 -16.11 -37.40
N ASN B 183 -76.36 -15.19 -37.85
CA ASN B 183 -77.61 -14.94 -37.17
C ASN B 183 -78.81 -15.72 -37.69
N TRP B 184 -78.66 -16.32 -38.88
CA TRP B 184 -79.71 -17.10 -39.52
C TRP B 184 -80.07 -18.34 -38.72
N PRO B 185 -81.29 -18.87 -38.91
CA PRO B 185 -81.71 -20.09 -38.21
C PRO B 185 -80.81 -21.22 -38.69
N ILE B 186 -80.30 -22.03 -37.76
CA ILE B 186 -79.39 -23.09 -38.15
C ILE B 186 -79.81 -23.87 -39.38
N ASP B 187 -81.09 -24.23 -39.46
CA ASP B 187 -81.58 -25.02 -40.58
C ASP B 187 -81.40 -24.32 -41.92
N ILE B 188 -81.32 -23.00 -41.94
CA ILE B 188 -81.07 -22.29 -43.19
C ILE B 188 -79.57 -22.31 -43.44
N ILE B 189 -78.80 -22.23 -42.36
CA ILE B 189 -77.34 -22.26 -42.46
C ILE B 189 -76.91 -23.65 -42.91
N ASN B 190 -77.61 -24.67 -42.44
CA ASN B 190 -77.27 -26.05 -42.78
C ASN B 190 -77.33 -26.27 -44.28
N GLU B 191 -78.14 -25.50 -44.97
CA GLU B 191 -78.28 -25.66 -46.40
C GLU B 191 -77.33 -24.79 -47.21
N ASN B 192 -76.55 -23.95 -46.53
CA ASN B 192 -75.63 -23.07 -47.23
C ASN B 192 -74.19 -23.09 -46.72
N ILE B 193 -73.85 -24.08 -45.91
CA ILE B 193 -72.48 -24.17 -45.39
C ILE B 193 -71.48 -24.07 -46.53
N ASP B 194 -71.85 -24.62 -47.68
CA ASP B 194 -70.96 -24.59 -48.83
C ASP B 194 -70.73 -23.19 -49.35
N LYS B 195 -71.81 -22.43 -49.47
CA LYS B 195 -71.71 -21.07 -49.97
C LYS B 195 -71.07 -20.13 -48.93
N ILE B 196 -71.17 -20.52 -47.66
CA ILE B 196 -70.60 -19.72 -46.58
C ILE B 196 -69.10 -19.93 -46.51
N LEU B 197 -68.65 -21.13 -46.88
CA LEU B 197 -67.23 -21.49 -46.86
C LEU B 197 -66.45 -20.88 -48.01
N ASP B 198 -67.14 -20.57 -49.10
CA ASP B 198 -66.46 -19.99 -50.24
C ASP B 198 -66.99 -18.59 -50.55
N ASN B 199 -67.71 -18.01 -49.61
CA ASN B 199 -68.22 -16.66 -49.75
C ASN B 199 -69.26 -16.36 -50.81
N SER B 200 -69.75 -17.37 -51.52
CA SER B 200 -70.75 -17.13 -52.56
C SER B 200 -72.14 -16.81 -52.01
N ILE B 201 -72.33 -17.01 -50.71
CA ILE B 201 -73.62 -16.71 -50.09
C ILE B 201 -74.03 -15.25 -50.37
N ILE B 202 -73.05 -14.43 -50.73
CA ILE B 202 -73.29 -13.00 -51.01
C ILE B 202 -74.21 -12.77 -52.22
N ARG B 203 -74.13 -13.67 -53.20
CA ARG B 203 -74.93 -13.59 -54.43
C ARG B 203 -76.30 -14.22 -54.28
N GLU B 204 -76.41 -15.17 -53.37
CA GLU B 204 -77.66 -15.84 -53.13
C GLU B 204 -78.51 -14.94 -52.22
N VAL B 205 -78.07 -14.82 -50.97
CA VAL B 205 -78.74 -14.02 -49.94
C VAL B 205 -79.89 -13.17 -50.48
N MET C 1 -11.95 -36.08 -34.72
CA MET C 1 -11.98 -35.27 -33.47
C MET C 1 -13.31 -34.53 -33.39
N GLY C 2 -13.82 -34.39 -32.17
CA GLY C 2 -15.08 -33.73 -31.97
C GLY C 2 -16.08 -34.80 -31.59
N PRO C 3 -17.36 -34.44 -31.37
CA PRO C 3 -18.36 -35.44 -30.99
C PRO C 3 -18.78 -36.34 -32.15
N ASN C 4 -19.57 -37.36 -31.82
CA ASN C 4 -20.09 -38.29 -32.82
C ASN C 4 -21.45 -37.72 -33.20
N PRO C 5 -21.57 -37.14 -34.40
CA PRO C 5 -22.85 -36.56 -34.82
C PRO C 5 -24.07 -37.50 -34.91
N MET C 6 -23.88 -38.79 -34.61
CA MET C 6 -24.98 -39.76 -34.66
C MET C 6 -25.54 -40.05 -33.28
N LYS C 7 -24.85 -39.60 -32.25
CA LYS C 7 -25.29 -39.81 -30.89
C LYS C 7 -26.42 -38.84 -30.56
N MET C 8 -27.47 -39.34 -29.89
CA MET C 8 -28.60 -38.50 -29.49
C MET C 8 -28.04 -37.48 -28.53
N TYR C 9 -27.26 -37.96 -27.56
CA TYR C 9 -26.67 -37.11 -26.53
C TYR C 9 -25.14 -37.07 -26.62
N PRO C 10 -24.59 -36.03 -27.25
CA PRO C 10 -23.14 -35.91 -27.39
C PRO C 10 -22.42 -35.76 -26.06
N ILE C 11 -22.77 -34.73 -25.30
CA ILE C 11 -22.15 -34.49 -24.00
C ILE C 11 -22.47 -35.64 -23.08
N GLU C 12 -21.45 -36.20 -22.43
CA GLU C 12 -21.70 -37.32 -21.55
C GLU C 12 -22.32 -36.83 -20.25
N GLY C 13 -23.07 -37.73 -19.61
CA GLY C 13 -23.74 -37.39 -18.38
C GLY C 13 -24.45 -36.06 -18.53
N ASN C 14 -25.16 -35.89 -19.65
CA ASN C 14 -25.91 -34.66 -19.94
C ASN C 14 -27.03 -34.95 -20.94
N LYS C 15 -28.19 -35.33 -20.43
CA LYS C 15 -29.34 -35.66 -21.29
C LYS C 15 -30.14 -34.42 -21.71
N SER C 16 -29.49 -33.26 -21.73
CA SER C 16 -30.16 -32.02 -22.09
C SER C 16 -29.83 -31.55 -23.49
N VAL C 17 -28.55 -31.59 -23.84
CA VAL C 17 -28.10 -31.17 -25.16
C VAL C 17 -28.19 -32.40 -26.06
N GLN C 18 -28.91 -32.27 -27.17
CA GLN C 18 -29.04 -33.39 -28.09
C GLN C 18 -28.74 -33.02 -29.52
N PHE C 19 -28.32 -34.02 -30.31
CA PHE C 19 -28.02 -33.81 -31.72
C PHE C 19 -29.31 -34.13 -32.45
N ILE C 20 -29.84 -33.13 -33.13
CA ILE C 20 -31.10 -33.25 -33.87
C ILE C 20 -31.18 -34.32 -34.96
N LYS C 21 -30.16 -34.41 -35.81
CA LYS C 21 -30.16 -35.39 -36.89
C LYS C 21 -30.60 -36.79 -36.46
N PRO C 22 -29.92 -37.37 -35.45
CA PRO C 22 -30.33 -38.71 -35.03
C PRO C 22 -31.83 -38.80 -34.73
N ILE C 23 -32.33 -37.85 -33.95
CA ILE C 23 -33.74 -37.82 -33.56
C ILE C 23 -34.77 -37.66 -34.68
N LEU C 24 -34.50 -36.80 -35.64
CA LEU C 24 -35.47 -36.55 -36.71
C LEU C 24 -35.28 -37.37 -37.98
N GLU C 25 -34.25 -38.20 -38.01
CA GLU C 25 -33.99 -38.99 -39.20
C GLU C 25 -35.02 -40.06 -39.56
N LYS C 26 -35.72 -40.59 -38.58
CA LYS C 26 -36.74 -41.59 -38.85
C LYS C 26 -37.88 -40.87 -39.58
N LEU C 27 -38.03 -39.57 -39.34
CA LEU C 27 -39.10 -38.80 -39.96
C LEU C 27 -39.07 -38.53 -41.46
N GLU C 28 -40.28 -38.42 -42.01
CA GLU C 28 -40.54 -38.16 -43.43
C GLU C 28 -40.72 -36.66 -43.69
N ASN C 29 -40.29 -36.22 -44.86
CA ASN C 29 -40.40 -34.81 -45.22
C ASN C 29 -39.57 -33.94 -44.23
N VAL C 30 -38.46 -34.49 -43.75
CA VAL C 30 -37.58 -33.79 -42.81
C VAL C 30 -36.09 -34.08 -42.99
N GLU C 31 -35.30 -33.04 -43.25
CA GLU C 31 -33.85 -33.21 -43.39
C GLU C 31 -33.13 -32.28 -42.41
N VAL C 32 -32.15 -32.84 -41.69
CA VAL C 32 -31.38 -32.11 -40.70
C VAL C 32 -29.89 -32.18 -40.99
N GLY C 33 -29.17 -31.11 -40.64
CA GLY C 33 -27.73 -31.07 -40.88
C GLY C 33 -26.91 -31.83 -39.84
N GLU C 34 -25.64 -32.10 -40.18
CA GLU C 34 -24.72 -32.83 -39.32
C GLU C 34 -24.68 -32.47 -37.84
N TYR C 35 -23.97 -31.39 -37.53
CA TYR C 35 -23.77 -31.00 -36.14
C TYR C 35 -24.72 -30.03 -35.44
N SER C 36 -25.94 -29.88 -35.96
CA SER C 36 -26.90 -28.97 -35.34
C SER C 36 -27.54 -29.57 -34.08
N TYR C 37 -27.61 -28.78 -33.01
CA TYR C 37 -28.16 -29.27 -31.75
C TYR C 37 -29.29 -28.44 -31.18
N TYR C 38 -29.96 -29.03 -30.18
CA TYR C 38 -31.07 -28.42 -29.47
C TYR C 38 -30.83 -28.52 -27.97
N ASP C 39 -30.99 -27.41 -27.27
CA ASP C 39 -30.80 -27.38 -25.82
C ASP C 39 -32.20 -27.55 -25.21
N SER C 40 -32.54 -28.77 -24.84
CA SER C 40 -33.85 -29.05 -24.26
C SER C 40 -34.25 -28.14 -23.10
N LYS C 41 -35.53 -27.78 -23.05
CA LYS C 41 -36.09 -26.93 -22.02
C LYS C 41 -36.41 -27.76 -20.77
N ASN C 42 -37.29 -28.73 -20.92
CA ASN C 42 -37.65 -29.59 -19.80
C ASN C 42 -37.29 -31.04 -20.07
N GLY C 43 -36.32 -31.27 -20.95
CA GLY C 43 -35.92 -32.62 -21.26
C GLY C 43 -36.70 -33.25 -22.38
N GLU C 44 -37.45 -32.44 -23.13
CA GLU C 44 -38.22 -32.94 -24.26
C GLU C 44 -37.33 -33.06 -25.50
N THR C 45 -37.60 -34.06 -26.34
CA THR C 45 -36.82 -34.21 -27.56
C THR C 45 -37.36 -33.25 -28.62
N PHE C 46 -36.47 -32.74 -29.46
CA PHE C 46 -36.85 -31.78 -30.49
C PHE C 46 -38.01 -32.17 -31.39
N ASP C 47 -38.28 -33.46 -31.52
CA ASP C 47 -39.37 -33.86 -32.39
C ASP C 47 -40.70 -33.36 -31.85
N LYS C 48 -40.78 -33.12 -30.54
CA LYS C 48 -42.03 -32.65 -29.94
C LYS C 48 -42.18 -31.14 -30.10
N GLN C 49 -41.17 -30.53 -30.69
CA GLN C 49 -41.17 -29.08 -30.93
C GLN C 49 -41.64 -28.73 -32.34
N ILE C 50 -41.96 -29.75 -33.13
CA ILE C 50 -42.44 -29.56 -34.49
C ILE C 50 -43.92 -29.85 -34.50
N LEU C 51 -44.72 -28.80 -34.68
CA LEU C 51 -46.17 -28.95 -34.66
C LEU C 51 -46.90 -28.90 -36.01
N TYR C 52 -47.99 -29.66 -36.06
CA TYR C 52 -48.86 -29.75 -37.22
C TYR C 52 -48.16 -30.16 -38.52
N HIS C 53 -47.36 -31.24 -38.47
CA HIS C 53 -46.68 -31.71 -39.67
C HIS C 53 -47.29 -33.02 -40.14
N TYR C 54 -48.21 -32.93 -41.11
CA TYR C 54 -48.86 -34.11 -41.68
C TYR C 54 -48.30 -34.39 -43.07
N PRO C 55 -47.78 -35.60 -43.30
CA PRO C 55 -47.23 -35.92 -44.61
C PRO C 55 -48.16 -35.58 -45.77
N ILE C 56 -49.46 -35.78 -45.56
CA ILE C 56 -50.45 -35.51 -46.60
C ILE C 56 -50.29 -34.15 -47.28
N LEU C 57 -49.95 -33.13 -46.51
CA LEU C 57 -49.77 -31.77 -47.03
C LEU C 57 -48.49 -31.66 -47.82
N ASN C 58 -47.57 -32.57 -47.56
CA ASN C 58 -46.30 -32.60 -48.26
C ASN C 58 -45.34 -31.42 -48.08
N ASP C 59 -45.49 -30.66 -47.00
CA ASP C 59 -44.58 -29.54 -46.79
C ASP C 59 -43.37 -30.11 -46.08
N LYS C 60 -42.19 -29.60 -46.44
CA LYS C 60 -40.96 -30.09 -45.86
C LYS C 60 -40.27 -29.09 -44.96
N LEU C 61 -39.46 -29.63 -44.05
CA LEU C 61 -38.68 -28.83 -43.13
C LEU C 61 -37.21 -29.19 -43.34
N LYS C 62 -36.38 -28.17 -43.51
CA LYS C 62 -34.97 -28.40 -43.70
C LYS C 62 -34.11 -27.56 -42.75
N ILE C 63 -33.18 -28.22 -42.06
CA ILE C 63 -32.27 -27.54 -41.15
C ILE C 63 -30.84 -27.89 -41.56
N GLY C 64 -30.00 -26.86 -41.65
CA GLY C 64 -28.63 -27.04 -42.08
C GLY C 64 -27.65 -27.65 -41.10
N LYS C 65 -26.37 -27.31 -41.31
CA LYS C 65 -25.28 -27.80 -40.48
C LYS C 65 -24.79 -26.76 -39.49
N PHE C 66 -24.44 -27.23 -38.30
CA PHE C 66 -23.91 -26.37 -37.27
C PHE C 66 -24.88 -25.30 -36.80
N CYS C 67 -26.10 -25.74 -36.47
CA CYS C 67 -27.11 -24.82 -35.98
C CYS C 67 -27.27 -24.95 -34.47
N SER C 68 -27.40 -23.81 -33.80
CA SER C 68 -27.58 -23.75 -32.34
C SER C 68 -29.03 -23.32 -32.11
N ILE C 69 -29.84 -24.24 -31.62
CA ILE C 69 -31.27 -23.98 -31.36
C ILE C 69 -31.62 -23.96 -29.87
N GLY C 70 -31.98 -22.78 -29.38
CA GLY C 70 -32.33 -22.61 -27.98
C GLY C 70 -33.53 -23.37 -27.48
N PRO C 71 -33.67 -23.54 -26.16
CA PRO C 71 -34.84 -24.27 -25.67
C PRO C 71 -36.14 -23.55 -25.94
N GLY C 72 -37.21 -24.32 -26.15
CA GLY C 72 -38.51 -23.75 -26.39
C GLY C 72 -38.90 -23.41 -27.82
N VAL C 73 -37.92 -23.41 -28.72
CA VAL C 73 -38.19 -23.09 -30.12
C VAL C 73 -39.31 -23.96 -30.64
N THR C 74 -40.29 -23.33 -31.30
CA THR C 74 -41.43 -24.05 -31.85
C THR C 74 -41.50 -23.86 -33.35
N ILE C 75 -41.55 -24.97 -34.07
CA ILE C 75 -41.65 -24.91 -35.52
C ILE C 75 -43.07 -25.28 -35.94
N ILE C 76 -43.82 -24.30 -36.44
CA ILE C 76 -45.20 -24.54 -36.85
C ILE C 76 -45.29 -24.84 -38.36
N MET C 77 -45.78 -26.03 -38.70
CA MET C 77 -45.88 -26.38 -40.11
C MET C 77 -47.24 -25.95 -40.67
N ASN C 78 -47.65 -26.49 -41.81
CA ASN C 78 -48.90 -26.06 -42.42
C ASN C 78 -50.19 -26.77 -42.00
N GLY C 79 -50.10 -27.70 -41.06
CA GLY C 79 -51.28 -28.44 -40.67
C GLY C 79 -52.32 -27.68 -39.88
N ALA C 80 -52.01 -26.49 -39.40
CA ALA C 80 -52.97 -25.75 -38.59
C ALA C 80 -53.75 -24.69 -39.35
N ASN C 81 -53.27 -24.34 -40.53
CA ASN C 81 -53.95 -23.33 -41.34
C ASN C 81 -55.42 -23.71 -41.59
N HIS C 82 -56.29 -22.72 -41.51
CA HIS C 82 -57.71 -22.93 -41.75
C HIS C 82 -58.03 -22.43 -43.15
N ARG C 83 -59.03 -23.04 -43.78
CA ARG C 83 -59.44 -22.62 -45.11
C ARG C 83 -59.94 -21.18 -44.90
N MET C 84 -59.48 -20.24 -45.73
CA MET C 84 -59.87 -18.86 -45.50
C MET C 84 -60.54 -18.08 -46.62
N ASP C 85 -60.95 -18.72 -47.71
CA ASP C 85 -61.61 -17.97 -48.77
C ASP C 85 -63.02 -17.58 -48.35
N GLY C 86 -63.45 -18.09 -47.21
CA GLY C 86 -64.78 -17.79 -46.70
C GLY C 86 -64.77 -17.78 -45.18
N SER C 87 -65.71 -18.50 -44.57
CA SER C 87 -65.77 -18.57 -43.11
C SER C 87 -64.64 -19.49 -42.66
N THR C 88 -63.87 -19.06 -41.67
CA THR C 88 -62.76 -19.89 -41.19
C THR C 88 -63.17 -20.95 -40.17
N TYR C 89 -64.48 -21.20 -40.04
CA TYR C 89 -65.01 -22.19 -39.09
C TYR C 89 -64.98 -23.61 -39.63
N PRO C 90 -64.30 -24.52 -38.92
CA PRO C 90 -64.18 -25.92 -39.32
C PRO C 90 -65.42 -26.77 -39.09
N PHE C 91 -66.44 -26.58 -39.92
CA PHE C 91 -67.69 -27.33 -39.78
C PHE C 91 -67.46 -28.84 -39.87
N ASN C 92 -66.65 -29.23 -40.85
CA ASN C 92 -66.37 -30.65 -41.11
C ASN C 92 -65.81 -31.41 -39.91
N LEU C 93 -65.28 -30.68 -38.95
CA LEU C 93 -64.68 -31.30 -37.77
C LEU C 93 -65.68 -31.82 -36.73
N PHE C 94 -66.93 -31.38 -36.80
CA PHE C 94 -67.93 -31.77 -35.81
C PHE C 94 -68.95 -32.84 -36.16
N GLY C 95 -68.75 -33.55 -37.27
CA GLY C 95 -69.67 -34.59 -37.67
C GLY C 95 -71.14 -34.21 -37.63
N ASN C 96 -72.00 -35.20 -37.37
CA ASN C 96 -73.44 -34.99 -37.31
C ASN C 96 -73.97 -34.42 -38.62
N GLY C 97 -73.32 -34.78 -39.72
CA GLY C 97 -73.76 -34.30 -41.02
C GLY C 97 -72.90 -33.21 -41.61
N TRP C 98 -71.99 -32.66 -40.82
CA TRP C 98 -71.11 -31.61 -41.32
C TRP C 98 -69.88 -32.24 -41.92
N GLU C 99 -69.71 -33.52 -41.62
CA GLU C 99 -68.61 -34.32 -42.09
C GLU C 99 -68.35 -34.17 -43.61
N LYS C 100 -69.44 -34.05 -44.39
CA LYS C 100 -69.34 -33.94 -45.83
C LYS C 100 -68.71 -32.65 -46.35
N HIS C 101 -68.51 -31.69 -45.45
CA HIS C 101 -67.94 -30.40 -45.83
C HIS C 101 -66.43 -30.33 -45.63
N MET C 102 -65.80 -31.48 -45.68
CA MET C 102 -64.35 -31.60 -45.54
C MET C 102 -63.76 -30.76 -46.67
N PRO C 103 -62.66 -30.04 -46.41
CA PRO C 103 -62.06 -29.22 -47.47
C PRO C 103 -61.31 -30.04 -48.51
N LYS C 104 -61.01 -29.41 -49.65
CA LYS C 104 -60.29 -30.09 -50.72
C LYS C 104 -58.81 -29.76 -50.57
N LEU C 105 -57.96 -30.76 -50.66
CA LEU C 105 -56.52 -30.54 -50.52
C LEU C 105 -56.02 -29.23 -51.13
N ASP C 106 -56.50 -28.89 -52.31
CA ASP C 106 -56.05 -27.66 -52.97
C ASP C 106 -56.86 -26.45 -52.52
N GLN C 107 -57.65 -26.63 -51.48
CA GLN C 107 -58.46 -25.53 -50.94
C GLN C 107 -57.82 -25.05 -49.65
N LEU C 108 -56.86 -25.83 -49.14
CA LEU C 108 -56.16 -25.44 -47.92
C LEU C 108 -55.00 -24.54 -48.33
N PRO C 109 -54.74 -23.47 -47.56
CA PRO C 109 -53.62 -22.60 -47.95
C PRO C 109 -52.28 -23.15 -47.48
N ILE C 110 -51.44 -23.54 -48.44
CA ILE C 110 -50.12 -24.03 -48.07
C ILE C 110 -49.14 -22.90 -48.31
N LYS C 111 -48.23 -22.68 -47.36
CA LYS C 111 -47.24 -21.61 -47.47
C LYS C 111 -45.87 -22.02 -48.00
N GLY C 112 -45.66 -23.32 -48.21
CA GLY C 112 -44.37 -23.77 -48.69
C GLY C 112 -43.56 -24.44 -47.59
N ASP C 113 -42.33 -24.82 -47.91
CA ASP C 113 -41.47 -25.48 -46.94
C ASP C 113 -40.78 -24.51 -46.00
N THR C 114 -40.34 -25.02 -44.86
CA THR C 114 -39.62 -24.23 -43.89
C THR C 114 -38.16 -24.63 -44.06
N ILE C 115 -37.32 -23.64 -44.33
CA ILE C 115 -35.91 -23.88 -44.54
C ILE C 115 -35.03 -23.02 -43.64
N ILE C 116 -34.24 -23.69 -42.82
CA ILE C 116 -33.32 -23.02 -41.91
C ILE C 116 -31.89 -23.35 -42.37
N GLY C 117 -31.12 -22.32 -42.74
CA GLY C 117 -29.76 -22.51 -43.22
C GLY C 117 -28.73 -23.09 -42.26
N ASN C 118 -27.45 -22.88 -42.58
CA ASN C 118 -26.36 -23.37 -41.74
C ASN C 118 -25.79 -22.26 -40.89
N ASP C 119 -25.22 -22.66 -39.75
CA ASP C 119 -24.62 -21.73 -38.79
C ASP C 119 -25.66 -20.74 -38.26
N VAL C 120 -26.91 -21.17 -38.15
CA VAL C 120 -27.95 -20.29 -37.64
C VAL C 120 -28.06 -20.44 -36.14
N TRP C 121 -28.37 -19.34 -35.45
CA TRP C 121 -28.54 -19.36 -34.01
C TRP C 121 -29.94 -18.92 -33.67
N ILE C 122 -30.71 -19.80 -33.07
CA ILE C 122 -32.05 -19.38 -32.72
C ILE C 122 -32.15 -19.28 -31.19
N GLY C 123 -32.46 -18.08 -30.71
CA GLY C 123 -32.59 -17.83 -29.28
C GLY C 123 -33.69 -18.69 -28.68
N LYS C 124 -33.91 -18.58 -27.37
CA LYS C 124 -34.94 -19.41 -26.77
C LYS C 124 -36.37 -18.89 -26.88
N ASP C 125 -37.29 -19.85 -27.02
CA ASP C 125 -38.73 -19.61 -27.14
C ASP C 125 -39.18 -18.94 -28.43
N VAL C 126 -38.40 -19.11 -29.49
CA VAL C 126 -38.73 -18.54 -30.78
C VAL C 126 -39.77 -19.43 -31.45
N VAL C 127 -40.71 -18.79 -32.13
CA VAL C 127 -41.77 -19.50 -32.83
C VAL C 127 -41.56 -19.21 -34.30
N ILE C 128 -41.41 -20.25 -35.10
CA ILE C 128 -41.21 -20.06 -36.54
C ILE C 128 -42.45 -20.46 -37.30
N MET C 129 -43.04 -19.50 -38.02
CA MET C 129 -44.25 -19.75 -38.78
C MET C 129 -43.98 -20.45 -40.11
N PRO C 130 -45.02 -21.05 -40.70
CA PRO C 130 -44.90 -21.78 -41.97
C PRO C 130 -44.33 -21.04 -43.17
N GLY C 131 -43.58 -21.79 -43.99
CA GLY C 131 -42.99 -21.27 -45.21
C GLY C 131 -41.94 -20.19 -45.06
N VAL C 132 -41.18 -20.24 -43.97
CA VAL C 132 -40.14 -19.25 -43.72
C VAL C 132 -38.76 -19.79 -44.11
N LYS C 133 -37.86 -18.87 -44.42
CA LYS C 133 -36.49 -19.21 -44.77
C LYS C 133 -35.56 -18.27 -44.01
N ILE C 134 -34.59 -18.86 -43.34
CA ILE C 134 -33.62 -18.10 -42.59
C ILE C 134 -32.26 -18.48 -43.18
N GLY C 135 -31.64 -17.52 -43.85
CA GLY C 135 -30.35 -17.76 -44.48
C GLY C 135 -29.23 -18.08 -43.51
N ASP C 136 -28.12 -18.59 -44.02
CA ASP C 136 -27.00 -18.95 -43.18
C ASP C 136 -26.41 -17.79 -42.40
N GLY C 137 -25.71 -18.12 -41.33
CA GLY C 137 -25.08 -17.13 -40.49
C GLY C 137 -26.01 -16.14 -39.79
N ALA C 138 -27.31 -16.38 -39.86
CA ALA C 138 -28.28 -15.47 -39.22
C ALA C 138 -28.43 -15.69 -37.71
N ILE C 139 -28.86 -14.64 -37.02
CA ILE C 139 -29.06 -14.72 -35.59
C ILE C 139 -30.47 -14.22 -35.30
N VAL C 140 -31.30 -15.06 -34.69
CA VAL C 140 -32.67 -14.67 -34.36
C VAL C 140 -32.80 -14.52 -32.86
N ALA C 141 -33.04 -13.28 -32.42
CA ALA C 141 -33.16 -13.01 -30.99
C ALA C 141 -34.22 -13.85 -30.29
N ALA C 142 -34.05 -14.04 -28.99
CA ALA C 142 -34.97 -14.85 -28.20
C ALA C 142 -36.37 -14.28 -28.23
N ASN C 143 -37.36 -15.17 -28.04
CA ASN C 143 -38.77 -14.79 -28.01
C ASN C 143 -39.29 -14.05 -29.22
N SER C 144 -38.73 -14.37 -30.38
CA SER C 144 -39.14 -13.76 -31.63
C SER C 144 -40.15 -14.65 -32.34
N VAL C 145 -40.87 -14.07 -33.28
CA VAL C 145 -41.86 -14.79 -34.07
C VAL C 145 -41.47 -14.50 -35.52
N VAL C 146 -40.93 -15.49 -36.21
CA VAL C 146 -40.51 -15.31 -37.59
C VAL C 146 -41.66 -15.56 -38.57
N VAL C 147 -42.09 -14.50 -39.23
CA VAL C 147 -43.19 -14.58 -40.18
C VAL C 147 -42.75 -14.47 -41.65
N LYS C 148 -41.63 -13.79 -41.90
CA LYS C 148 -41.10 -13.66 -43.25
C LYS C 148 -39.65 -14.12 -43.25
N ASP C 149 -39.05 -14.30 -44.44
CA ASP C 149 -37.66 -14.76 -44.54
C ASP C 149 -36.66 -13.83 -43.87
N ILE C 150 -35.49 -14.37 -43.56
CA ILE C 150 -34.41 -13.62 -42.94
C ILE C 150 -33.16 -13.81 -43.82
N ALA C 151 -32.55 -12.70 -44.23
CA ALA C 151 -31.38 -12.75 -45.09
C ALA C 151 -30.17 -13.29 -44.35
N PRO C 152 -29.19 -13.86 -45.08
CA PRO C 152 -27.98 -14.41 -44.47
C PRO C 152 -27.21 -13.42 -43.59
N TYR C 153 -26.64 -13.95 -42.51
CA TYR C 153 -25.85 -13.19 -41.56
C TYR C 153 -26.50 -11.88 -41.12
N MET C 154 -27.81 -11.94 -40.94
CA MET C 154 -28.55 -10.78 -40.48
C MET C 154 -28.94 -11.07 -39.03
N LEU C 155 -29.21 -10.03 -38.27
CA LEU C 155 -29.63 -10.20 -36.90
C LEU C 155 -31.10 -9.79 -36.86
N ALA C 156 -31.98 -10.72 -36.51
CA ALA C 156 -33.41 -10.44 -36.48
C ALA C 156 -34.05 -10.70 -35.12
N GLY C 157 -35.10 -9.94 -34.83
CA GLY C 157 -35.83 -10.08 -33.58
C GLY C 157 -37.21 -9.42 -33.58
N GLY C 158 -37.95 -9.67 -32.51
CA GLY C 158 -39.29 -9.09 -32.38
C GLY C 158 -40.44 -9.99 -32.79
N ASN C 159 -41.64 -9.46 -32.66
CA ASN C 159 -42.88 -10.17 -33.00
C ASN C 159 -43.83 -9.21 -33.71
N PRO C 160 -43.87 -9.22 -35.07
CA PRO C 160 -43.12 -10.04 -36.03
C PRO C 160 -41.64 -9.67 -36.14
N ALA C 161 -40.79 -10.69 -36.14
CA ALA C 161 -39.36 -10.49 -36.22
C ALA C 161 -38.99 -9.65 -37.43
N ASN C 162 -38.06 -8.74 -37.25
CA ASN C 162 -37.60 -7.90 -38.34
C ASN C 162 -36.10 -7.97 -38.38
N GLU C 163 -35.52 -7.67 -39.55
CA GLU C 163 -34.08 -7.68 -39.68
C GLU C 163 -33.59 -6.40 -39.01
N ILE C 164 -32.76 -6.54 -37.97
CA ILE C 164 -32.28 -5.37 -37.25
C ILE C 164 -31.01 -4.77 -37.84
N LYS C 165 -30.05 -5.63 -38.18
CA LYS C 165 -28.79 -5.16 -38.70
C LYS C 165 -27.95 -6.30 -39.27
N GLN C 166 -27.09 -5.99 -40.24
CA GLN C 166 -26.23 -6.99 -40.83
C GLN C 166 -25.14 -7.32 -39.81
N ARG C 167 -24.70 -8.56 -39.75
CA ARG C 167 -23.66 -8.94 -38.78
C ARG C 167 -22.29 -8.43 -39.20
N PHE C 168 -22.05 -8.43 -40.51
CA PHE C 168 -20.82 -8.02 -41.15
C PHE C 168 -21.13 -7.19 -42.37
N ASP C 169 -20.07 -6.66 -42.97
CA ASP C 169 -20.21 -5.84 -44.16
C ASP C 169 -20.49 -6.69 -45.36
N GLN C 170 -21.24 -6.11 -46.21
CA GLN C 170 -21.63 -6.77 -47.42
C GLN C 170 -20.57 -7.86 -47.89
N ASP C 171 -19.36 -7.32 -48.29
CA ASP C 171 -18.13 -8.00 -48.85
C ASP C 171 -17.79 -9.33 -48.13
N THR C 172 -17.64 -9.19 -46.80
CA THR C 172 -17.37 -10.33 -45.96
C THR C 172 -18.52 -11.33 -46.13
N ILE C 173 -19.75 -10.89 -45.87
CA ILE C 173 -20.92 -11.76 -46.00
C ILE C 173 -20.94 -12.48 -47.34
N ASN C 174 -20.68 -11.74 -48.42
CA ASN C 174 -20.64 -12.30 -49.77
C ASN C 174 -19.61 -13.39 -49.74
N GLN C 175 -18.47 -13.05 -49.17
CA GLN C 175 -17.35 -13.96 -49.05
C GLN C 175 -17.72 -15.26 -48.37
N LEU C 176 -18.17 -15.16 -47.14
CA LEU C 176 -18.54 -16.33 -46.37
C LEU C 176 -19.60 -17.14 -47.08
N LEU C 177 -20.57 -16.48 -47.69
CA LEU C 177 -21.63 -17.21 -48.38
C LEU C 177 -20.99 -18.07 -49.43
N ASP C 178 -20.06 -17.48 -50.17
CA ASP C 178 -19.35 -18.21 -51.20
C ASP C 178 -18.48 -19.33 -50.61
N ILE C 179 -17.59 -19.00 -49.67
CA ILE C 179 -16.72 -20.00 -49.04
C ILE C 179 -17.46 -21.28 -48.59
N LYS C 180 -18.53 -21.13 -47.81
CA LYS C 180 -19.33 -22.27 -47.30
C LYS C 180 -18.56 -23.33 -46.52
N TRP C 181 -17.85 -22.90 -45.49
CA TRP C 181 -17.04 -23.83 -44.68
C TRP C 181 -17.79 -25.00 -44.09
N TRP C 182 -19.04 -24.79 -43.72
CA TRP C 182 -19.83 -25.86 -43.11
C TRP C 182 -19.95 -27.05 -44.04
N ASN C 183 -19.61 -26.83 -45.31
CA ASN C 183 -19.69 -27.90 -46.29
C ASN C 183 -18.35 -28.55 -46.58
N TRP C 184 -17.39 -28.35 -45.68
CA TRP C 184 -16.07 -28.94 -45.85
C TRP C 184 -16.03 -30.25 -45.09
N PRO C 185 -15.05 -31.11 -45.44
CA PRO C 185 -14.92 -32.40 -44.74
C PRO C 185 -14.57 -31.94 -43.34
N ILE C 186 -14.57 -32.84 -42.38
CA ILE C 186 -14.29 -32.41 -41.03
C ILE C 186 -12.81 -32.17 -40.70
N ASP C 187 -11.92 -32.98 -41.27
CA ASP C 187 -10.48 -32.85 -41.05
C ASP C 187 -10.04 -31.42 -41.26
N ILE C 188 -10.59 -30.80 -42.28
CA ILE C 188 -10.27 -29.43 -42.57
C ILE C 188 -10.95 -28.51 -41.58
N ILE C 189 -12.25 -28.68 -41.39
CA ILE C 189 -12.99 -27.85 -40.44
C ILE C 189 -12.30 -27.91 -39.08
N ASN C 190 -11.96 -29.13 -38.66
CA ASN C 190 -11.31 -29.35 -37.38
C ASN C 190 -9.99 -28.63 -37.20
N GLU C 191 -9.30 -28.38 -38.32
CA GLU C 191 -8.01 -27.73 -38.29
C GLU C 191 -8.10 -26.22 -38.35
N ASN C 192 -9.24 -25.70 -38.78
CA ASN C 192 -9.43 -24.26 -38.88
C ASN C 192 -10.54 -23.75 -37.99
N ILE C 193 -10.90 -24.51 -36.96
CA ILE C 193 -11.98 -24.10 -36.06
C ILE C 193 -11.75 -22.69 -35.50
N ASP C 194 -10.50 -22.32 -35.29
CA ASP C 194 -10.16 -21.01 -34.75
C ASP C 194 -10.34 -19.86 -35.73
N LYS C 195 -10.27 -20.16 -37.02
CA LYS C 195 -10.41 -19.11 -38.03
C LYS C 195 -11.86 -18.99 -38.43
N ILE C 196 -12.63 -20.00 -38.05
CA ILE C 196 -14.05 -20.00 -38.34
C ILE C 196 -14.64 -19.16 -37.20
N LEU C 197 -14.07 -19.33 -36.00
CA LEU C 197 -14.52 -18.62 -34.81
C LEU C 197 -14.14 -17.12 -34.72
N ASP C 198 -13.34 -16.59 -35.64
CA ASP C 198 -12.91 -15.18 -35.61
C ASP C 198 -13.06 -14.54 -36.99
N ASN C 199 -13.53 -15.34 -37.92
CA ASN C 199 -13.77 -14.93 -39.28
C ASN C 199 -12.56 -14.68 -40.17
N SER C 200 -11.36 -15.05 -39.74
CA SER C 200 -10.22 -14.81 -40.63
C SER C 200 -10.13 -15.88 -41.72
N ILE C 201 -10.82 -17.01 -41.51
CA ILE C 201 -10.82 -18.08 -42.50
C ILE C 201 -10.93 -17.50 -43.92
N ILE C 202 -11.52 -16.29 -44.01
CA ILE C 202 -11.68 -15.58 -45.28
C ILE C 202 -10.32 -15.26 -45.89
N ARG C 203 -9.52 -14.48 -45.16
CA ARG C 203 -8.20 -14.10 -45.65
C ARG C 203 -7.39 -15.32 -46.09
N GLU C 204 -7.58 -16.45 -45.43
CA GLU C 204 -6.85 -17.68 -45.79
C GLU C 204 -7.28 -18.19 -47.16
N VAL C 205 -8.57 -18.55 -47.25
CA VAL C 205 -9.15 -19.06 -48.49
C VAL C 205 -9.64 -17.93 -49.40
N ILE C 206 -8.71 -17.17 -49.97
CA ILE C 206 -9.04 -16.06 -50.88
C ILE C 206 -7.78 -15.47 -51.51
N MET D 1 48.26 44.18 -0.54
CA MET D 1 47.39 44.14 0.67
C MET D 1 47.52 42.84 1.46
N GLY D 2 47.49 42.96 2.78
CA GLY D 2 47.63 41.78 3.62
C GLY D 2 49.11 41.54 3.83
N PRO D 3 49.49 40.40 4.44
CA PRO D 3 50.90 40.09 4.69
C PRO D 3 51.51 39.23 3.59
N ASN D 4 52.84 39.11 3.60
CA ASN D 4 53.56 38.29 2.63
C ASN D 4 53.55 36.85 3.12
N PRO D 5 52.94 35.93 2.36
CA PRO D 5 52.90 34.54 2.79
C PRO D 5 54.28 33.93 3.10
N MET D 6 55.33 34.55 2.60
CA MET D 6 56.66 34.01 2.82
C MET D 6 57.25 34.45 4.15
N LYS D 7 56.71 35.52 4.71
CA LYS D 7 57.23 36.00 5.98
C LYS D 7 56.92 34.97 7.06
N MET D 8 57.98 34.41 7.64
CA MET D 8 57.87 33.41 8.71
C MET D 8 56.96 33.92 9.84
N TYR D 9 57.11 35.20 10.16
CA TYR D 9 56.31 35.82 11.21
C TYR D 9 55.48 36.97 10.65
N PRO D 10 54.26 36.66 10.21
CA PRO D 10 53.31 37.62 9.65
C PRO D 10 53.16 38.91 10.46
N ILE D 11 52.74 38.78 11.73
CA ILE D 11 52.50 39.93 12.60
C ILE D 11 53.76 40.53 13.25
N GLU D 12 53.89 41.85 13.17
CA GLU D 12 55.06 42.54 13.75
C GLU D 12 55.03 42.43 15.27
N GLY D 13 56.20 42.19 15.86
CA GLY D 13 56.28 42.05 17.31
C GLY D 13 55.33 40.96 17.80
N ASN D 14 55.63 39.72 17.43
CA ASN D 14 54.82 38.57 17.81
C ASN D 14 55.46 37.30 17.29
N LYS D 15 56.17 36.57 18.16
CA LYS D 15 56.81 35.34 17.75
C LYS D 15 55.99 34.10 18.11
N SER D 16 54.69 34.27 18.23
CA SER D 16 53.79 33.17 18.55
C SER D 16 53.13 32.67 17.27
N VAL D 17 52.41 33.56 16.59
CA VAL D 17 51.74 33.24 15.34
C VAL D 17 52.79 33.25 14.22
N GLN D 18 52.81 32.21 13.38
CA GLN D 18 53.78 32.13 12.29
C GLN D 18 53.21 31.44 11.05
N PHE D 19 53.72 31.78 9.86
CA PHE D 19 53.25 31.14 8.63
C PHE D 19 54.03 29.84 8.39
N ILE D 20 53.30 28.74 8.32
CA ILE D 20 53.85 27.39 8.16
C ILE D 20 54.73 27.12 6.93
N LYS D 21 54.25 27.49 5.75
CA LYS D 21 54.98 27.27 4.50
C LYS D 21 56.45 27.69 4.52
N PRO D 22 56.75 28.91 4.98
CA PRO D 22 58.14 29.38 5.02
C PRO D 22 59.04 28.41 5.77
N ILE D 23 58.46 27.75 6.77
CA ILE D 23 59.18 26.82 7.62
C ILE D 23 59.21 25.37 7.11
N LEU D 24 58.06 24.71 7.09
CA LEU D 24 58.00 23.32 6.68
C LEU D 24 58.61 23.01 5.31
N GLU D 25 58.76 24.01 4.45
CA GLU D 25 59.33 23.77 3.13
C GLU D 25 60.71 23.13 3.14
N LYS D 26 61.52 23.43 4.15
CA LYS D 26 62.85 22.83 4.25
C LYS D 26 62.67 21.37 4.69
N LEU D 27 61.51 20.79 4.38
CA LEU D 27 61.23 19.42 4.73
C LEU D 27 60.80 18.62 3.51
N GLU D 28 61.35 17.42 3.38
CA GLU D 28 61.03 16.55 2.27
C GLU D 28 59.72 15.84 2.54
N ASN D 29 58.95 15.57 1.49
CA ASN D 29 57.68 14.88 1.61
C ASN D 29 56.60 15.69 2.36
N VAL D 30 56.70 17.01 2.27
CA VAL D 30 55.75 17.92 2.91
C VAL D 30 55.39 19.06 1.93
N GLU D 31 54.09 19.25 1.72
CA GLU D 31 53.55 20.30 0.85
C GLU D 31 52.68 21.16 1.76
N VAL D 32 52.79 22.47 1.66
CA VAL D 32 52.02 23.34 2.54
C VAL D 32 51.38 24.55 1.88
N GLY D 33 50.10 24.75 2.15
CA GLY D 33 49.36 25.89 1.61
C GLY D 33 50.01 27.21 2.03
N GLU D 34 49.73 28.25 1.27
CA GLU D 34 50.34 29.54 1.54
C GLU D 34 49.99 30.29 2.81
N TYR D 35 48.72 30.57 3.05
CA TYR D 35 48.38 31.35 4.24
C TYR D 35 48.08 30.63 5.54
N SER D 36 48.29 29.32 5.58
CA SER D 36 48.03 28.54 6.78
C SER D 36 49.03 28.91 7.86
N TYR D 37 48.52 29.23 9.06
CA TYR D 37 49.39 29.60 10.17
C TYR D 37 49.28 28.69 11.38
N TYR D 38 50.22 28.84 12.32
CA TYR D 38 50.22 28.06 13.54
C TYR D 38 50.44 28.96 14.75
N ASP D 39 49.53 28.87 15.71
CA ASP D 39 49.61 29.64 16.94
C ASP D 39 50.52 28.90 17.91
N SER D 40 51.74 29.37 18.06
CA SER D 40 52.71 28.73 18.94
C SER D 40 52.24 28.60 20.39
N LYS D 41 52.60 27.48 20.99
CA LYS D 41 52.24 27.16 22.36
C LYS D 41 53.21 27.77 23.35
N ASN D 42 54.49 27.49 23.17
CA ASN D 42 55.51 28.02 24.07
C ASN D 42 56.62 28.59 23.20
N GLY D 43 56.30 28.96 21.97
CA GLY D 43 57.32 29.51 21.09
C GLY D 43 57.98 28.50 20.16
N GLU D 44 57.52 27.25 20.19
CA GLU D 44 58.09 26.24 19.31
C GLU D 44 57.68 26.56 17.89
N THR D 45 58.35 25.96 16.92
CA THR D 45 57.96 26.19 15.53
C THR D 45 57.29 24.90 15.08
N PHE D 46 56.43 25.00 14.06
CA PHE D 46 55.68 23.84 13.63
C PHE D 46 56.36 22.55 13.22
N ASP D 47 57.65 22.55 12.91
CA ASP D 47 58.28 21.30 12.54
C ASP D 47 58.38 20.38 13.75
N LYS D 48 58.38 20.96 14.95
CA LYS D 48 58.46 20.17 16.17
C LYS D 48 57.17 19.41 16.43
N GLN D 49 56.07 19.93 15.85
CA GLN D 49 54.74 19.33 16.01
C GLN D 49 54.53 18.12 15.12
N ILE D 50 55.41 17.91 14.15
CA ILE D 50 55.27 16.78 13.26
C ILE D 50 56.23 15.69 13.73
N LEU D 51 55.66 14.59 14.17
CA LEU D 51 56.47 13.50 14.69
C LEU D 51 56.57 12.29 13.76
N TYR D 52 57.56 11.45 14.05
CA TYR D 52 57.85 10.21 13.33
C TYR D 52 57.58 10.24 11.81
N HIS D 53 58.17 11.22 11.13
CA HIS D 53 58.03 11.34 9.69
C HIS D 53 59.37 11.02 9.03
N TYR D 54 59.54 9.76 8.62
CA TYR D 54 60.78 9.34 7.99
C TYR D 54 60.58 9.26 6.48
N PRO D 55 61.46 9.93 5.71
CA PRO D 55 61.41 9.96 4.24
C PRO D 55 61.39 8.58 3.60
N ILE D 56 62.14 7.66 4.19
CA ILE D 56 62.25 6.31 3.69
C ILE D 56 60.90 5.60 3.54
N LEU D 57 59.92 5.91 4.41
CA LEU D 57 58.61 5.28 4.31
C LEU D 57 57.73 5.94 3.25
N ASN D 58 58.20 7.07 2.75
CA ASN D 58 57.51 7.83 1.73
C ASN D 58 56.04 8.13 1.92
N ASP D 59 55.64 8.45 3.16
CA ASP D 59 54.26 8.81 3.38
C ASP D 59 54.33 10.34 3.35
N LYS D 60 53.39 10.95 2.65
CA LYS D 60 53.38 12.40 2.51
C LYS D 60 52.45 13.12 3.48
N LEU D 61 52.74 14.41 3.67
CA LEU D 61 51.92 15.27 4.53
C LEU D 61 51.63 16.59 3.80
N LYS D 62 50.36 16.80 3.43
CA LYS D 62 49.97 18.02 2.74
C LYS D 62 48.97 18.81 3.59
N ILE D 63 49.11 20.13 3.60
CA ILE D 63 48.19 20.99 4.34
C ILE D 63 47.74 22.08 3.35
N GLY D 64 46.44 22.31 3.25
CA GLY D 64 45.96 23.33 2.32
C GLY D 64 46.31 24.74 2.73
N LYS D 65 45.57 25.73 2.23
CA LYS D 65 45.84 27.11 2.60
C LYS D 65 44.73 27.71 3.42
N PHE D 66 45.05 28.84 4.04
CA PHE D 66 44.11 29.57 4.88
C PHE D 66 43.64 28.71 6.02
N CYS D 67 44.57 27.95 6.56
CA CYS D 67 44.29 27.06 7.67
C CYS D 67 44.65 27.72 8.99
N SER D 68 43.81 27.50 9.98
CA SER D 68 44.06 28.04 11.31
C SER D 68 44.42 26.79 12.12
N ILE D 69 45.66 26.73 12.58
CA ILE D 69 46.11 25.57 13.34
C ILE D 69 46.42 25.97 14.78
N GLY D 70 45.52 25.59 15.69
CA GLY D 70 45.65 25.92 17.11
C GLY D 70 46.90 25.40 17.77
N PRO D 71 47.28 25.97 18.93
CA PRO D 71 48.48 25.52 19.63
C PRO D 71 48.43 24.09 20.15
N GLY D 72 49.51 23.34 19.98
CA GLY D 72 49.57 21.97 20.45
C GLY D 72 49.25 20.89 19.44
N VAL D 73 48.56 21.24 18.37
CA VAL D 73 48.21 20.27 17.34
C VAL D 73 49.43 19.41 16.96
N THR D 74 49.26 18.10 17.08
CA THR D 74 50.34 17.17 16.79
C THR D 74 49.98 16.22 15.65
N ILE D 75 50.82 16.18 14.63
CA ILE D 75 50.59 15.30 13.49
C ILE D 75 51.55 14.12 13.57
N ILE D 76 51.01 12.94 13.74
CA ILE D 76 51.84 11.74 13.82
C ILE D 76 51.87 10.98 12.49
N MET D 77 53.05 10.79 11.92
CA MET D 77 53.17 10.06 10.66
C MET D 77 53.43 8.56 10.95
N ASN D 78 53.55 7.75 9.91
CA ASN D 78 53.74 6.30 10.07
C ASN D 78 55.03 5.76 10.67
N GLY D 79 55.86 6.61 11.23
CA GLY D 79 57.09 6.13 11.83
C GLY D 79 56.90 5.43 13.17
N ALA D 80 55.78 5.68 13.85
CA ALA D 80 55.50 5.07 15.16
C ALA D 80 54.94 3.64 15.14
N ASN D 81 54.25 3.30 14.06
CA ASN D 81 53.66 1.97 13.92
C ASN D 81 54.66 0.84 14.13
N HIS D 82 54.29 -0.11 14.97
CA HIS D 82 55.13 -1.26 15.22
C HIS D 82 54.63 -2.32 14.26
N ARG D 83 55.50 -3.24 13.89
CA ARG D 83 55.07 -4.30 13.00
C ARG D 83 54.07 -5.07 13.85
N MET D 84 53.10 -5.72 13.24
CA MET D 84 52.14 -6.42 14.08
C MET D 84 51.51 -7.68 13.52
N ASP D 85 52.19 -8.36 12.60
CA ASP D 85 51.64 -9.61 12.08
C ASP D 85 52.04 -10.66 13.11
N GLY D 86 52.52 -10.16 14.24
CA GLY D 86 52.96 -11.00 15.35
C GLY D 86 53.27 -10.14 16.56
N SER D 87 54.36 -10.45 17.25
CA SER D 87 54.73 -9.68 18.43
C SER D 87 55.08 -8.25 18.02
N THR D 88 54.80 -7.30 18.90
CA THR D 88 55.09 -5.90 18.62
C THR D 88 56.39 -5.44 19.28
N TYR D 89 57.10 -6.36 19.94
CA TYR D 89 58.34 -5.96 20.58
C TYR D 89 59.40 -5.68 19.51
N PRO D 90 60.01 -4.48 19.54
CA PRO D 90 61.04 -4.11 18.57
C PRO D 90 62.43 -4.72 18.75
N PHE D 91 62.50 -6.05 18.89
CA PHE D 91 63.78 -6.75 19.11
C PHE D 91 65.01 -6.13 18.46
N ASN D 92 64.95 -5.93 17.16
CA ASN D 92 66.04 -5.37 16.37
C ASN D 92 66.56 -4.04 16.89
N LEU D 93 65.68 -3.23 17.46
CA LEU D 93 66.09 -1.92 17.95
C LEU D 93 67.13 -1.96 19.07
N PHE D 94 67.48 -3.14 19.55
CA PHE D 94 68.42 -3.24 20.68
C PHE D 94 69.83 -3.73 20.36
N GLY D 95 70.05 -4.14 19.12
CA GLY D 95 71.37 -4.62 18.77
C GLY D 95 71.77 -5.83 19.60
N ASN D 96 73.07 -6.12 19.61
CA ASN D 96 73.59 -7.27 20.35
C ASN D 96 73.09 -8.56 19.72
N GLY D 97 73.04 -8.57 18.40
CA GLY D 97 72.60 -9.72 17.64
C GLY D 97 71.17 -9.62 17.13
N TRP D 98 70.34 -8.89 17.87
CA TRP D 98 68.94 -8.71 17.54
C TRP D 98 68.63 -7.94 16.27
N GLU D 99 69.60 -7.19 15.77
CA GLU D 99 69.41 -6.38 14.56
C GLU D 99 69.08 -7.17 13.31
N LYS D 100 69.53 -8.43 13.24
CA LYS D 100 69.27 -9.24 12.06
C LYS D 100 67.78 -9.46 11.85
N HIS D 101 66.96 -8.87 12.71
CA HIS D 101 65.51 -9.05 12.62
C HIS D 101 64.78 -7.83 12.14
N MET D 102 65.49 -6.96 11.43
CA MET D 102 64.90 -5.74 10.88
C MET D 102 63.72 -6.15 9.97
N PRO D 103 62.59 -5.42 10.04
CA PRO D 103 61.43 -5.77 9.20
C PRO D 103 61.52 -5.20 7.79
N LYS D 104 60.88 -5.86 6.83
CA LYS D 104 60.88 -5.37 5.46
C LYS D 104 59.94 -4.18 5.45
N LEU D 105 60.10 -3.30 4.48
CA LEU D 105 59.25 -2.13 4.39
C LEU D 105 57.78 -2.52 4.28
N ASP D 106 57.50 -3.61 3.57
CA ASP D 106 56.13 -4.03 3.42
C ASP D 106 55.62 -4.86 4.59
N GLN D 107 56.35 -4.81 5.70
CA GLN D 107 55.96 -5.53 6.89
C GLN D 107 55.46 -4.54 7.93
N LEU D 108 55.72 -3.26 7.67
CA LEU D 108 55.28 -2.21 8.57
C LEU D 108 53.91 -1.64 8.10
N PRO D 109 52.92 -1.61 9.01
CA PRO D 109 51.58 -1.10 8.70
C PRO D 109 51.65 0.36 8.27
N ILE D 110 51.69 0.61 6.97
CA ILE D 110 51.73 1.99 6.51
C ILE D 110 50.32 2.33 6.07
N LYS D 111 49.77 3.35 6.73
CA LYS D 111 48.40 3.80 6.51
C LYS D 111 48.11 4.75 5.34
N GLY D 112 49.12 5.47 4.86
CA GLY D 112 48.90 6.39 3.76
C GLY D 112 49.34 7.80 4.10
N ASP D 113 48.99 8.76 3.25
CA ASP D 113 49.36 10.16 3.48
C ASP D 113 48.37 10.84 4.38
N THR D 114 48.79 11.95 4.98
CA THR D 114 47.91 12.74 5.82
C THR D 114 47.66 14.01 5.01
N ILE D 115 46.40 14.22 4.64
CA ILE D 115 46.01 15.36 3.84
C ILE D 115 45.00 16.23 4.58
N ILE D 116 45.30 17.51 4.67
CA ILE D 116 44.43 18.47 5.35
C ILE D 116 44.02 19.50 4.31
N GLY D 117 42.72 19.57 4.02
CA GLY D 117 42.21 20.50 3.03
C GLY D 117 42.47 21.98 3.28
N ASN D 118 41.76 22.84 2.56
CA ASN D 118 41.93 24.29 2.73
C ASN D 118 40.84 24.87 3.61
N ASP D 119 41.15 25.99 4.25
CA ASP D 119 40.19 26.67 5.12
C ASP D 119 39.74 25.74 6.24
N VAL D 120 40.71 25.07 6.87
CA VAL D 120 40.42 24.15 7.97
C VAL D 120 40.93 24.74 9.27
N TRP D 121 40.06 24.76 10.27
CA TRP D 121 40.39 25.29 11.59
C TRP D 121 40.54 24.11 12.54
N ILE D 122 41.73 23.94 13.09
CA ILE D 122 41.99 22.84 14.02
C ILE D 122 42.20 23.39 15.42
N GLY D 123 41.37 22.92 16.35
CA GLY D 123 41.44 23.36 17.73
C GLY D 123 42.75 23.01 18.39
N LYS D 124 43.02 23.65 19.52
CA LYS D 124 44.26 23.41 20.22
C LYS D 124 44.41 21.99 20.73
N ASP D 125 45.66 21.56 20.84
CA ASP D 125 46.01 20.23 21.32
C ASP D 125 45.35 19.09 20.60
N VAL D 126 45.09 19.24 19.31
CA VAL D 126 44.50 18.17 18.54
C VAL D 126 45.60 17.20 18.13
N VAL D 127 45.32 15.90 18.22
CA VAL D 127 46.28 14.89 17.82
C VAL D 127 45.70 14.24 16.57
N ILE D 128 46.50 14.20 15.52
CA ILE D 128 46.06 13.62 14.25
C ILE D 128 46.92 12.41 13.95
N MET D 129 46.28 11.27 13.73
CA MET D 129 46.97 10.01 13.43
C MET D 129 47.28 9.79 11.95
N PRO D 130 48.11 8.78 11.63
CA PRO D 130 48.50 8.48 10.25
C PRO D 130 47.42 8.24 9.21
N GLY D 131 47.71 8.67 7.99
CA GLY D 131 46.80 8.48 6.87
C GLY D 131 45.38 8.98 7.02
N VAL D 132 45.20 10.07 7.75
CA VAL D 132 43.87 10.64 7.94
C VAL D 132 43.66 11.79 6.96
N LYS D 133 42.46 11.91 6.39
CA LYS D 133 42.17 13.01 5.47
C LYS D 133 41.08 13.96 6.02
N ILE D 134 41.39 15.25 6.02
CA ILE D 134 40.44 16.26 6.52
C ILE D 134 40.02 17.21 5.38
N GLY D 135 38.79 17.03 4.90
CA GLY D 135 38.28 17.86 3.81
C GLY D 135 38.32 19.34 4.12
N ASP D 136 38.03 20.19 3.14
CA ASP D 136 38.06 21.64 3.38
C ASP D 136 36.88 22.18 4.18
N GLY D 137 37.10 23.32 4.82
CA GLY D 137 36.06 23.97 5.60
C GLY D 137 35.69 23.25 6.88
N ALA D 138 36.48 22.24 7.23
CA ALA D 138 36.23 21.46 8.44
C ALA D 138 36.72 22.13 9.69
N ILE D 139 36.04 21.85 10.80
CA ILE D 139 36.42 22.40 12.10
C ILE D 139 36.62 21.23 13.06
N VAL D 140 37.81 21.16 13.65
CA VAL D 140 38.14 20.10 14.59
C VAL D 140 38.23 20.70 15.99
N ALA D 141 37.31 20.30 16.85
CA ALA D 141 37.24 20.81 18.21
C ALA D 141 38.51 20.58 19.00
N ALA D 142 38.81 21.51 19.89
CA ALA D 142 39.99 21.42 20.75
C ALA D 142 40.08 20.05 21.41
N ASN D 143 41.31 19.57 21.59
CA ASN D 143 41.58 18.28 22.24
C ASN D 143 40.96 17.05 21.60
N SER D 144 40.81 17.08 20.28
CA SER D 144 40.25 15.94 19.55
C SER D 144 41.39 15.01 19.10
N VAL D 145 41.07 13.75 18.84
CA VAL D 145 42.08 12.82 18.36
C VAL D 145 41.54 12.24 17.05
N VAL D 146 41.99 12.78 15.92
CA VAL D 146 41.50 12.34 14.63
C VAL D 146 42.11 11.04 14.15
N VAL D 147 41.26 10.01 14.10
CA VAL D 147 41.64 8.68 13.70
C VAL D 147 41.13 8.29 12.31
N LYS D 148 40.18 9.03 11.78
CA LYS D 148 39.64 8.74 10.46
C LYS D 148 39.21 9.99 9.71
N ASP D 149 39.03 9.88 8.40
CA ASP D 149 38.64 11.01 7.55
C ASP D 149 37.44 11.77 8.06
N ILE D 150 37.46 13.07 7.81
CA ILE D 150 36.36 13.96 8.19
C ILE D 150 35.94 14.62 6.88
N ALA D 151 34.64 14.61 6.59
CA ALA D 151 34.10 15.19 5.35
C ALA D 151 34.26 16.71 5.30
N PRO D 152 34.21 17.31 4.11
CA PRO D 152 34.36 18.77 4.03
C PRO D 152 33.27 19.53 4.78
N TYR D 153 33.61 20.73 5.26
CA TYR D 153 32.68 21.57 5.98
C TYR D 153 31.90 20.87 7.08
N MET D 154 32.60 20.01 7.84
CA MET D 154 31.98 19.30 8.96
C MET D 154 32.59 19.76 10.28
N LEU D 155 31.82 19.60 11.35
CA LEU D 155 32.28 19.96 12.69
C LEU D 155 32.58 18.63 13.34
N ALA D 156 33.83 18.40 13.73
CA ALA D 156 34.18 17.12 14.34
C ALA D 156 34.74 17.32 15.73
N GLY D 157 34.80 16.24 16.50
CA GLY D 157 35.31 16.37 17.85
C GLY D 157 35.28 15.10 18.65
N GLY D 158 35.99 15.10 19.77
CA GLY D 158 36.03 13.94 20.62
C GLY D 158 37.27 13.10 20.42
N ASN D 159 37.36 12.02 21.18
CA ASN D 159 38.49 11.11 21.10
C ASN D 159 38.00 9.68 21.23
N PRO D 160 37.84 8.96 20.10
CA PRO D 160 38.07 9.36 18.71
C PRO D 160 37.08 10.41 18.24
N ALA D 161 37.59 11.39 17.49
CA ALA D 161 36.77 12.46 16.97
C ALA D 161 35.70 11.87 16.07
N ASN D 162 34.55 12.54 16.04
CA ASN D 162 33.44 12.10 15.22
C ASN D 162 32.83 13.34 14.60
N GLU D 163 32.08 13.14 13.52
CA GLU D 163 31.44 14.24 12.84
C GLU D 163 30.22 14.59 13.66
N ILE D 164 30.23 15.79 14.23
CA ILE D 164 29.12 16.23 15.07
C ILE D 164 27.97 16.76 14.22
N LYS D 165 28.21 17.82 13.46
CA LYS D 165 27.16 18.39 12.63
C LYS D 165 27.78 19.08 11.42
N GLN D 166 27.00 19.18 10.34
CA GLN D 166 27.45 19.85 9.12
C GLN D 166 27.39 21.35 9.33
N ARG D 167 28.33 22.08 8.75
CA ARG D 167 28.33 23.53 8.95
C ARG D 167 27.16 24.26 8.28
N PHE D 168 26.97 24.06 6.98
CA PHE D 168 25.87 24.68 6.25
C PHE D 168 25.15 23.64 5.38
N ASP D 169 24.06 24.05 4.74
CA ASP D 169 23.29 23.14 3.89
C ASP D 169 24.16 22.52 2.82
N GLN D 170 23.73 21.39 2.30
CA GLN D 170 24.50 20.70 1.28
C GLN D 170 24.79 21.56 0.06
N ASP D 171 23.84 22.40 -0.31
CA ASP D 171 24.01 23.26 -1.49
C ASP D 171 25.14 24.23 -1.26
N THR D 172 25.04 25.04 -0.21
CA THR D 172 26.08 26.00 0.12
C THR D 172 27.43 25.28 0.12
N ILE D 173 27.47 24.08 0.67
CA ILE D 173 28.71 23.34 0.72
C ILE D 173 29.23 23.03 -0.69
N ASN D 174 28.38 22.42 -1.52
CA ASN D 174 28.77 22.06 -2.88
C ASN D 174 29.11 23.26 -3.74
N GLN D 175 28.65 24.44 -3.33
CA GLN D 175 28.96 25.64 -4.10
C GLN D 175 30.40 25.98 -3.80
N LEU D 176 30.71 26.13 -2.51
CA LEU D 176 32.07 26.46 -2.06
C LEU D 176 33.09 25.48 -2.61
N LEU D 177 32.73 24.20 -2.66
CA LEU D 177 33.65 23.19 -3.15
C LEU D 177 33.87 23.31 -4.65
N ASP D 178 33.10 24.18 -5.29
CA ASP D 178 33.23 24.38 -6.72
C ASP D 178 33.97 25.68 -6.99
N ILE D 179 33.58 26.72 -6.26
CA ILE D 179 34.20 28.03 -6.38
C ILE D 179 35.68 27.95 -6.05
N LYS D 180 35.99 27.33 -4.91
CA LYS D 180 37.38 27.17 -4.48
C LYS D 180 38.07 28.52 -4.45
N TRP D 181 37.56 29.44 -3.65
CA TRP D 181 38.13 30.77 -3.56
C TRP D 181 39.59 30.80 -3.09
N TRP D 182 40.02 29.76 -2.39
CA TRP D 182 41.39 29.71 -1.87
C TRP D 182 42.41 29.61 -2.98
N ASN D 183 41.95 29.28 -4.18
CA ASN D 183 42.84 29.14 -5.33
C ASN D 183 43.02 30.41 -6.14
N TRP D 184 42.16 31.40 -5.92
CA TRP D 184 42.27 32.66 -6.64
C TRP D 184 43.50 33.42 -6.16
N PRO D 185 44.13 34.22 -7.04
CA PRO D 185 45.31 34.99 -6.64
C PRO D 185 44.82 35.93 -5.56
N ILE D 186 45.68 36.30 -4.62
CA ILE D 186 45.20 37.17 -3.56
C ILE D 186 44.77 38.56 -4.00
N ASP D 187 45.05 38.89 -5.25
CA ASP D 187 44.66 40.19 -5.79
C ASP D 187 43.13 40.27 -5.76
N ILE D 188 42.49 39.15 -6.08
CA ILE D 188 41.03 39.06 -6.12
C ILE D 188 40.47 38.68 -4.77
N ILE D 189 41.12 37.75 -4.09
CA ILE D 189 40.63 37.36 -2.78
C ILE D 189 40.51 38.66 -2.00
N ASN D 190 41.53 39.51 -2.11
CA ASN D 190 41.57 40.80 -1.42
C ASN D 190 40.37 41.70 -1.60
N GLU D 191 39.55 41.43 -2.60
CA GLU D 191 38.39 42.27 -2.86
C GLU D 191 37.06 41.61 -2.50
N ASN D 192 37.14 40.42 -1.91
CA ASN D 192 35.93 39.70 -1.53
C ASN D 192 36.05 39.02 -0.16
N ILE D 193 37.04 39.44 0.62
CA ILE D 193 37.23 38.87 1.94
C ILE D 193 35.93 38.92 2.73
N ASP D 194 35.23 40.04 2.61
CA ASP D 194 33.97 40.24 3.30
C ASP D 194 32.88 39.30 2.80
N LYS D 195 32.94 38.92 1.53
CA LYS D 195 31.95 38.02 0.96
C LYS D 195 32.34 36.58 1.24
N ILE D 196 33.61 36.38 1.55
CA ILE D 196 34.11 35.05 1.88
C ILE D 196 33.81 34.81 3.35
N LEU D 197 34.00 35.86 4.14
CA LEU D 197 33.76 35.77 5.57
C LEU D 197 32.28 35.51 5.91
N ASP D 198 31.38 35.94 5.05
CA ASP D 198 29.96 35.75 5.35
C ASP D 198 29.25 34.84 4.38
N ASN D 199 30.02 34.08 3.64
CA ASN D 199 29.44 33.14 2.71
C ASN D 199 28.59 33.74 1.62
N SER D 200 28.60 35.05 1.41
CA SER D 200 27.75 35.56 0.32
C SER D 200 28.46 35.47 -1.02
N ILE D 201 29.69 34.94 -1.02
CA ILE D 201 30.44 34.81 -2.25
C ILE D 201 29.76 33.83 -3.21
N ILE D 202 29.09 32.80 -2.68
CA ILE D 202 28.40 31.84 -3.56
C ILE D 202 27.46 32.54 -4.53
N ARG D 203 26.53 33.34 -4.00
CA ARG D 203 25.57 34.07 -4.83
C ARG D 203 26.27 34.99 -5.81
N GLU D 204 27.31 35.66 -5.33
CA GLU D 204 28.07 36.59 -6.14
C GLU D 204 28.84 35.98 -7.29
N VAL D 205 28.55 34.71 -7.60
CA VAL D 205 29.23 34.05 -8.71
C VAL D 205 28.19 33.46 -9.66
N ILE D 206 27.01 34.07 -9.66
CA ILE D 206 25.87 33.66 -10.49
C ILE D 206 25.06 32.57 -9.79
N GLY E 2 40.29 25.76 61.02
CA GLY E 2 40.45 25.74 59.58
C GLY E 2 41.31 26.92 59.16
N PRO E 3 41.87 26.87 57.94
CA PRO E 3 42.72 27.96 57.48
C PRO E 3 41.94 29.23 57.13
N ASN E 4 42.66 30.27 56.73
CA ASN E 4 42.06 31.53 56.34
C ASN E 4 41.78 31.49 54.83
N PRO E 5 40.49 31.49 54.44
CA PRO E 5 40.11 31.45 53.02
C PRO E 5 40.77 32.54 52.18
N MET E 6 41.26 33.56 52.84
CA MET E 6 41.92 34.69 52.19
C MET E 6 43.40 34.43 52.02
N LYS E 7 43.89 33.29 52.48
CA LYS E 7 45.30 32.98 52.36
C LYS E 7 45.57 32.26 51.04
N MET E 8 46.53 32.78 50.26
CA MET E 8 46.88 32.18 48.99
C MET E 8 47.33 30.73 49.15
N TYR E 9 48.30 30.51 50.03
CA TYR E 9 48.80 29.16 50.29
C TYR E 9 48.48 28.85 51.76
N PRO E 10 47.37 28.11 51.99
CA PRO E 10 46.96 27.76 53.36
C PRO E 10 47.88 26.82 54.09
N ILE E 11 48.51 25.89 53.36
CA ILE E 11 49.43 24.97 54.00
C ILE E 11 50.84 25.57 54.02
N GLU E 12 51.48 25.47 55.18
CA GLU E 12 52.81 26.02 55.34
C GLU E 12 53.89 25.30 54.59
N GLY E 13 54.83 26.08 54.07
CA GLY E 13 55.93 25.52 53.31
C GLY E 13 55.47 24.67 52.15
N ASN E 14 54.20 24.82 51.77
CA ASN E 14 53.65 24.07 50.65
C ASN E 14 53.08 25.06 49.66
N LYS E 15 53.76 25.22 48.52
CA LYS E 15 53.34 26.15 47.49
C LYS E 15 52.68 25.52 46.27
N SER E 16 52.24 24.27 46.41
CA SER E 16 51.56 23.59 45.31
C SER E 16 50.07 23.79 45.51
N VAL E 17 49.60 23.57 46.74
CA VAL E 17 48.19 23.72 47.13
C VAL E 17 47.87 25.20 47.44
N GLN E 18 47.04 25.82 46.61
CA GLN E 18 46.68 27.23 46.78
C GLN E 18 45.18 27.53 46.77
N PHE E 19 44.79 28.59 47.48
CA PHE E 19 43.41 29.02 47.57
C PHE E 19 43.14 29.99 46.42
N ILE E 20 42.23 29.59 45.54
CA ILE E 20 41.85 30.34 44.36
C ILE E 20 41.25 31.74 44.53
N LYS E 21 40.32 31.89 45.47
CA LYS E 21 39.67 33.18 45.70
C LYS E 21 40.65 34.36 45.76
N PRO E 22 41.62 34.31 46.68
CA PRO E 22 42.59 35.41 46.76
C PRO E 22 43.41 35.59 45.50
N ILE E 23 43.70 34.49 44.82
CA ILE E 23 44.51 34.52 43.61
C ILE E 23 43.83 35.14 42.39
N LEU E 24 42.62 34.69 42.06
CA LEU E 24 41.88 35.24 40.91
C LEU E 24 40.91 36.32 41.37
N GLU E 25 41.42 37.51 41.61
CA GLU E 25 40.57 38.57 42.10
C GLU E 25 41.09 39.83 41.43
N LYS E 26 42.36 39.74 41.03
CA LYS E 26 43.02 40.81 40.33
C LYS E 26 42.66 40.51 38.87
N LEU E 27 41.43 40.00 38.70
CA LEU E 27 40.92 39.64 37.39
C LEU E 27 39.48 40.13 37.23
N GLU E 28 39.09 40.37 35.98
CA GLU E 28 37.76 40.87 35.67
C GLU E 28 36.83 39.78 35.13
N ASN E 29 35.56 39.87 35.49
CA ASN E 29 34.54 38.91 35.06
C ASN E 29 34.84 37.50 35.60
N VAL E 30 35.34 37.48 36.83
CA VAL E 30 35.69 36.25 37.52
C VAL E 30 35.27 36.34 39.00
N GLU E 31 34.39 35.45 39.42
CA GLU E 31 33.91 35.36 40.81
C GLU E 31 34.24 33.95 41.33
N VAL E 32 34.96 33.85 42.44
CA VAL E 32 35.32 32.55 43.00
C VAL E 32 34.93 32.35 44.47
N GLY E 33 34.58 31.11 44.80
CA GLY E 33 34.17 30.75 46.15
C GLY E 33 35.30 30.71 47.16
N GLU E 34 34.94 30.76 48.44
CA GLU E 34 35.91 30.80 49.52
C GLU E 34 36.94 29.70 49.68
N TYR E 35 36.52 28.45 49.89
CA TYR E 35 37.53 27.42 50.12
C TYR E 35 38.00 26.55 48.96
N SER E 36 37.48 26.81 47.76
CA SER E 36 37.90 26.03 46.61
C SER E 36 39.41 26.17 46.50
N TYR E 37 40.09 25.12 46.05
CA TYR E 37 41.53 25.18 45.92
C TYR E 37 41.98 24.51 44.64
N TYR E 38 43.20 24.84 44.23
CA TYR E 38 43.77 24.28 43.03
C TYR E 38 45.08 23.61 43.42
N ASP E 39 45.22 22.37 42.98
CA ASP E 39 46.41 21.55 43.26
C ASP E 39 47.38 21.68 42.10
N SER E 40 48.33 22.59 42.23
CA SER E 40 49.32 22.87 41.19
C SER E 40 50.08 21.68 40.57
N LYS E 41 50.32 21.76 39.27
CA LYS E 41 51.02 20.70 38.56
C LYS E 41 52.54 20.89 38.59
N ASN E 42 52.99 22.08 38.20
CA ASN E 42 54.42 22.39 38.17
C ASN E 42 54.75 23.69 38.91
N GLY E 43 53.86 24.11 39.81
CA GLY E 43 54.10 25.32 40.56
C GLY E 43 53.40 26.55 40.00
N GLU E 44 52.74 26.40 38.87
CA GLU E 44 52.03 27.54 38.29
C GLU E 44 50.83 27.92 39.15
N THR E 45 50.39 29.16 39.02
CA THR E 45 49.23 29.63 39.77
C THR E 45 48.04 29.55 38.84
N PHE E 46 46.93 29.03 39.36
CA PHE E 46 45.71 28.82 38.60
C PHE E 46 45.29 29.87 37.56
N ASP E 47 45.56 31.14 37.84
CA ASP E 47 45.20 32.19 36.92
C ASP E 47 45.78 31.93 35.51
N LYS E 48 46.90 31.22 35.46
CA LYS E 48 47.52 30.93 34.17
C LYS E 48 46.79 29.78 33.49
N GLN E 49 45.80 29.23 34.16
CA GLN E 49 45.03 28.10 33.61
C GLN E 49 43.75 28.55 32.97
N ILE E 50 43.51 29.85 32.95
CA ILE E 50 42.30 30.35 32.33
C ILE E 50 42.68 30.96 31.00
N LEU E 51 42.29 30.28 29.94
CA LEU E 51 42.62 30.72 28.60
C LEU E 51 41.54 31.50 27.86
N TYR E 52 42.01 32.42 27.02
CA TYR E 52 41.15 33.23 26.17
C TYR E 52 40.02 33.99 26.85
N HIS E 53 40.28 34.55 28.03
CA HIS E 53 39.27 35.33 28.74
C HIS E 53 39.45 36.81 28.46
N TYR E 54 38.70 37.35 27.50
CA TYR E 54 38.81 38.76 27.16
C TYR E 54 37.64 39.55 27.71
N PRO E 55 37.92 40.53 28.58
CA PRO E 55 36.86 41.35 29.19
C PRO E 55 35.91 41.97 28.18
N ILE E 56 36.44 42.30 27.00
CA ILE E 56 35.61 42.91 25.97
C ILE E 56 34.44 42.04 25.50
N LEU E 57 34.60 40.72 25.50
CA LEU E 57 33.52 39.83 25.09
C LEU E 57 32.53 39.75 26.25
N ASN E 58 32.96 40.28 27.39
CA ASN E 58 32.18 40.29 28.61
C ASN E 58 31.55 38.98 29.05
N ASP E 59 32.33 37.92 29.10
CA ASP E 59 31.83 36.64 29.57
C ASP E 59 32.49 36.47 30.93
N LYS E 60 31.75 35.91 31.88
CA LYS E 60 32.27 35.73 33.22
C LYS E 60 32.44 34.27 33.57
N LEU E 61 33.27 34.01 34.58
CA LEU E 61 33.51 32.65 35.04
C LEU E 61 33.23 32.61 36.53
N LYS E 62 32.32 31.74 36.94
CA LYS E 62 32.00 31.63 38.35
C LYS E 62 32.30 30.24 38.89
N ILE E 63 33.03 30.19 40.00
CA ILE E 63 33.37 28.93 40.64
C ILE E 63 32.85 29.06 42.07
N GLY E 64 32.22 28.02 42.59
CA GLY E 64 31.69 28.08 43.94
C GLY E 64 32.73 27.82 45.00
N LYS E 65 32.30 27.33 46.17
CA LYS E 65 33.23 27.01 47.26
C LYS E 65 33.37 25.51 47.49
N PHE E 66 34.38 25.17 48.29
CA PHE E 66 34.66 23.79 48.63
C PHE E 66 34.86 22.93 47.41
N CYS E 67 35.43 23.55 46.38
CA CYS E 67 35.74 22.86 45.14
C CYS E 67 37.19 22.40 45.20
N SER E 68 37.44 21.18 44.75
CA SER E 68 38.78 20.61 44.70
C SER E 68 39.11 20.53 43.21
N ILE E 69 40.03 21.39 42.76
CA ILE E 69 40.41 21.41 41.35
C ILE E 69 41.79 20.82 41.19
N GLY E 70 41.87 19.75 40.41
CA GLY E 70 43.13 19.05 40.19
C GLY E 70 44.16 19.71 39.29
N PRO E 71 45.40 19.20 39.30
CA PRO E 71 46.47 19.75 38.47
C PRO E 71 46.16 19.80 36.99
N GLY E 72 46.56 20.90 36.36
CA GLY E 72 46.38 21.05 34.93
C GLY E 72 44.97 21.28 34.40
N VAL E 73 44.00 21.49 35.27
CA VAL E 73 42.67 21.73 34.76
C VAL E 73 42.76 23.00 33.93
N THR E 74 42.14 23.01 32.76
CA THR E 74 42.18 24.18 31.89
C THR E 74 40.80 24.73 31.57
N ILE E 75 40.65 26.04 31.70
CA ILE E 75 39.38 26.63 31.38
C ILE E 75 39.51 27.56 30.18
N ILE E 76 38.79 27.21 29.12
CA ILE E 76 38.78 27.94 27.88
C ILE E 76 37.57 28.87 27.81
N MET E 77 37.80 30.18 27.71
CA MET E 77 36.70 31.12 27.60
C MET E 77 36.38 31.31 26.10
N ASN E 78 35.45 32.22 25.78
CA ASN E 78 35.03 32.46 24.39
C ASN E 78 36.01 33.21 23.47
N GLY E 79 37.15 33.62 24.00
CA GLY E 79 38.11 34.32 23.16
C GLY E 79 38.75 33.42 22.12
N ALA E 80 38.44 32.13 22.15
CA ALA E 80 39.02 31.17 21.22
C ALA E 80 38.14 30.82 20.03
N ASN E 81 36.92 31.33 20.03
CA ASN E 81 35.96 31.07 18.97
C ASN E 81 36.19 31.95 17.75
N HIS E 82 36.36 31.33 16.60
CA HIS E 82 36.54 32.08 15.36
C HIS E 82 35.14 32.34 14.84
N ARG E 83 34.97 33.42 14.08
CA ARG E 83 33.67 33.69 13.48
C ARG E 83 33.48 32.54 12.50
N MET E 84 32.27 32.03 12.34
CA MET E 84 32.09 30.91 11.43
C MET E 84 30.89 30.94 10.49
N ASP E 85 30.31 32.12 10.23
CA ASP E 85 29.18 32.16 9.32
C ASP E 85 29.68 32.04 7.89
N GLY E 86 31.00 32.10 7.72
CA GLY E 86 31.63 31.97 6.43
C GLY E 86 32.95 31.26 6.64
N SER E 87 34.05 31.82 6.15
CA SER E 87 35.36 31.21 6.35
C SER E 87 35.83 31.51 7.77
N THR E 88 36.54 30.56 8.36
CA THR E 88 37.03 30.70 9.74
C THR E 88 38.40 31.36 9.86
N TYR E 89 38.97 31.80 8.75
CA TYR E 89 40.30 32.41 8.76
C TYR E 89 40.31 33.82 9.33
N PRO E 90 41.14 34.08 10.36
CA PRO E 90 41.18 35.43 10.94
C PRO E 90 41.99 36.42 10.13
N PHE E 91 41.41 36.89 9.00
CA PHE E 91 42.05 37.87 8.14
C PHE E 91 42.31 39.11 8.96
N ASN E 92 41.35 39.41 9.84
CA ASN E 92 41.43 40.59 10.67
C ASN E 92 42.68 40.61 11.52
N LEU E 93 43.21 39.44 11.82
CA LEU E 93 44.40 39.33 12.66
C LEU E 93 45.71 39.85 12.08
N PHE E 94 45.95 39.59 10.80
CA PHE E 94 47.21 39.99 10.18
C PHE E 94 47.39 41.43 9.74
N GLY E 95 46.35 42.24 9.87
CA GLY E 95 46.44 43.63 9.48
C GLY E 95 46.81 43.88 8.04
N ASN E 96 47.68 44.86 7.81
CA ASN E 96 48.11 45.22 6.47
C ASN E 96 46.89 45.49 5.60
N GLY E 97 45.85 46.03 6.25
CA GLY E 97 44.63 46.35 5.53
C GLY E 97 43.54 45.31 5.65
N TRP E 98 43.82 44.24 6.38
CA TRP E 98 42.84 43.19 6.56
C TRP E 98 42.05 43.47 7.81
N GLU E 99 42.59 44.37 8.63
CA GLU E 99 41.98 44.79 9.89
C GLU E 99 40.56 45.23 9.60
N LYS E 100 40.39 45.78 8.39
CA LYS E 100 39.10 46.25 7.87
C LYS E 100 38.00 45.32 8.37
N HIS E 101 38.08 44.08 7.89
CA HIS E 101 37.13 43.04 8.17
C HIS E 101 37.27 42.41 9.54
N MET E 102 37.19 43.23 10.57
CA MET E 102 37.26 42.70 11.91
C MET E 102 35.81 42.37 12.28
N PRO E 103 35.59 41.31 13.07
CA PRO E 103 34.24 40.89 13.48
C PRO E 103 33.47 41.88 14.34
N LYS E 104 32.15 41.84 14.22
CA LYS E 104 31.29 42.71 15.02
C LYS E 104 30.90 41.84 16.20
N LEU E 105 31.07 42.35 17.42
CA LEU E 105 30.73 41.56 18.60
C LEU E 105 29.57 40.58 18.38
N ASP E 106 28.52 41.02 17.70
CA ASP E 106 27.39 40.14 17.47
C ASP E 106 27.60 39.10 16.39
N GLN E 107 28.81 39.03 15.84
CA GLN E 107 29.12 38.05 14.81
C GLN E 107 30.00 36.98 15.38
N LEU E 108 30.51 37.25 16.59
CA LEU E 108 31.39 36.31 17.25
C LEU E 108 30.65 35.40 18.22
N PRO E 109 30.57 34.09 17.90
CA PRO E 109 29.95 33.04 18.71
C PRO E 109 30.35 33.02 20.20
N ILE E 110 29.66 33.79 21.06
CA ILE E 110 29.97 33.80 22.51
C ILE E 110 29.03 32.84 23.25
N LYS E 111 29.48 31.62 23.51
CA LYS E 111 28.65 30.64 24.18
C LYS E 111 28.07 30.96 25.56
N GLY E 112 28.34 32.12 26.12
CA GLY E 112 27.81 32.42 27.43
C GLY E 112 28.82 32.12 28.51
N ASP E 113 28.45 32.34 29.76
CA ASP E 113 29.35 32.11 30.89
C ASP E 113 29.58 30.64 31.27
N THR E 114 30.70 30.41 31.95
CA THR E 114 31.06 29.09 32.44
C THR E 114 30.77 29.19 33.92
N ILE E 115 30.00 28.26 34.46
CA ILE E 115 29.68 28.30 35.87
C ILE E 115 29.88 26.96 36.53
N ILE E 116 30.81 26.91 37.48
CA ILE E 116 31.09 25.69 38.20
C ILE E 116 30.52 25.86 39.60
N GLY E 117 29.70 24.88 40.02
CA GLY E 117 29.09 24.95 41.34
C GLY E 117 29.94 24.78 42.58
N ASN E 118 29.29 24.38 43.67
CA ASN E 118 29.96 24.16 44.95
C ASN E 118 30.16 22.66 45.20
N ASP E 119 31.20 22.34 45.99
CA ASP E 119 31.54 20.97 46.33
C ASP E 119 31.75 20.15 45.06
N VAL E 120 32.46 20.73 44.10
CA VAL E 120 32.72 20.04 42.82
C VAL E 120 34.18 19.59 42.76
N TRP E 121 34.39 18.33 42.41
CA TRP E 121 35.73 17.77 42.31
C TRP E 121 36.05 17.52 40.84
N ILE E 122 37.03 18.27 40.33
CA ILE E 122 37.45 18.14 38.95
C ILE E 122 38.78 17.39 38.90
N GLY E 123 38.84 16.34 38.09
CA GLY E 123 40.07 15.57 37.99
C GLY E 123 41.20 16.36 37.37
N LYS E 124 42.40 15.77 37.34
CA LYS E 124 43.55 16.44 36.76
C LYS E 124 43.49 16.46 35.23
N ASP E 125 43.94 17.58 34.66
CA ASP E 125 43.98 17.79 33.22
C ASP E 125 42.63 17.76 32.53
N VAL E 126 41.59 18.21 33.22
CA VAL E 126 40.26 18.29 32.62
C VAL E 126 40.21 19.60 31.86
N VAL E 127 39.64 19.58 30.67
CA VAL E 127 39.52 20.80 29.87
C VAL E 127 38.07 21.18 29.89
N ILE E 128 37.78 22.41 30.31
CA ILE E 128 36.41 22.87 30.37
C ILE E 128 36.12 23.88 29.27
N MET E 129 35.30 23.46 28.30
CA MET E 129 34.92 24.30 27.17
C MET E 129 34.06 25.52 27.55
N PRO E 130 34.01 26.53 26.68
CA PRO E 130 33.24 27.76 26.89
C PRO E 130 31.74 27.63 27.10
N GLY E 131 31.25 28.38 28.08
CA GLY E 131 29.83 28.39 28.40
C GLY E 131 29.25 27.14 29.03
N VAL E 132 30.07 26.35 29.72
CA VAL E 132 29.57 25.11 30.36
C VAL E 132 29.16 25.36 31.81
N LYS E 133 28.28 24.50 32.32
CA LYS E 133 27.82 24.63 33.70
C LYS E 133 27.84 23.29 34.40
N ILE E 134 28.70 23.18 35.40
CA ILE E 134 28.83 21.97 36.17
C ILE E 134 28.11 22.14 37.49
N GLY E 135 27.06 21.35 37.69
CA GLY E 135 26.27 21.43 38.92
C GLY E 135 27.01 21.22 40.23
N ASP E 136 26.29 21.45 41.33
CA ASP E 136 26.86 21.28 42.66
C ASP E 136 27.14 19.81 42.92
N GLY E 137 28.19 19.54 43.68
CA GLY E 137 28.54 18.17 44.04
C GLY E 137 28.94 17.17 42.99
N ALA E 138 29.07 17.58 41.73
CA ALA E 138 29.45 16.69 40.63
C ALA E 138 30.95 16.32 40.64
N ILE E 139 31.29 15.18 40.05
CA ILE E 139 32.67 14.73 39.98
C ILE E 139 33.07 14.47 38.55
N VAL E 140 34.02 15.26 38.05
CA VAL E 140 34.48 15.07 36.69
C VAL E 140 35.77 14.27 36.73
N ALA E 141 35.75 13.13 36.03
CA ALA E 141 36.88 12.24 35.96
C ALA E 141 38.09 12.98 35.46
N ALA E 142 39.23 12.31 35.43
CA ALA E 142 40.45 12.95 34.98
C ALA E 142 40.53 12.88 33.47
N ASN E 143 41.17 13.88 32.86
CA ASN E 143 41.33 13.91 31.42
C ASN E 143 40.03 13.96 30.63
N SER E 144 38.97 14.48 31.21
CA SER E 144 37.72 14.55 30.47
C SER E 144 37.68 15.90 29.81
N VAL E 145 36.98 15.99 28.68
CA VAL E 145 36.82 17.29 28.01
C VAL E 145 35.34 17.54 28.11
N VAL E 146 34.97 18.58 28.84
CA VAL E 146 33.58 18.94 29.09
C VAL E 146 33.04 19.95 28.06
N VAL E 147 32.16 19.47 27.19
CA VAL E 147 31.59 20.30 26.15
C VAL E 147 30.15 20.70 26.41
N LYS E 148 29.49 19.99 27.33
CA LYS E 148 28.10 20.31 27.65
C LYS E 148 27.88 20.30 29.17
N ASP E 149 26.72 20.79 29.59
CA ASP E 149 26.35 20.90 31.01
C ASP E 149 26.42 19.59 31.80
N ILE E 150 26.70 19.69 33.09
CA ILE E 150 26.74 18.52 33.96
C ILE E 150 25.82 18.77 35.18
N ALA E 151 24.77 17.95 35.26
CA ALA E 151 23.77 18.04 36.33
C ALA E 151 24.41 17.88 37.70
N PRO E 152 23.79 18.44 38.75
CA PRO E 152 24.37 18.31 40.08
C PRO E 152 24.47 16.87 40.60
N TYR E 153 25.48 16.62 41.42
CA TYR E 153 25.73 15.33 42.03
C TYR E 153 25.80 14.15 41.06
N MET E 154 26.34 14.43 39.88
CA MET E 154 26.52 13.44 38.82
C MET E 154 28.00 13.12 38.68
N LEU E 155 28.31 11.91 38.22
CA LEU E 155 29.69 11.51 38.01
C LEU E 155 29.86 11.37 36.50
N ALA E 156 30.70 12.22 35.91
CA ALA E 156 30.91 12.20 34.45
C ALA E 156 32.35 12.07 34.05
N GLY E 157 32.57 11.67 32.80
CA GLY E 157 33.92 11.51 32.29
C GLY E 157 33.97 11.29 30.79
N GLY E 158 35.18 11.27 30.24
CA GLY E 158 35.35 11.03 28.82
C GLY E 158 35.56 12.30 28.01
N ASN E 159 35.94 12.10 26.75
CA ASN E 159 36.16 13.19 25.82
C ASN E 159 35.39 12.83 24.55
N PRO E 160 34.19 13.42 24.35
CA PRO E 160 33.50 14.40 25.19
C PRO E 160 32.94 13.79 26.46
N ALA E 161 32.93 14.57 27.53
CA ALA E 161 32.41 14.12 28.82
C ALA E 161 30.93 13.81 28.73
N ASN E 162 30.53 12.78 29.47
CA ASN E 162 29.13 12.38 29.53
C ASN E 162 28.83 11.96 30.96
N GLU E 163 27.58 12.09 31.36
CA GLU E 163 27.20 11.71 32.72
C GLU E 163 27.20 10.18 32.80
N ILE E 164 28.05 9.64 33.65
CA ILE E 164 28.18 8.20 33.80
C ILE E 164 27.15 7.59 34.72
N LYS E 165 26.89 8.26 35.85
CA LYS E 165 25.95 7.74 36.83
C LYS E 165 25.76 8.73 37.97
N GLN E 166 24.54 8.76 38.53
CA GLN E 166 24.17 9.63 39.64
C GLN E 166 24.87 9.23 40.92
N ARG E 167 25.39 10.21 41.65
CA ARG E 167 26.11 9.94 42.89
C ARG E 167 25.23 9.38 44.00
N PHE E 168 24.04 9.96 44.16
CA PHE E 168 23.12 9.50 45.18
C PHE E 168 21.68 9.39 44.67
N ASP E 169 20.83 8.72 45.44
CA ASP E 169 19.44 8.57 45.05
C ASP E 169 18.92 9.98 44.89
N GLN E 170 18.13 10.19 43.85
CA GLN E 170 17.57 11.51 43.58
C GLN E 170 17.21 12.27 44.85
N ASP E 171 16.52 11.56 45.73
CA ASP E 171 16.07 12.11 47.00
C ASP E 171 17.21 12.82 47.73
N THR E 172 18.18 12.03 48.19
CA THR E 172 19.34 12.54 48.90
C THR E 172 19.87 13.81 48.26
N ILE E 173 19.86 13.83 46.94
CA ILE E 173 20.34 14.99 46.22
C ILE E 173 19.49 16.22 46.54
N ASN E 174 18.22 16.20 46.14
CA ASN E 174 17.31 17.31 46.40
C ASN E 174 17.51 18.01 47.74
N GLN E 175 17.56 17.23 48.81
CA GLN E 175 17.74 17.77 50.14
C GLN E 175 19.06 18.50 50.28
N LEU E 176 20.15 17.88 49.83
CA LEU E 176 21.47 18.49 49.90
C LEU E 176 21.43 19.86 49.19
N LEU E 177 20.69 19.92 48.08
CA LEU E 177 20.57 21.16 47.31
C LEU E 177 19.75 22.17 48.11
N ASP E 178 18.82 21.67 48.92
CA ASP E 178 17.99 22.52 49.74
C ASP E 178 18.78 23.05 50.93
N ILE E 179 19.54 22.16 51.58
CA ILE E 179 20.35 22.56 52.72
C ILE E 179 21.39 23.62 52.34
N LYS E 180 22.27 23.25 51.41
CA LYS E 180 23.33 24.14 50.94
C LYS E 180 24.26 24.45 52.08
N TRP E 181 24.93 23.44 52.61
CA TRP E 181 25.82 23.68 53.73
C TRP E 181 26.93 24.70 53.38
N TRP E 182 27.49 24.57 52.19
CA TRP E 182 28.57 25.45 51.75
C TRP E 182 28.26 26.92 51.98
N ASN E 183 26.98 27.25 52.06
CA ASN E 183 26.59 28.64 52.29
C ASN E 183 26.52 29.03 53.76
N TRP E 184 26.78 28.10 54.65
CA TRP E 184 26.75 28.41 56.08
C TRP E 184 28.04 29.07 56.54
N PRO E 185 27.97 29.88 57.62
CA PRO E 185 29.20 30.53 58.10
C PRO E 185 30.14 29.41 58.55
N ILE E 186 31.44 29.59 58.38
CA ILE E 186 32.31 28.53 58.77
C ILE E 186 32.27 28.21 60.26
N ASP E 187 31.86 29.16 61.10
CA ASP E 187 31.79 28.85 62.54
C ASP E 187 30.86 27.65 62.65
N ILE E 188 29.78 27.67 61.89
CA ILE E 188 28.80 26.60 61.89
C ILE E 188 29.24 25.38 61.08
N ILE E 189 29.89 25.58 59.95
CA ILE E 189 30.33 24.44 59.15
C ILE E 189 31.30 23.66 60.00
N ASN E 190 32.19 24.37 60.66
CA ASN E 190 33.19 23.76 61.52
C ASN E 190 32.63 22.72 62.48
N GLU E 191 31.43 22.94 62.99
CA GLU E 191 30.84 21.98 63.92
C GLU E 191 30.28 20.72 63.28
N ASN E 192 30.17 20.68 61.96
CA ASN E 192 29.59 19.48 61.36
C ASN E 192 30.33 18.82 60.23
N ILE E 193 31.60 19.14 60.09
CA ILE E 193 32.39 18.57 59.03
C ILE E 193 32.18 17.07 58.86
N ASP E 194 32.05 16.32 59.95
CA ASP E 194 31.87 14.88 59.77
C ASP E 194 30.47 14.42 59.41
N LYS E 195 29.51 15.33 59.45
CA LYS E 195 28.14 14.98 59.09
C LYS E 195 28.00 15.36 57.62
N ILE E 196 28.91 16.21 57.17
CA ILE E 196 28.94 16.68 55.80
C ILE E 196 29.70 15.64 54.97
N LEU E 197 30.73 15.04 55.56
CA LEU E 197 31.52 14.05 54.87
C LEU E 197 30.82 12.72 54.67
N ASP E 198 29.89 12.38 55.57
CA ASP E 198 29.18 11.11 55.47
C ASP E 198 27.71 11.26 55.07
N ASN E 199 27.33 12.48 54.72
CA ASN E 199 25.97 12.77 54.28
C ASN E 199 24.88 12.69 55.34
N SER E 200 25.26 12.50 56.60
CA SER E 200 24.27 12.42 57.68
C SER E 200 23.62 13.79 57.95
N ILE E 201 24.27 14.86 57.49
CA ILE E 201 23.75 16.21 57.69
C ILE E 201 22.39 16.39 57.03
N ILE E 202 21.86 15.32 56.44
CA ILE E 202 20.55 15.42 55.81
C ILE E 202 19.49 15.15 56.87
N ARG E 203 19.87 14.42 57.92
CA ARG E 203 18.95 14.14 59.02
C ARG E 203 19.04 15.37 59.90
N GLU E 204 20.26 15.70 60.29
CA GLU E 204 20.48 16.87 61.14
C GLU E 204 19.65 18.06 60.70
N VAL E 205 19.43 18.18 59.39
CA VAL E 205 18.65 19.30 58.85
C VAL E 205 17.25 19.40 59.48
N MET F 1 73.06 -13.35 24.13
CA MET F 1 72.78 -12.64 22.85
C MET F 1 71.61 -11.71 23.09
N GLY F 2 71.66 -10.51 22.53
CA GLY F 2 70.62 -9.52 22.76
C GLY F 2 71.13 -8.57 23.83
N PRO F 3 70.31 -7.69 24.39
CA PRO F 3 70.86 -6.80 25.40
C PRO F 3 70.89 -7.31 26.87
N ASN F 4 71.29 -6.43 27.79
CA ASN F 4 71.38 -6.72 29.22
C ASN F 4 70.10 -6.17 29.85
N PRO F 5 69.19 -7.06 30.29
CA PRO F 5 67.92 -6.64 30.90
C PRO F 5 68.08 -5.94 32.24
N MET F 6 69.32 -5.84 32.71
CA MET F 6 69.63 -5.23 34.00
C MET F 6 70.16 -3.82 33.82
N LYS F 7 70.23 -3.39 32.57
CA LYS F 7 70.75 -2.07 32.26
C LYS F 7 69.70 -0.99 32.13
N MET F 8 69.89 0.09 32.89
CA MET F 8 68.99 1.24 32.84
C MET F 8 68.92 1.67 31.37
N TYR F 9 70.07 1.75 30.72
CA TYR F 9 70.17 2.15 29.32
C TYR F 9 70.83 1.07 28.49
N PRO F 10 70.01 0.19 27.92
CA PRO F 10 70.47 -0.93 27.08
C PRO F 10 71.28 -0.54 25.85
N ILE F 11 70.83 0.49 25.14
CA ILE F 11 71.52 0.93 23.94
C ILE F 11 72.63 1.92 24.27
N GLU F 12 73.85 1.54 23.90
CA GLU F 12 75.06 2.34 24.14
C GLU F 12 74.92 3.75 23.62
N GLY F 13 75.29 4.70 24.45
CA GLY F 13 75.21 6.08 24.06
C GLY F 13 73.81 6.62 23.78
N ASN F 14 72.78 5.96 24.30
CA ASN F 14 71.41 6.40 24.11
C ASN F 14 70.77 6.53 25.50
N LYS F 15 70.05 7.63 25.74
CA LYS F 15 69.44 7.83 27.05
C LYS F 15 67.94 7.99 27.03
N SER F 16 67.34 7.70 25.88
CA SER F 16 65.89 7.80 25.74
C SER F 16 65.27 6.47 26.08
N VAL F 17 65.72 5.42 25.38
CA VAL F 17 65.22 4.08 25.63
C VAL F 17 65.80 3.53 26.93
N GLN F 18 64.92 3.15 27.85
CA GLN F 18 65.34 2.60 29.13
C GLN F 18 64.57 1.33 29.48
N PHE F 19 65.25 0.41 30.15
CA PHE F 19 64.62 -0.82 30.58
C PHE F 19 63.97 -0.49 31.93
N ILE F 20 62.67 -0.74 32.02
CA ILE F 20 61.92 -0.44 33.22
C ILE F 20 62.33 -1.17 34.52
N LYS F 21 62.49 -2.48 34.46
CA LYS F 21 62.85 -3.27 35.64
C LYS F 21 63.96 -2.67 36.52
N PRO F 22 65.16 -2.44 35.97
CA PRO F 22 66.24 -1.87 36.79
C PRO F 22 65.83 -0.63 37.59
N ILE F 23 65.06 0.26 36.96
CA ILE F 23 64.64 1.49 37.59
C ILE F 23 63.55 1.39 38.67
N LEU F 24 62.57 0.52 38.47
CA LEU F 24 61.49 0.39 39.43
C LEU F 24 61.63 -0.69 40.48
N GLU F 25 62.72 -1.44 40.47
CA GLU F 25 62.78 -2.50 41.46
C GLU F 25 63.31 -2.04 42.79
N LYS F 26 63.75 -0.80 42.83
CA LYS F 26 64.23 -0.22 44.08
C LYS F 26 62.94 0.15 44.82
N LEU F 27 61.84 0.23 44.08
CA LEU F 27 60.53 0.59 44.62
C LEU F 27 59.84 -0.55 45.33
N GLU F 28 58.68 -0.24 45.88
CA GLU F 28 57.90 -1.20 46.66
C GLU F 28 56.49 -1.31 46.08
N ASN F 29 55.97 -2.53 46.06
CA ASN F 29 54.63 -2.73 45.53
C ASN F 29 54.62 -2.45 44.03
N VAL F 30 55.64 -2.94 43.34
CA VAL F 30 55.76 -2.80 41.89
C VAL F 30 56.47 -4.08 41.43
N GLU F 31 56.01 -4.65 40.33
CA GLU F 31 56.57 -5.88 39.79
C GLU F 31 56.71 -5.68 38.28
N VAL F 32 57.94 -5.72 37.77
CA VAL F 32 58.16 -5.48 36.35
C VAL F 32 58.90 -6.59 35.60
N GLY F 33 58.38 -6.95 34.43
CA GLY F 33 58.98 -7.99 33.60
C GLY F 33 60.30 -7.58 32.98
N GLU F 34 61.15 -8.57 32.69
CA GLU F 34 62.49 -8.35 32.14
C GLU F 34 62.79 -7.39 30.98
N TYR F 35 62.36 -7.69 29.76
CA TYR F 35 62.74 -6.79 28.67
C TYR F 35 61.87 -5.57 28.33
N SER F 36 60.80 -5.34 29.09
CA SER F 36 59.93 -4.20 28.84
C SER F 36 60.71 -2.90 28.87
N TYR F 37 60.48 -2.02 27.89
CA TYR F 37 61.19 -0.77 27.83
C TYR F 37 60.26 0.43 27.76
N TYR F 38 60.82 1.61 28.03
CA TYR F 38 60.06 2.85 28.01
C TYR F 38 60.80 3.85 27.10
N ASP F 39 60.11 4.36 26.10
CA ASP F 39 60.69 5.33 25.19
C ASP F 39 60.47 6.71 25.81
N SER F 40 61.45 7.17 26.59
CA SER F 40 61.36 8.44 27.28
C SER F 40 60.96 9.62 26.40
N LYS F 41 60.04 10.43 26.92
CA LYS F 41 59.54 11.60 26.21
C LYS F 41 60.46 12.81 26.32
N ASN F 42 61.06 13.01 27.49
CA ASN F 42 61.93 14.15 27.71
C ASN F 42 63.16 13.82 28.54
N GLY F 43 63.62 12.58 28.48
CA GLY F 43 64.80 12.22 29.24
C GLY F 43 64.47 11.75 30.64
N GLU F 44 63.23 12.00 31.07
CA GLU F 44 62.78 11.58 32.39
C GLU F 44 62.78 10.06 32.51
N THR F 45 62.93 9.56 33.72
CA THR F 45 62.91 8.13 33.92
C THR F 45 61.47 7.75 34.20
N PHE F 46 61.12 6.50 33.93
CA PHE F 46 59.76 6.01 34.11
C PHE F 46 59.14 6.15 35.49
N ASP F 47 59.94 5.99 36.54
CA ASP F 47 59.42 6.12 37.88
C ASP F 47 58.66 7.44 38.08
N LYS F 48 58.92 8.42 37.22
CA LYS F 48 58.23 9.70 37.35
C LYS F 48 56.82 9.63 36.76
N GLN F 49 56.52 8.54 36.05
CA GLN F 49 55.23 8.37 35.42
C GLN F 49 54.19 7.62 36.22
N ILE F 50 54.59 7.11 37.39
CA ILE F 50 53.64 6.40 38.25
C ILE F 50 53.23 7.39 39.33
N LEU F 51 52.01 7.92 39.23
CA LEU F 51 51.54 8.91 40.20
C LEU F 51 50.67 8.39 41.32
N TYR F 52 50.68 9.14 42.43
CA TYR F 52 49.86 8.81 43.60
C TYR F 52 49.98 7.36 44.09
N HIS F 53 51.19 6.84 44.13
CA HIS F 53 51.38 5.48 44.61
C HIS F 53 51.90 5.52 46.04
N TYR F 54 51.04 5.18 46.99
CA TYR F 54 51.43 5.19 48.39
C TYR F 54 51.43 3.77 48.92
N PRO F 55 52.52 3.37 49.58
CA PRO F 55 52.64 2.01 50.13
C PRO F 55 51.53 1.63 51.10
N ILE F 56 51.02 2.59 51.85
CA ILE F 56 49.97 2.31 52.83
C ILE F 56 48.66 1.80 52.23
N LEU F 57 48.31 2.28 51.04
CA LEU F 57 47.07 1.88 50.38
C LEU F 57 47.19 0.44 49.91
N ASN F 58 48.41 -0.08 49.99
CA ASN F 58 48.73 -1.46 49.62
C ASN F 58 48.34 -1.97 48.22
N ASP F 59 48.07 -1.07 47.28
CA ASP F 59 47.72 -1.48 45.92
C ASP F 59 49.00 -1.73 45.11
N LYS F 60 48.93 -2.58 44.10
CA LYS F 60 50.12 -2.90 43.33
C LYS F 60 50.06 -2.71 41.82
N LEU F 61 51.25 -2.56 41.25
CA LEU F 61 51.46 -2.37 39.83
C LEU F 61 52.29 -3.54 39.31
N LYS F 62 51.84 -4.15 38.23
CA LYS F 62 52.55 -5.28 37.68
C LYS F 62 52.63 -5.14 36.17
N ILE F 63 53.82 -5.26 35.65
CA ILE F 63 54.06 -5.16 34.22
C ILE F 63 54.80 -6.40 33.78
N GLY F 64 54.32 -7.02 32.70
CA GLY F 64 54.95 -8.22 32.21
C GLY F 64 56.24 -7.99 31.46
N LYS F 65 56.66 -9.00 30.70
CA LYS F 65 57.90 -8.92 29.93
C LYS F 65 57.64 -8.57 28.48
N PHE F 66 58.62 -7.94 27.84
CA PHE F 66 58.53 -7.58 26.44
C PHE F 66 57.40 -6.65 26.14
N CYS F 67 57.32 -5.59 26.94
CA CYS F 67 56.31 -4.56 26.77
C CYS F 67 56.99 -3.34 26.19
N SER F 68 56.31 -2.69 25.25
CA SER F 68 56.81 -1.50 24.62
C SER F 68 55.95 -0.35 25.14
N ILE F 69 56.55 0.59 25.84
CA ILE F 69 55.76 1.69 26.39
C ILE F 69 56.07 3.06 25.77
N GLY F 70 55.05 3.64 25.13
CA GLY F 70 55.20 4.92 24.47
C GLY F 70 55.50 6.03 25.44
N PRO F 71 56.11 7.13 24.96
CA PRO F 71 56.47 8.28 25.80
C PRO F 71 55.24 9.02 26.32
N GLY F 72 55.31 9.46 27.57
CA GLY F 72 54.21 10.19 28.14
C GLY F 72 53.19 9.33 28.84
N VAL F 73 53.29 8.00 28.65
CA VAL F 73 52.33 7.10 29.30
C VAL F 73 52.33 7.37 30.81
N THR F 74 51.14 7.47 31.38
CA THR F 74 51.00 7.74 32.80
C THR F 74 50.23 6.65 33.49
N ILE F 75 50.66 6.28 34.68
CA ILE F 75 49.98 5.26 35.45
C ILE F 75 49.48 5.88 36.75
N ILE F 76 48.17 5.90 36.93
CA ILE F 76 47.60 6.49 38.14
C ILE F 76 47.16 5.44 39.14
N MET F 77 47.65 5.58 40.36
CA MET F 77 47.31 4.63 41.42
C MET F 77 46.21 5.21 42.31
N ASN F 78 45.66 4.38 43.19
CA ASN F 78 44.58 4.78 44.07
C ASN F 78 44.82 5.98 44.97
N GLY F 79 46.07 6.41 45.10
CA GLY F 79 46.40 7.54 45.96
C GLY F 79 45.74 8.88 45.70
N ALA F 80 44.90 9.01 44.67
CA ALA F 80 44.25 10.29 44.38
C ALA F 80 42.76 10.21 44.57
N ASN F 81 42.28 9.02 44.94
CA ASN F 81 40.86 8.83 45.16
C ASN F 81 40.45 9.61 46.40
N HIS F 82 39.45 10.46 46.22
CA HIS F 82 38.91 11.27 47.31
C HIS F 82 37.83 10.41 47.97
N ARG F 83 37.49 10.74 49.20
CA ARG F 83 36.44 10.01 49.91
C ARG F 83 35.14 10.54 49.28
N MET F 84 34.22 9.66 48.86
CA MET F 84 33.01 10.18 48.24
C MET F 84 31.65 9.70 48.74
N ASP F 85 31.53 9.35 50.02
CA ASP F 85 30.22 8.96 50.51
C ASP F 85 29.49 10.23 50.94
N GLY F 86 30.22 11.34 50.95
CA GLY F 86 29.65 12.62 51.32
C GLY F 86 30.29 13.71 50.46
N SER F 87 30.78 14.75 51.10
CA SER F 87 31.44 15.84 50.39
C SER F 87 32.84 15.37 50.00
N THR F 88 33.24 15.61 48.75
CA THR F 88 34.58 15.20 48.28
C THR F 88 35.69 16.19 48.66
N TYR F 89 35.37 17.17 49.50
CA TYR F 89 36.34 18.15 49.92
C TYR F 89 37.27 17.57 51.01
N PRO F 90 38.60 17.62 50.79
CA PRO F 90 39.56 17.08 51.76
C PRO F 90 39.87 18.07 52.89
N PHE F 91 38.93 18.25 53.80
CA PHE F 91 39.13 19.16 54.90
C PHE F 91 40.43 18.89 55.61
N ASN F 92 40.62 17.63 55.99
CA ASN F 92 41.80 17.17 56.71
C ASN F 92 43.12 17.67 56.13
N LEU F 93 43.14 17.95 54.84
CA LEU F 93 44.37 18.39 54.17
C LEU F 93 44.94 19.74 54.65
N PHE F 94 44.10 20.56 55.28
CA PHE F 94 44.51 21.91 55.70
C PHE F 94 44.88 22.18 57.14
N GLY F 95 44.79 21.15 57.98
CA GLY F 95 45.13 21.34 59.38
C GLY F 95 44.36 22.46 60.05
N ASN F 96 45.05 23.20 60.92
CA ASN F 96 44.45 24.30 61.66
C ASN F 96 43.20 23.82 62.41
N GLY F 97 43.17 22.53 62.72
CA GLY F 97 42.03 21.96 63.43
C GLY F 97 41.23 20.95 62.63
N TRP F 98 41.47 20.89 61.33
CA TRP F 98 40.75 19.98 60.45
C TRP F 98 41.42 18.61 60.26
N GLU F 99 42.57 18.40 60.91
CA GLU F 99 43.26 17.12 60.79
C GLU F 99 42.46 15.99 61.41
N LYS F 100 41.67 16.31 62.44
CA LYS F 100 40.88 15.29 63.11
C LYS F 100 39.87 14.62 62.20
N HIS F 101 39.72 15.13 60.99
CA HIS F 101 38.76 14.55 60.05
C HIS F 101 39.41 13.63 59.06
N MET F 102 40.49 13.00 59.47
CA MET F 102 41.18 12.06 58.62
C MET F 102 40.21 10.91 58.38
N PRO F 103 40.13 10.42 57.13
CA PRO F 103 39.21 9.30 56.85
C PRO F 103 39.90 7.96 57.11
N LYS F 104 39.12 6.97 57.56
CA LYS F 104 39.67 5.64 57.82
C LYS F 104 40.18 5.03 56.51
N LEU F 105 41.03 4.01 56.60
CA LEU F 105 41.55 3.36 55.41
C LEU F 105 40.39 2.82 54.55
N ASP F 106 39.40 2.23 55.20
CA ASP F 106 38.26 1.66 54.49
C ASP F 106 37.22 2.67 54.03
N GLN F 107 37.48 3.95 54.26
CA GLN F 107 36.54 4.96 53.81
C GLN F 107 37.08 5.49 52.48
N LEU F 108 38.26 5.01 52.09
CA LEU F 108 38.90 5.45 50.86
C LEU F 108 38.65 4.48 49.71
N PRO F 109 38.12 5.00 48.57
CA PRO F 109 37.86 4.14 47.42
C PRO F 109 39.17 3.58 46.91
N ILE F 110 39.30 2.26 46.98
CA ILE F 110 40.48 1.61 46.45
C ILE F 110 39.88 0.71 45.39
N LYS F 111 40.30 0.94 44.16
CA LYS F 111 39.76 0.20 43.05
C LYS F 111 40.53 -1.06 42.70
N GLY F 112 41.70 -1.26 43.33
CA GLY F 112 42.48 -2.45 43.07
C GLY F 112 43.89 -2.29 42.51
N ASP F 113 44.48 -3.41 42.09
CA ASP F 113 45.82 -3.42 41.51
C ASP F 113 45.73 -3.23 40.02
N THR F 114 46.70 -2.51 39.47
CA THR F 114 46.81 -2.25 38.04
C THR F 114 47.68 -3.39 37.54
N ILE F 115 47.21 -4.12 36.54
CA ILE F 115 48.00 -5.23 36.01
C ILE F 115 48.14 -5.22 34.51
N ILE F 116 49.35 -4.92 34.03
CA ILE F 116 49.61 -4.91 32.60
C ILE F 116 50.33 -6.22 32.25
N GLY F 117 49.75 -6.96 31.31
CA GLY F 117 50.30 -8.25 30.91
C GLY F 117 51.63 -8.21 30.18
N ASN F 118 51.90 -9.28 29.41
CA ASN F 118 53.14 -9.38 28.64
C ASN F 118 52.94 -9.02 27.17
N ASP F 119 54.01 -8.58 26.52
CA ASP F 119 53.96 -8.25 25.10
C ASP F 119 52.83 -7.29 24.81
N VAL F 120 52.62 -6.32 25.71
CA VAL F 120 51.58 -5.33 25.54
C VAL F 120 52.23 -4.07 24.98
N TRP F 121 51.60 -3.46 23.97
CA TRP F 121 52.12 -2.24 23.36
C TRP F 121 51.24 -1.06 23.74
N ILE F 122 51.83 -0.02 24.31
CA ILE F 122 51.08 1.16 24.73
C ILE F 122 51.56 2.42 24.00
N GLY F 123 50.60 3.08 23.37
CA GLY F 123 50.89 4.29 22.62
C GLY F 123 51.32 5.44 23.50
N LYS F 124 51.79 6.50 22.85
CA LYS F 124 52.22 7.67 23.57
C LYS F 124 51.08 8.31 24.35
N ASP F 125 51.45 8.97 25.45
CA ASP F 125 50.53 9.70 26.32
C ASP F 125 49.23 9.01 26.68
N VAL F 126 49.31 7.72 26.93
CA VAL F 126 48.13 6.97 27.32
C VAL F 126 48.02 7.09 28.85
N VAL F 127 46.81 7.29 29.35
CA VAL F 127 46.60 7.39 30.80
C VAL F 127 45.89 6.15 31.30
N ILE F 128 46.45 5.51 32.32
CA ILE F 128 45.81 4.33 32.86
C ILE F 128 45.25 4.65 34.24
N MET F 129 43.94 4.47 34.38
CA MET F 129 43.26 4.75 35.63
C MET F 129 43.53 3.62 36.61
N PRO F 130 43.25 3.85 37.90
CA PRO F 130 43.48 2.82 38.92
C PRO F 130 42.69 1.53 38.78
N GLY F 131 43.30 0.43 39.24
CA GLY F 131 42.67 -0.88 39.21
C GLY F 131 42.25 -1.46 37.88
N VAL F 132 43.00 -1.13 36.83
CA VAL F 132 42.67 -1.62 35.51
C VAL F 132 43.62 -2.76 35.19
N LYS F 133 43.16 -3.67 34.34
CA LYS F 133 43.95 -4.81 33.93
C LYS F 133 44.00 -4.86 32.41
N ILE F 134 45.20 -5.08 31.87
CA ILE F 134 45.38 -5.16 30.42
C ILE F 134 46.04 -6.50 30.07
N GLY F 135 45.34 -7.30 29.28
CA GLY F 135 45.84 -8.62 28.89
C GLY F 135 47.06 -8.72 27.99
N ASP F 136 47.55 -9.94 27.82
CA ASP F 136 48.70 -10.17 26.97
C ASP F 136 48.43 -9.86 25.51
N GLY F 137 49.43 -9.32 24.81
CA GLY F 137 49.30 -9.03 23.39
C GLY F 137 48.42 -7.86 23.01
N ALA F 138 47.93 -7.14 24.01
CA ALA F 138 47.07 -5.99 23.78
C ALA F 138 47.79 -4.76 23.25
N ILE F 139 47.10 -3.99 22.43
CA ILE F 139 47.65 -2.75 21.89
C ILE F 139 46.70 -1.63 22.26
N VAL F 140 47.21 -0.62 22.96
CA VAL F 140 46.41 0.53 23.35
C VAL F 140 46.87 1.67 22.42
N ALA F 141 45.90 2.29 21.74
CA ALA F 141 46.19 3.37 20.78
C ALA F 141 46.60 4.68 21.46
N ALA F 142 47.56 5.36 20.86
CA ALA F 142 48.05 6.63 21.40
C ALA F 142 46.92 7.48 21.95
N ASN F 143 47.23 8.24 22.99
CA ASN F 143 46.29 9.15 23.63
C ASN F 143 44.96 8.58 24.14
N SER F 144 45.01 7.39 24.71
CA SER F 144 43.82 6.75 25.25
C SER F 144 43.81 6.84 26.76
N VAL F 145 42.62 6.82 27.35
CA VAL F 145 42.50 6.84 28.81
C VAL F 145 41.79 5.54 29.14
N VAL F 146 42.52 4.60 29.73
CA VAL F 146 41.95 3.30 30.08
C VAL F 146 41.27 3.34 31.47
N VAL F 147 39.95 3.15 31.48
CA VAL F 147 39.18 3.19 32.72
C VAL F 147 38.59 1.83 33.09
N LYS F 148 38.74 0.85 32.21
CA LYS F 148 38.26 -0.51 32.45
C LYS F 148 39.12 -1.50 31.68
N ASP F 149 39.21 -2.72 32.19
CA ASP F 149 40.04 -3.78 31.61
C ASP F 149 39.92 -4.03 30.10
N ILE F 150 41.06 -4.40 29.51
CA ILE F 150 41.16 -4.71 28.09
C ILE F 150 41.65 -6.16 27.94
N ALA F 151 40.90 -6.97 27.18
CA ALA F 151 41.25 -8.38 26.98
C ALA F 151 42.53 -8.63 26.18
N PRO F 152 43.11 -9.85 26.30
CA PRO F 152 44.33 -10.23 25.60
C PRO F 152 44.26 -10.15 24.06
N TYR F 153 45.33 -9.66 23.46
CA TYR F 153 45.43 -9.54 22.01
C TYR F 153 44.23 -8.78 21.44
N MET F 154 43.90 -7.67 22.09
CA MET F 154 42.79 -6.84 21.66
C MET F 154 43.34 -5.48 21.29
N LEU F 155 42.66 -4.78 20.39
CA LEU F 155 43.09 -3.43 20.03
C LEU F 155 42.07 -2.47 20.64
N ALA F 156 42.57 -1.46 21.34
CA ALA F 156 41.67 -0.49 21.97
C ALA F 156 42.18 0.95 21.89
N GLY F 157 41.29 1.89 22.19
CA GLY F 157 41.70 3.28 22.14
C GLY F 157 40.52 4.20 22.43
N GLY F 158 40.81 5.47 22.69
CA GLY F 158 39.76 6.42 22.97
C GLY F 158 39.73 6.87 24.42
N ASN F 159 38.72 7.68 24.75
CA ASN F 159 38.53 8.21 26.09
C ASN F 159 37.02 8.35 26.37
N PRO F 160 36.43 7.36 27.07
CA PRO F 160 37.06 6.14 27.60
C PRO F 160 37.51 5.16 26.53
N ALA F 161 38.56 4.42 26.84
CA ALA F 161 39.10 3.45 25.91
C ALA F 161 38.12 2.31 25.74
N ASN F 162 37.94 1.87 24.51
CA ASN F 162 37.03 0.77 24.22
C ASN F 162 37.74 -0.23 23.34
N GLU F 163 37.33 -1.49 23.45
CA GLU F 163 37.94 -2.54 22.64
C GLU F 163 37.40 -2.40 21.22
N ILE F 164 38.31 -2.24 20.27
CA ILE F 164 37.93 -2.09 18.87
C ILE F 164 37.94 -3.41 18.09
N LYS F 165 39.14 -3.87 17.81
CA LYS F 165 39.40 -5.08 17.04
C LYS F 165 39.64 -6.30 17.93
N GLN F 166 40.19 -7.32 17.28
CA GLN F 166 40.62 -8.55 17.91
C GLN F 166 41.77 -8.79 16.95
N ARG F 167 42.99 -8.70 17.47
CA ARG F 167 44.17 -8.85 16.65
C ARG F 167 44.17 -10.07 15.74
N PHE F 168 43.93 -11.25 16.32
CA PHE F 168 43.91 -12.49 15.57
C PHE F 168 42.66 -13.30 15.88
N ASP F 169 42.52 -14.44 15.21
CA ASP F 169 41.38 -15.33 15.42
C ASP F 169 41.41 -15.89 16.83
N GLN F 170 40.23 -16.17 17.37
CA GLN F 170 40.15 -16.72 18.71
C GLN F 170 41.19 -17.80 18.93
N ASP F 171 41.32 -18.67 17.94
CA ASP F 171 42.25 -19.78 18.02
C ASP F 171 43.69 -19.36 18.28
N THR F 172 44.22 -18.53 17.41
CA THR F 172 45.58 -18.05 17.55
C THR F 172 45.76 -17.43 18.92
N ILE F 173 44.74 -16.73 19.40
CA ILE F 173 44.83 -16.10 20.72
C ILE F 173 44.94 -17.14 21.82
N ASN F 174 44.21 -18.25 21.67
CA ASN F 174 44.23 -19.32 22.65
C ASN F 174 45.59 -19.97 22.74
N GLN F 175 46.11 -20.38 21.59
CA GLN F 175 47.43 -21.01 21.53
C GLN F 175 48.49 -20.11 22.13
N LEU F 176 48.45 -18.84 21.72
CA LEU F 176 49.41 -17.84 22.19
C LEU F 176 49.42 -17.77 23.72
N LEU F 177 48.23 -17.71 24.30
CA LEU F 177 48.07 -17.64 25.73
C LEU F 177 48.58 -18.92 26.37
N ASP F 178 48.39 -20.04 25.67
CA ASP F 178 48.84 -21.32 26.17
C ASP F 178 50.36 -21.46 26.00
N ILE F 179 50.88 -20.97 24.88
CA ILE F 179 52.30 -21.03 24.58
C ILE F 179 53.15 -20.14 25.49
N LYS F 180 52.71 -18.89 25.66
CA LYS F 180 53.45 -17.96 26.53
C LYS F 180 54.94 -18.01 26.22
N TRP F 181 55.33 -17.54 25.04
CA TRP F 181 56.73 -17.57 24.66
C TRP F 181 57.61 -16.65 25.49
N TRP F 182 57.01 -15.70 26.21
CA TRP F 182 57.78 -14.76 27.01
C TRP F 182 58.39 -15.38 28.26
N ASN F 183 58.09 -16.66 28.48
CA ASN F 183 58.59 -17.39 29.63
C ASN F 183 59.72 -18.35 29.34
N TRP F 184 59.98 -18.58 28.06
CA TRP F 184 61.05 -19.47 27.65
C TRP F 184 62.42 -18.89 28.02
N PRO F 185 63.43 -19.76 28.23
CA PRO F 185 64.79 -19.33 28.59
C PRO F 185 65.19 -18.35 27.49
N ILE F 186 66.01 -17.35 27.78
CA ILE F 186 66.31 -16.44 26.70
C ILE F 186 66.84 -17.21 25.48
N ASP F 187 67.83 -18.09 25.69
CA ASP F 187 68.42 -18.90 24.63
C ASP F 187 67.42 -19.35 23.56
N ILE F 188 66.27 -19.86 24.02
CA ILE F 188 65.23 -20.34 23.15
C ILE F 188 64.48 -19.24 22.42
N ILE F 189 64.21 -18.13 23.12
CA ILE F 189 63.53 -17.02 22.50
C ILE F 189 64.41 -16.50 21.37
N ASN F 190 65.68 -16.34 21.70
CA ASN F 190 66.70 -15.85 20.77
C ASN F 190 66.78 -16.61 19.47
N GLU F 191 66.36 -17.87 19.48
CA GLU F 191 66.41 -18.69 18.30
C GLU F 191 65.04 -18.78 17.63
N ASN F 192 64.13 -17.90 18.01
CA ASN F 192 62.81 -17.95 17.40
C ASN F 192 62.26 -16.57 17.15
N ILE F 193 63.01 -15.56 17.59
CA ILE F 193 62.58 -14.18 17.41
C ILE F 193 61.86 -14.03 16.07
N ASP F 194 62.31 -14.75 15.05
CA ASP F 194 61.69 -14.66 13.74
C ASP F 194 60.27 -15.20 13.65
N LYS F 195 60.03 -16.33 14.30
CA LYS F 195 58.72 -16.97 14.33
C LYS F 195 57.82 -16.28 15.36
N ILE F 196 58.43 -15.45 16.20
CA ILE F 196 57.70 -14.73 17.23
C ILE F 196 57.09 -13.48 16.62
N LEU F 197 57.79 -12.90 15.66
CA LEU F 197 57.32 -11.70 15.00
C LEU F 197 56.29 -11.97 13.90
N ASP F 198 56.27 -13.19 13.38
CA ASP F 198 55.31 -13.49 12.32
C ASP F 198 54.24 -14.45 12.80
N ASN F 199 54.22 -14.68 14.11
CA ASN F 199 53.24 -15.56 14.73
C ASN F 199 53.31 -17.03 14.29
N SER F 200 54.23 -17.35 13.38
CA SER F 200 54.38 -18.72 12.89
C SER F 200 54.80 -19.66 14.01
N ILE F 201 55.15 -19.09 15.17
CA ILE F 201 55.59 -19.87 16.31
C ILE F 201 54.52 -20.84 16.81
N ILE F 202 53.26 -20.51 16.52
CA ILE F 202 52.14 -21.36 16.94
C ILE F 202 52.19 -22.71 16.23
N ARG F 203 53.04 -22.82 15.20
CA ARG F 203 53.15 -24.05 14.43
C ARG F 203 54.37 -24.91 14.71
N GLU F 204 55.32 -24.39 15.48
CA GLU F 204 56.52 -25.16 15.80
C GLU F 204 56.54 -25.54 17.30
N VAL F 205 55.50 -25.13 18.03
CA VAL F 205 55.39 -25.42 19.46
C VAL F 205 54.45 -26.60 19.72
N ILE F 206 53.25 -26.53 19.14
CA ILE F 206 52.21 -27.56 19.28
C ILE F 206 52.53 -28.70 20.25
C1 VIR G . -57.46 -7.53 -4.84
C10 VIR G . -53.43 -11.36 -4.33
C12 VIR G . -55.25 -11.57 -3.14
C13 VIR G . -52.13 -11.84 -4.85
C14 VIR G . -51.67 -11.07 -6.02
C16 VIR G . -51.04 -9.73 -5.83
C17 VIR G . -51.18 -8.84 -7.04
C19 VIR G . -51.83 -7.52 -6.75
C2 VIR G . -57.72 -7.26 -6.14
C20 VIR G . -52.58 -6.85 -7.57
C21 VIR G . -52.92 -7.35 -8.95
C22 VIR G . -53.16 -5.61 -7.15
C23 VIR G . -54.12 -5.02 -7.94
C24 VIR G . -54.85 -3.71 -7.58
C26 VIR G . -56.47 -3.35 -5.82
C28 VIR G . -57.86 -4.04 -5.62
C29 VIR G . -58.54 -3.58 -4.84
C3 VIR G . -56.93 -8.15 -7.03
C30 VIR G . -59.97 -3.86 -4.29
C31 VIR G . -61.08 -3.80 -5.35
C32 VIR G . -59.96 -5.22 -3.57
C33 VIR G . -61.32 -5.84 -3.50
C34 VIR G . -61.26 -7.19 -2.78
C35 VIR G . -62.27 -4.91 -2.72
C37 VIR G . -58.07 -6.72 -3.75
C4 VIR G . -56.10 -9.00 -6.10
C6 VIR G . -56.32 -9.36 -3.62
C8 VIR G . -55.24 -10.36 -3.76
N25 VIR G . -56.11 -3.97 -6.94
N5 VIR G . -56.49 -8.58 -4.70
N9 VIR G . -54.08 -10.24 -4.52
O11 VIR G . -54.10 -12.22 -3.48
O15 VIR G . -51.78 -11.59 -7.13
O18 VIR G . -49.83 -8.58 -7.57
O27 VIR G . -55.76 -2.53 -5.22
O36 VIR G . -59.16 -6.17 -4.34
O38 VIR G . -57.73 -6.52 -2.60
O7 VIR G . -56.99 -9.31 -2.59
C1 VIR H . -20.80 -22.53 -20.58
C10 VIR H . -24.46 -26.22 -21.14
C12 VIR H . -22.73 -26.83 -19.99
C13 VIR H . -25.78 -26.36 -21.80
C14 VIR H . -26.16 -25.16 -22.64
C16 VIR H . -25.45 -24.78 -23.93
C17 VIR H . -25.85 -23.42 -24.50
C19 VIR H . -24.71 -22.52 -24.90
C2 VIR H . -21.31 -21.33 -20.36
C20 VIR H . -24.61 -21.25 -24.58
C21 VIR H . -25.68 -20.51 -23.79
C22 VIR H . -23.39 -20.56 -24.97
C23 VIR H . -22.79 -19.75 -24.02
C24 VIR H . -21.43 -19.04 -24.20
C26 VIR H . -19.36 -20.22 -23.75
C28 VIR H . -18.85 -20.73 -22.36
C29 VIR H . -17.83 -20.48 -22.01
C3 VIR H . -22.82 -21.39 -20.16
C30 VIR H . -16.91 -20.69 -20.72
C31 VIR H . -16.95 -19.49 -19.76
C32 VIR H . -17.19 -22.00 -19.86
C33 VIR H . -16.77 -21.84 -18.40
C34 VIR H . -17.00 -23.12 -17.58
C35 VIR H . -15.29 -21.43 -18.29
C37 VIR H . -19.32 -22.83 -20.80
C4 VIR H . -23.14 -22.87 -20.30
C6 VIR H . -21.49 -24.74 -20.33
C8 VIR H . -22.62 -25.59 -20.48
N25 VIR H . -20.47 -19.64 -23.33
N5 VIR H . -21.80 -23.50 -20.61
N9 VIR H . -23.70 -25.22 -21.20
O11 VIR H . -23.95 -27.29 -20.42
O15 VIR H . -27.09 -24.48 -22.22
O18 VIR H . -26.66 -23.67 -25.66
O27 VIR H . -19.02 -20.31 -24.96
O36 VIR H . -18.63 -22.40 -19.72
O38 VIR H . -18.84 -23.35 -21.78
O7 VIR H . -20.37 -25.16 -20.07
N1A COA I . -47.40 -2.41 -26.42
C2A COA I . -47.67 -1.29 -27.17
N3A COA I . -48.65 -0.44 -27.01
C4A COA I . -49.47 -0.79 -25.97
C5A COA I . -49.33 -1.86 -25.13
C6A COA I . -48.23 -2.73 -25.37
N6A COA I . -47.96 -3.82 -24.65
N7A COA I . -50.37 -1.82 -24.20
C8A COA I . -51.10 -0.76 -24.49
N9A COA I . -50.57 -0.10 -25.56
C1B COA I . -50.92 1.10 -26.30
C2B COA I . -52.40 1.32 -26.45
O2B COA I . -52.92 0.55 -27.56
C3B COA I . -52.53 2.84 -26.63
O3B COA I . -52.51 3.28 -28.01
P3B COA I . -52.68 4.84 -28.37
O7A COA I . -51.49 5.59 -27.89
O8A COA I . -53.99 5.29 -27.84
O9A COA I . -52.73 4.97 -29.84
C4B COA I . -51.38 3.31 -25.75
O4B COA I . -50.46 2.21 -25.62
C5B COA I . -51.74 3.75 -24.33
O5B COA I . -53.15 3.67 -24.12
P1A COA I . -53.73 2.81 -22.88
O1A COA I . -53.70 1.35 -23.18
O2A COA I . -55.12 3.25 -22.54
O3A COA I . -52.75 3.14 -21.69
P2A COA I . -52.56 2.50 -20.18
O4A COA I . -53.81 1.91 -19.66
O5A COA I . -52.03 3.51 -19.25
O6A COA I . -51.47 1.34 -20.53
CBP COA I . -51.12 -1.04 -19.42
CCP COA I . -51.99 -0.08 -20.31
CDP COA I . -49.75 -1.20 -20.06
CEP COA I . -50.96 -0.52 -18.01
CAP COA I . -51.76 -2.47 -19.36
OAP COA I . -51.94 -3.03 -20.67
C9P COA I . -50.87 -3.50 -18.67
O9P COA I . -49.86 -3.96 -19.24
N8P COA I . -51.22 -3.90 -17.45
C7P COA I . -50.43 -4.89 -16.65
C6P COA I . -51.22 -6.18 -16.38
C5P COA I . -50.47 -7.32 -15.67
O5P COA I . -49.84 -8.15 -16.32
N4P COA I . -50.57 -7.30 -14.37
C3P COA I . -49.93 -8.30 -13.48
C2P COA I . -49.39 -7.62 -12.22
S1P COA I . -50.21 -8.22 -10.66
N1A COA J . -47.56 -10.40 -37.37
C2A COA J . -47.23 -9.57 -38.40
N3A COA J . -47.21 -9.83 -39.67
C4A COA J . -47.56 -11.13 -39.93
C5A COA J . -47.93 -12.11 -39.04
C6A COA J . -47.92 -11.70 -37.65
N6A COA J . -48.24 -12.51 -36.65
N7A COA J . -48.22 -13.32 -39.74
C8A COA J . -48.02 -13.01 -41.05
N9A COA J . -47.64 -11.71 -41.17
C1B COA J . -47.29 -10.88 -42.31
C2B COA J . -46.29 -11.53 -43.22
O2B COA J . -44.95 -11.38 -42.72
C3B COA J . -46.55 -10.85 -44.57
O3B COA J . -45.76 -9.64 -44.79
P3B COA J . -45.86 -8.77 -46.16
O7A COA J . -47.26 -8.75 -46.66
O8A COA J . -44.99 -9.35 -47.20
O9A COA J . -45.43 -7.37 -45.90
C4B COA J . -48.08 -10.61 -44.49
O4B COA J . -48.42 -10.65 -43.08
C5B COA J . -48.94 -11.67 -45.19
O5B COA J . -49.17 -12.86 -44.37
P1A COA J . -49.50 -14.25 -45.14
O1A COA J . -48.87 -15.39 -44.43
O2A COA J . -49.01 -14.22 -46.53
O3A COA J . -51.08 -14.33 -45.08
P2A COA J . -52.14 -15.50 -44.55
O4A COA J . -51.61 -16.84 -44.94
O5A COA J . -53.45 -15.31 -45.22
O6A COA J . -52.10 -15.14 -42.98
CBP COA J . -51.84 -16.50 -40.81
CCP COA J . -51.23 -16.11 -42.20
CDP COA J . -52.04 -15.26 -39.94
CEP COA J . -53.20 -17.18 -41.00
CAP COA J . -50.90 -17.52 -40.05
OAP COA J . -49.59 -16.93 -39.84
C9P COA J . -51.48 -17.90 -38.63
O9P COA J . -51.29 -17.15 -37.65
N8P COA J . -52.17 -19.04 -38.51
C7P COA J . -52.76 -19.50 -37.19
C6P COA J . -52.07 -20.75 -36.57
C5P COA J . -52.73 -21.17 -35.22
O5P COA J . -52.40 -20.62 -34.16
N4P COA J . -53.68 -22.17 -35.29
C3P COA J . -54.43 -22.71 -34.10
C2P COA J . -55.97 -22.76 -34.32
S1P COA J . -56.59 -24.28 -35.25
N1A COA K . -36.12 -7.37 -31.23
C2A COA K . -35.80 -6.14 -31.76
N3A COA K . -34.69 -5.48 -31.62
C4A COA K . -33.79 -6.14 -30.84
C5A COA K . -33.92 -7.37 -30.22
C6A COA K . -35.18 -8.02 -30.45
N6A COA K . -35.50 -9.21 -29.94
N7A COA K . -32.73 -7.68 -29.51
C8A COA K . -31.91 -6.61 -29.72
N9A COA K . -32.53 -5.70 -30.51
C1B COA K . -32.14 -4.41 -31.03
C2B COA K . -31.67 -3.46 -29.96
O2B COA K . -32.79 -2.74 -29.39
C3B COA K . -30.65 -2.56 -30.65
O3B COA K . -31.16 -1.30 -31.16
P3B COA K . -30.22 -0.24 -31.92
O7A COA K . -29.68 -0.82 -33.17
O8A COA K . -29.09 0.15 -31.05
O9A COA K . -30.99 0.98 -32.27
C4B COA K . -30.09 -3.50 -31.74
O4B COA K . -31.06 -4.57 -31.89
C5B COA K . -28.75 -4.16 -31.43
O5B COA K . -28.68 -4.74 -30.08
P1A COA K . -27.28 -5.39 -29.60
O1A COA K . -27.33 -5.72 -28.16
O2A COA K . -26.17 -4.43 -29.83
O3A COA K . -27.15 -6.66 -30.51
P2A COA K . -26.29 -8.09 -30.36
O4A COA K . -25.65 -8.13 -29.02
O5A COA K . -25.21 -8.10 -31.39
O6A COA K . -27.52 -9.10 -30.60
CBP COA K . -28.80 -10.93 -29.33
CCP COA K . -28.18 -9.50 -29.30
CDP COA K . -29.85 -11.04 -30.44
CEP COA K . -27.70 -11.97 -29.61
CAP COA K . -29.48 -11.29 -27.95
OAP COA K . -30.51 -10.33 -27.64
C9P COA K . -30.14 -12.72 -27.97
O9P COA K . -31.24 -12.89 -28.51
N8P COA K . -29.49 -13.73 -27.38
C7P COA K . -30.03 -15.14 -27.34
C6P COA K . -30.16 -15.73 -25.90
C5P COA K . -30.74 -17.19 -25.91
O5P COA K . -31.96 -17.38 -25.90
N4P COA K . -29.81 -18.19 -25.94
C3P COA K . -30.16 -19.67 -25.95
C2P COA K . -29.37 -20.48 -27.01
S1P COA K . -27.56 -20.75 -26.62
N1A COA L . 33.10 16.60 20.82
C2A COA L . 31.79 16.21 20.78
N3A COA L . 30.72 16.95 20.78
C4A COA L . 31.04 18.25 20.83
C5A COA L . 32.28 18.84 20.89
C6A COA L . 33.38 17.94 20.88
N6A COA L . 34.67 18.32 20.93
N7A COA L . 32.15 20.23 20.93
C8A COA L . 30.84 20.45 20.91
N9A COA L . 30.14 19.29 20.84
C1B COA L . 28.73 18.97 20.81
C2B COA L . 27.89 19.82 21.72
O2B COA L . 27.86 19.27 23.06
C3B COA L . 26.49 19.79 21.08
O3B COA L . 25.63 18.68 21.51
P3B COA L . 24.13 18.53 20.93
O7A COA L . 24.20 18.40 19.45
O8A COA L . 23.32 19.64 21.45
O9A COA L . 23.52 17.29 21.47
C4B COA L . 26.89 19.74 19.58
O4B COA L . 28.25 19.23 19.54
C5B COA L . 26.86 21.06 18.84
O5B COA L . 28.14 21.77 18.85
P1A COA L . 28.13 23.37 19.14
O1A COA L . 28.98 23.72 20.29
O2A COA L . 26.74 23.83 19.35
O3A COA L . 28.72 24.01 17.82
P2A COA L . 30.02 24.97 17.55
O4A COA L . 30.07 26.13 18.47
O5A COA L . 30.12 25.40 16.15
O6A COA L . 31.15 23.90 17.93
CBP COA L . 33.57 24.26 18.70
CCP COA L . 32.07 24.33 19.04
CDP COA L . 33.95 22.84 18.28
CEP COA L . 33.97 25.22 17.58
CAP COA L . 34.37 24.63 19.99
OAP COA L . 33.99 23.77 21.09
C9P COA L . 35.89 24.40 19.79
O9P COA L . 36.34 23.30 19.41
N8P COA L . 36.71 25.39 20.05
C7P COA L . 38.17 25.27 19.90
C6P COA L . 38.94 26.57 20.20
C5P COA L . 40.38 26.37 19.76
O5P COA L . 40.92 25.28 19.86
N4P COA L . 41.08 27.33 19.25
C3P COA L . 42.45 26.92 18.87
C2P COA L . 42.67 27.13 17.42
S1P COA L . 42.93 28.94 17.27
C1 VIR M . 41.37 38.91 19.19
C10 VIR M . 46.44 36.29 19.05
C12 VIR M . 46.46 38.43 18.77
C13 VIR M . 47.04 34.96 19.13
C14 VIR M . 46.02 33.91 19.05
C16 VIR M . 45.57 33.49 17.69
C17 VIR M . 44.25 32.78 17.73
C19 VIR M . 43.09 33.59 17.23
C2 VIR M . 40.42 38.08 19.70
C20 VIR M . 41.93 33.67 17.80
C21 VIR M . 41.58 32.93 19.06
C22 VIR M . 40.97 34.56 17.17
C23 VIR M . 39.64 34.54 17.47
C24 VIR M . 38.67 35.53 16.84
C26 VIR M . 38.72 37.92 16.56
C28 VIR M . 38.92 39.08 17.63
C29 VIR M . 38.16 39.91 17.81
C3 VIR M . 41.06 36.75 20.05
C30 VIR M . 37.98 41.11 18.74
C31 VIR M . 37.35 40.74 20.11
C32 VIR M . 39.30 41.91 18.94
C33 VIR M . 39.03 43.00 19.97
C34 VIR M . 40.28 43.84 20.22
C35 VIR M . 37.93 43.94 19.43
C37 VIR M . 41.17 40.28 18.71
C4 VIR M . 42.52 36.87 19.64
C6 VIR M . 43.91 38.93 19.16
C8 VIR M . 45.16 38.03 19.05
N25 VIR M . 38.79 36.87 17.35
N5 VIR M . 42.68 38.28 19.13
N9 VIR M . 45.21 36.65 19.23
O11 VIR M . 47.26 37.33 18.79
O15 VIR M . 45.56 33.42 20.09
O18 VIR M . 44.37 31.60 16.88
O27 VIR M . 38.56 37.85 15.32
O36 VIR M . 40.34 41.01 19.54
O38 VIR M . 41.68 40.69 17.68
O7 VIR M . 44.05 40.13 19.26
N1A COA N . 34.78 8.12 31.33
C2A COA N . 33.79 7.18 31.18
N3A COA N . 33.49 6.21 31.99
C4A COA N . 34.29 6.19 33.09
C5A COA N . 35.32 7.03 33.41
C6A COA N . 35.57 8.08 32.44
N6A COA N . 36.54 8.98 32.59
N7A COA N . 35.88 6.66 34.63
C8A COA N . 35.16 5.60 35.02
N9A COA N . 34.21 5.29 34.12
C1B COA N . 33.19 4.27 34.02
C2B COA N . 33.72 2.88 34.23
O2B COA N . 34.25 2.32 33.00
C3B COA N . 32.51 2.07 34.75
O3B COA N . 31.71 1.45 33.69
P3B COA N . 30.41 0.56 34.06
O7A COA N . 29.46 1.39 34.86
O8A COA N . 30.88 -0.69 34.69
O9A COA N . 29.72 0.17 32.81
C4B COA N . 31.77 3.19 35.54
O4B COA N . 32.24 4.46 35.02
C5B COA N . 32.01 3.17 37.03
O5B COA N . 33.21 3.91 37.44
P1A COA N . 33.91 3.55 38.85
O1A COA N . 35.38 3.70 38.77
O2A COA N . 33.54 2.19 39.27
O3A COA N . 33.29 4.61 39.84
P2A COA N . 33.95 5.82 40.75
O4A COA N . 35.16 5.40 41.51
O5A COA N . 32.93 6.41 41.65
O6A COA N . 34.35 6.82 39.53
CBP COA N . 36.49 8.19 39.24
CCP COA N . 35.83 6.80 39.26
CDP COA N . 35.86 9.05 38.16
CEP COA N . 36.33 8.91 40.58
CAP COA N . 38.04 8.01 38.92
OAP COA N . 38.24 7.37 37.65
C9P COA N . 38.82 9.34 38.76
O9P COA N . 38.59 10.11 37.80
N8P COA N . 39.74 9.69 39.67
C7P COA N . 40.41 11.00 39.50
C6P COA N . 41.93 11.05 39.75
C5P COA N . 42.43 12.53 39.75
O5P COA N . 42.35 13.25 38.73
N4P COA N . 42.95 12.97 40.91
C3P COA N . 43.47 14.34 41.10
C2P COA N . 42.92 14.95 42.40
S1P COA N . 43.92 14.49 43.90
N1A COA O . 39.89 5.06 19.50
C2A COA O . 38.84 4.45 18.84
N3A COA O . 38.84 3.91 17.67
C4A COA O . 40.09 3.97 17.08
C5A COA O . 41.23 4.52 17.57
C6A COA O . 41.12 5.11 18.88
N6A COA O . 42.12 5.69 19.52
N7A COA O . 42.29 4.38 16.62
C8A COA O . 41.71 3.72 15.57
N9A COA O . 40.40 3.47 15.84
C1B COA O . 39.34 2.83 15.09
C2B COA O . 39.24 3.32 13.68
O2B COA O . 38.49 4.56 13.61
C3B COA O . 38.58 2.15 12.94
O3B COA O . 37.12 2.18 12.92
P3B COA O . 36.25 1.03 12.19
O7A COA O . 36.48 -0.28 12.85
O8A COA O . 36.63 0.93 10.77
O9A COA O . 34.80 1.36 12.28
C4B COA O . 39.17 0.95 13.71
O4B COA O . 39.61 1.47 15.00
C5B COA O . 40.39 0.29 13.07
O5B COA O . 41.65 0.94 13.40
P1A COA O . 42.92 0.70 12.42
O1A COA O . 43.67 1.97 12.24
O2A COA O . 42.47 0.23 11.09
O3A COA O . 43.76 -0.38 13.18
P2A COA O . 45.40 -0.67 13.31
O4A COA O . 46.10 0.01 12.19
O5A COA O . 45.64 -2.13 13.19
O6A COA O . 45.61 -0.04 14.78
CBP COA O . 46.95 1.81 15.96
CCP COA O . 46.11 1.39 14.71
CDP COA O . 46.13 1.67 17.23
CEP COA O . 48.19 0.91 16.10
CAP COA O . 47.46 3.30 15.84
OAP COA O . 46.34 4.19 15.71
C9P COA O . 48.28 3.75 17.11
O9P COA O . 47.69 4.17 18.13
N8P COA O . 49.61 3.67 17.07
C7P COA O . 50.49 4.08 18.23
C6P COA O . 51.44 5.27 17.93
C5P COA O . 52.31 5.65 19.17
O5P COA O . 51.97 6.56 19.93
N4P COA O . 53.46 4.91 19.34
C3P COA O . 54.44 5.13 20.48
C2P COA O . 55.27 3.86 20.82
S1P COA O . 56.88 3.70 19.88
#